data_1VKN
#
_entry.id   1VKN
#
_cell.length_a   85.098
_cell.length_b   92.103
_cell.length_c   100.880
_cell.angle_alpha   90.00
_cell.angle_beta   112.76
_cell.angle_gamma   90.00
#
_symmetry.space_group_name_H-M   'P 1 21 1'
#
loop_
_entity.id
_entity.type
_entity.pdbx_description
1 polymer 'N-acetyl-gamma-glutamyl-phosphate reductase'
2 water water
#
_entity_poly.entity_id   1
_entity_poly.type   'polypeptide(L)'
_entity_poly.pdbx_seq_one_letter_code
;MGSDKIHHHHHH(MSE)IRAGIIGATGYTGLELVRLLKNHPEAKITYLSSRTYAGKKLEEIFPSTLENSILSEFDPEKVS
KNCDVLFTALPAGASYDLVRELKGVKIIDLGADFRFDDPGVYREWYGKELSGYENIKRVYGLPELHREEIKNAQVVGNPG
CYPTSVILALAPALKHNLVDPETILVDAKSGVSGAGRKEKVDYLFSEVNESLRPYNVAKHRHVPE(MSE)EQELGKISGK
KVNVVFTPHLVP(MSE)TRGILSTIYVKTDKSLEEIHEAYLEFYKNEPFVHVLP(MSE)GIYPSTKWCYGSNHVFIG
(MSE)Q(MSE)EERTNTLIL(MSE)SAIDNLVKGASGQAVQN(MSE)NI(MSE)FGLDETKGLEFTPIYP
;
_entity_poly.pdbx_strand_id   A,B,C,D
#
# COMPACT_ATOMS: atom_id res chain seq x y z
N HIS A 12 -5.70 15.48 41.24
CA HIS A 12 -4.56 14.48 41.25
C HIS A 12 -4.60 13.64 39.98
N MSE A 13 -3.45 13.54 39.32
CA MSE A 13 -3.34 12.82 38.07
C MSE A 13 -3.14 11.34 38.41
O MSE A 13 -2.39 11.00 39.32
CB MSE A 13 -2.13 13.39 37.26
CG MSE A 13 -2.39 14.74 36.53
N ILE A 14 -3.85 10.44 37.72
CA ILE A 14 -3.59 9.03 37.83
C ILE A 14 -2.14 8.79 37.36
N ARG A 15 -1.38 8.04 38.13
CA ARG A 15 0.01 7.71 37.83
C ARG A 15 0.05 6.37 37.08
N ALA A 16 0.37 6.44 35.80
CA ALA A 16 0.30 5.26 34.93
C ALA A 16 1.66 4.75 34.53
N GLY A 17 1.79 3.41 34.58
CA GLY A 17 2.98 2.74 34.13
C GLY A 17 2.65 1.86 32.93
N ILE A 18 3.65 1.62 32.08
CA ILE A 18 3.51 0.72 30.92
C ILE A 18 4.67 -0.22 30.91
N ILE A 19 4.40 -1.51 31.03
CA ILE A 19 5.43 -2.56 30.83
C ILE A 19 5.32 -3.09 29.40
N GLY A 20 6.45 -3.05 28.66
CA GLY A 20 6.49 -3.34 27.23
C GLY A 20 6.10 -2.14 26.38
N ALA A 21 6.74 -1.00 26.66
CA ALA A 21 6.37 0.25 26.11
C ALA A 21 6.79 0.44 24.63
N THR A 22 7.64 -0.43 24.11
CA THR A 22 8.11 -0.23 22.74
C THR A 22 7.42 -1.10 21.66
N GLY A 23 6.39 -1.85 22.04
CA GLY A 23 5.53 -2.50 21.05
C GLY A 23 4.49 -1.49 20.60
N TYR A 24 3.80 -1.80 19.52
CA TYR A 24 2.82 -0.89 18.96
C TYR A 24 1.70 -0.57 19.93
N THR A 25 1.25 -1.55 20.71
CA THR A 25 0.21 -1.15 21.70
C THR A 25 0.80 -0.27 22.79
N GLY A 26 2.07 -0.45 23.14
CA GLY A 26 2.69 0.48 24.13
C GLY A 26 2.78 1.87 23.61
N LEU A 27 3.19 2.00 22.34
CA LEU A 27 3.31 3.29 21.73
C LEU A 27 1.97 4.00 21.72
N GLU A 28 0.91 3.28 21.40
CA GLU A 28 -0.43 3.93 21.43
C GLU A 28 -0.85 4.28 22.84
N LEU A 29 -0.52 3.48 23.86
CA LEU A 29 -0.80 3.96 25.23
C LEU A 29 0.00 5.19 25.52
N VAL A 30 1.23 5.28 25.06
CA VAL A 30 1.98 6.54 25.32
C VAL A 30 1.26 7.75 24.72
N ARG A 31 0.85 7.65 23.45
CA ARG A 31 0.13 8.72 22.74
C ARG A 31 -1.11 9.17 23.53
N LEU A 32 -1.92 8.18 23.88
CA LEU A 32 -3.19 8.42 24.58
C LEU A 32 -2.97 8.99 25.96
N LEU A 33 -2.03 8.46 26.73
CA LEU A 33 -1.81 8.93 28.07
C LEU A 33 -1.15 10.28 28.12
N LYS A 34 -0.25 10.61 27.21
CA LYS A 34 0.28 11.96 27.12
C LYS A 34 -0.83 12.95 26.95
N ASN A 35 -1.84 12.65 26.14
CA ASN A 35 -2.91 13.61 25.89
C ASN A 35 -3.99 13.65 26.99
N HIS A 36 -4.05 12.60 27.82
CA HIS A 36 -5.12 12.39 28.78
C HIS A 36 -4.97 13.47 29.83
N PRO A 37 -6.02 14.21 30.06
CA PRO A 37 -5.90 15.32 30.96
C PRO A 37 -5.86 14.97 32.44
N GLU A 38 -6.13 13.70 32.81
CA GLU A 38 -6.16 13.28 34.19
C GLU A 38 -5.27 12.14 34.54
N ALA A 39 -4.25 11.91 33.71
CA ALA A 39 -3.30 10.85 33.93
C ALA A 39 -1.94 11.31 33.45
N LYS A 40 -0.91 10.73 34.02
CA LYS A 40 0.43 10.94 33.49
C LYS A 40 1.24 9.67 33.56
N ILE A 41 2.20 9.57 32.66
CA ILE A 41 3.12 8.45 32.64
C ILE A 41 4.22 8.66 33.70
N THR A 42 4.30 7.75 34.63
CA THR A 42 5.34 7.74 35.65
C THR A 42 6.31 6.55 35.51
N TYR A 43 6.04 5.61 34.63
CA TYR A 43 6.93 4.47 34.45
C TYR A 43 6.82 3.77 33.08
N LEU A 44 7.97 3.47 32.43
CA LEU A 44 7.99 2.75 31.19
C LEU A 44 9.06 1.74 31.28
N SER A 45 8.81 0.53 30.82
CA SER A 45 9.88 -0.45 30.80
C SER A 45 9.99 -1.13 29.47
N SER A 46 11.19 -1.64 29.20
CA SER A 46 11.46 -2.46 28.01
C SER A 46 12.71 -3.29 28.32
N ARG A 47 12.73 -4.57 27.93
CA ARG A 47 13.95 -5.34 28.19
C ARG A 47 15.01 -5.01 27.17
N THR A 48 14.61 -5.11 25.90
CA THR A 48 15.51 -4.79 24.79
C THR A 48 16.11 -3.41 24.87
N TYR A 49 15.29 -2.41 25.13
CA TYR A 49 15.73 -1.00 25.08
C TYR A 49 15.90 -0.27 26.40
N ALA A 50 15.98 -1.02 27.50
CA ALA A 50 16.21 -0.40 28.81
C ALA A 50 17.39 0.50 28.75
N GLY A 51 17.28 1.70 29.31
CA GLY A 51 18.39 2.60 29.29
C GLY A 51 18.26 3.69 28.27
N LYS A 52 17.45 3.46 27.24
CA LYS A 52 17.26 4.47 26.21
C LYS A 52 16.01 5.27 26.46
N LYS A 53 16.02 6.49 25.94
CA LYS A 53 14.81 7.31 25.93
C LYS A 53 13.89 6.70 24.89
N LEU A 54 12.60 6.66 25.15
CA LEU A 54 11.69 6.07 24.17
C LEU A 54 11.83 6.77 22.79
N GLU A 55 11.94 8.10 22.77
CA GLU A 55 12.11 8.81 21.49
C GLU A 55 13.42 8.54 20.76
N GLU A 56 14.40 7.91 21.40
CA GLU A 56 15.58 7.41 20.66
C GLU A 56 15.24 6.17 19.85
N ILE A 57 14.27 5.38 20.28
CA ILE A 57 13.86 4.15 19.56
C ILE A 57 12.79 4.51 18.54
N PHE A 58 11.87 5.36 18.97
CA PHE A 58 10.71 5.81 18.14
C PHE A 58 10.56 7.34 18.24
N PRO A 59 11.24 8.07 17.38
CA PRO A 59 11.21 9.55 17.50
C PRO A 59 9.81 10.13 17.41
N SER A 60 8.89 9.38 16.80
CA SER A 60 7.49 9.81 16.62
C SER A 60 6.73 9.96 17.94
N THR A 61 7.23 9.31 18.97
CA THR A 61 6.58 9.33 20.29
C THR A 61 6.74 10.68 20.97
N LEU A 62 7.80 11.41 20.62
CA LEU A 62 8.18 12.64 21.30
C LEU A 62 8.27 12.46 22.83
N GLU A 63 8.68 11.29 23.28
CA GLU A 63 8.69 10.97 24.70
C GLU A 63 10.11 10.88 25.20
N ASN A 64 10.55 11.80 26.07
CA ASN A 64 11.96 11.82 26.47
C ASN A 64 12.28 10.92 27.69
N SER A 65 11.27 10.27 28.24
CA SER A 65 11.41 9.36 29.39
C SER A 65 12.34 8.22 29.07
N ILE A 66 13.22 7.88 30.00
CA ILE A 66 14.14 6.73 29.89
C ILE A 66 13.36 5.44 30.11
N LEU A 67 13.60 4.43 29.29
CA LEU A 67 13.03 3.09 29.51
C LEU A 67 13.71 2.36 30.71
N SER A 68 12.90 1.87 31.65
CA SER A 68 13.40 1.26 32.88
C SER A 68 13.58 -0.22 32.62
N GLU A 69 14.47 -0.84 33.43
CA GLU A 69 14.51 -2.29 33.50
C GLU A 69 13.49 -2.64 34.60
N PHE A 70 12.47 -3.42 34.28
CA PHE A 70 11.36 -3.68 35.22
C PHE A 70 11.82 -4.04 36.64
N ASP A 71 11.27 -3.35 37.63
CA ASP A 71 11.50 -3.57 39.06
C ASP A 71 10.15 -3.38 39.77
N PRO A 72 9.57 -4.44 40.32
CA PRO A 72 8.25 -4.35 40.92
C PRO A 72 8.14 -3.36 42.09
N GLU A 73 9.16 -3.17 42.92
CA GLU A 73 9.07 -2.17 44.01
C GLU A 73 8.96 -0.76 43.46
N LYS A 74 9.71 -0.48 42.39
CA LYS A 74 9.63 0.84 41.75
C LYS A 74 8.23 1.09 41.17
N VAL A 75 7.66 0.08 40.54
CA VAL A 75 6.29 0.20 40.00
C VAL A 75 5.29 0.48 41.14
N SER A 76 5.38 -0.32 42.20
CA SER A 76 4.45 -0.17 43.34
C SER A 76 4.57 1.21 43.96
N LYS A 77 5.78 1.76 43.97
CA LYS A 77 5.98 3.07 44.56
C LYS A 77 5.52 4.20 43.64
N ASN A 78 5.61 3.99 42.33
CA ASN A 78 5.42 5.09 41.36
C ASN A 78 4.14 5.08 40.57
N CYS A 79 3.32 4.03 40.71
CA CYS A 79 2.15 3.85 39.85
C CYS A 79 0.89 3.49 40.58
N ASP A 80 -0.22 4.07 40.11
CA ASP A 80 -1.57 3.74 40.56
C ASP A 80 -2.20 2.62 39.70
N VAL A 81 -1.74 2.53 38.45
CA VAL A 81 -2.27 1.61 37.47
C VAL A 81 -1.11 1.21 36.55
N LEU A 82 -1.15 -0.03 36.06
CA LEU A 82 -0.11 -0.50 35.24
C LEU A 82 -0.69 -1.25 34.04
N PHE A 83 -0.27 -0.87 32.83
CA PHE A 83 -0.68 -1.54 31.60
C PHE A 83 0.45 -2.50 31.27
N THR A 84 0.12 -3.77 30.99
CA THR A 84 1.12 -4.74 30.62
C THR A 84 0.87 -5.20 29.20
N ALA A 85 1.91 -5.07 28.40
CA ALA A 85 1.91 -5.61 27.04
C ALA A 85 3.12 -6.50 26.83
N LEU A 86 2.92 -7.79 27.09
CA LEU A 86 4.00 -8.75 27.30
C LEU A 86 3.60 -10.08 26.63
N PRO A 87 4.57 -10.98 26.40
CA PRO A 87 4.25 -12.31 25.90
C PRO A 87 3.29 -13.03 26.83
N ALA A 88 2.47 -13.90 26.25
CA ALA A 88 1.47 -14.63 27.03
C ALA A 88 2.10 -15.24 28.29
N GLY A 89 1.40 -15.09 29.40
CA GLY A 89 1.84 -15.64 30.69
C GLY A 89 2.75 -14.75 31.55
N ALA A 90 3.50 -13.86 30.92
CA ALA A 90 4.41 -12.95 31.66
C ALA A 90 3.72 -11.95 32.57
N SER A 91 2.60 -11.39 32.12
CA SER A 91 1.88 -10.46 33.00
C SER A 91 1.36 -11.17 34.26
N TYR A 92 0.84 -12.38 34.09
CA TYR A 92 0.33 -13.12 35.23
C TYR A 92 1.37 -13.27 36.35
N ASP A 93 2.56 -13.65 35.95
CA ASP A 93 3.70 -13.81 36.85
C ASP A 93 4.16 -12.49 37.48
N LEU A 94 4.31 -11.43 36.69
CA LEU A 94 4.87 -10.21 37.22
C LEU A 94 3.90 -9.50 38.13
N VAL A 95 2.61 -9.69 37.91
CA VAL A 95 1.58 -9.01 38.68
C VAL A 95 1.52 -9.46 40.14
N ARG A 96 1.79 -10.74 40.38
CA ARG A 96 1.82 -11.27 41.77
C ARG A 96 2.66 -10.46 42.76
N GLU A 97 3.78 -9.90 42.32
CA GLU A 97 4.69 -9.18 43.18
C GLU A 97 4.25 -7.76 43.50
N LEU A 98 3.24 -7.21 42.82
CA LEU A 98 2.96 -5.77 42.95
C LEU A 98 2.06 -5.50 44.15
N LYS A 99 2.15 -4.31 44.73
CA LYS A 99 1.30 -3.93 45.86
C LYS A 99 0.58 -2.60 45.59
N GLY A 100 -0.74 -2.62 45.70
CA GLY A 100 -1.56 -1.42 45.57
C GLY A 100 -1.59 -0.75 44.19
N VAL A 101 -1.48 -1.57 43.15
CA VAL A 101 -1.49 -1.11 41.76
C VAL A 101 -2.62 -1.85 41.03
N LYS A 102 -3.52 -1.10 40.40
CA LYS A 102 -4.53 -1.71 39.53
C LYS A 102 -3.83 -2.14 38.23
N ILE A 103 -4.28 -3.26 37.67
CA ILE A 103 -3.64 -3.88 36.47
C ILE A 103 -4.60 -3.94 35.28
N ILE A 104 -4.14 -3.45 34.11
CA ILE A 104 -4.89 -3.56 32.87
C ILE A 104 -3.95 -4.31 31.95
N ASP A 105 -4.23 -5.59 31.74
CA ASP A 105 -3.35 -6.41 30.94
C ASP A 105 -3.86 -6.51 29.52
N LEU A 106 -3.00 -6.20 28.53
CA LEU A 106 -3.43 -6.13 27.15
C LEU A 106 -3.39 -7.51 26.48
N GLY A 107 -2.67 -8.43 27.09
CA GLY A 107 -2.69 -9.83 26.64
C GLY A 107 -3.89 -10.60 27.17
N ALA A 108 -3.79 -11.93 27.12
CA ALA A 108 -4.92 -12.82 27.44
C ALA A 108 -4.95 -13.41 28.87
N ASP A 109 -3.98 -13.03 29.71
CA ASP A 109 -3.75 -13.68 31.02
C ASP A 109 -4.93 -13.65 31.98
N PHE A 110 -5.72 -12.59 31.91
CA PHE A 110 -6.85 -12.36 32.80
C PHE A 110 -8.19 -12.24 32.02
N ARG A 111 -8.23 -12.66 30.76
CA ARG A 111 -9.45 -12.50 29.96
C ARG A 111 -10.51 -13.56 30.30
N PHE A 112 -10.04 -14.75 30.66
CA PHE A 112 -10.93 -15.91 30.77
C PHE A 112 -11.54 -16.11 32.14
N ASP A 113 -12.84 -16.39 32.15
CA ASP A 113 -13.53 -16.70 33.40
C ASP A 113 -13.01 -18.00 34.00
N ASP A 114 -12.80 -18.98 33.14
CA ASP A 114 -12.34 -20.30 33.51
C ASP A 114 -10.89 -20.47 33.12
N PRO A 115 -9.97 -20.55 34.10
CA PRO A 115 -8.53 -20.64 33.82
C PRO A 115 -8.14 -21.92 33.09
N GLY A 116 -9.00 -22.94 33.13
CA GLY A 116 -8.79 -24.19 32.37
C GLY A 116 -8.86 -23.96 30.87
N VAL A 117 -9.71 -23.02 30.45
CA VAL A 117 -9.81 -22.70 29.00
C VAL A 117 -8.53 -21.94 28.56
N TYR A 118 -8.09 -20.96 29.35
CA TYR A 118 -6.83 -20.26 29.07
C TYR A 118 -5.71 -21.29 28.92
N ARG A 119 -5.66 -22.22 29.84
CA ARG A 119 -4.61 -23.22 29.82
C ARG A 119 -4.65 -24.11 28.58
N GLU A 120 -5.83 -24.59 28.22
CA GLU A 120 -6.00 -25.31 26.97
C GLU A 120 -5.49 -24.51 25.78
N TRP A 121 -5.79 -23.22 25.71
CA TRP A 121 -5.45 -22.48 24.50
C TRP A 121 -4.09 -21.79 24.51
N TYR A 122 -3.60 -21.42 25.70
CA TYR A 122 -2.33 -20.68 25.82
C TYR A 122 -1.19 -21.49 26.48
N GLY A 123 -1.50 -22.65 27.06
CA GLY A 123 -0.47 -23.59 27.54
C GLY A 123 0.26 -23.15 28.80
N LYS A 124 -0.45 -22.51 29.72
CA LYS A 124 0.11 -22.18 31.01
C LYS A 124 -0.98 -22.29 32.05
N GLU A 125 -0.64 -22.86 33.20
CA GLU A 125 -1.56 -22.90 34.32
C GLU A 125 -1.57 -21.56 35.04
N LEU A 126 -2.75 -21.07 35.38
CA LEU A 126 -2.86 -19.85 36.16
C LEU A 126 -3.18 -20.20 37.62
N SER A 127 -2.15 -20.59 38.34
CA SER A 127 -2.33 -21.01 39.74
C SER A 127 -2.82 -19.85 40.57
N GLY A 128 -3.77 -20.09 41.46
CA GLY A 128 -4.24 -19.04 42.37
C GLY A 128 -5.22 -18.05 41.76
N TYR A 129 -5.75 -18.37 40.58
CA TYR A 129 -6.68 -17.50 39.83
C TYR A 129 -7.90 -17.13 40.66
N GLU A 130 -8.36 -18.12 41.44
CA GLU A 130 -9.54 -17.96 42.26
C GLU A 130 -9.39 -16.79 43.24
N ASN A 131 -8.15 -16.41 43.56
CA ASN A 131 -7.91 -15.26 44.43
C ASN A 131 -7.85 -13.90 43.78
N ILE A 132 -7.91 -13.88 42.45
CA ILE A 132 -7.77 -12.65 41.70
C ILE A 132 -9.14 -12.17 41.22
N LYS A 133 -9.53 -10.97 41.64
CA LYS A 133 -10.75 -10.31 41.18
C LYS A 133 -10.49 -9.65 39.81
N ARG A 134 -10.62 -10.49 38.76
CA ARG A 134 -10.45 -10.02 37.39
C ARG A 134 -11.78 -9.93 36.63
N VAL A 135 -11.79 -9.14 35.58
CA VAL A 135 -12.96 -8.86 34.78
C VAL A 135 -12.50 -8.72 33.32
N TYR A 136 -13.33 -9.19 32.39
CA TYR A 136 -13.15 -8.96 30.95
C TYR A 136 -13.46 -7.48 30.61
N GLY A 137 -12.45 -6.76 30.14
CA GLY A 137 -12.55 -5.34 29.93
C GLY A 137 -13.30 -4.77 28.73
N LEU A 138 -14.57 -5.16 28.59
CA LEU A 138 -15.40 -4.65 27.52
C LEU A 138 -16.46 -3.75 28.13
N PRO A 139 -16.20 -2.45 28.14
CA PRO A 139 -17.02 -1.51 28.95
C PRO A 139 -18.51 -1.53 28.59
N GLU A 140 -18.78 -1.63 27.30
CA GLU A 140 -20.14 -1.70 26.81
C GLU A 140 -20.92 -2.93 27.30
N LEU A 141 -20.24 -3.96 27.79
CA LEU A 141 -20.92 -5.08 28.45
C LEU A 141 -20.68 -5.12 29.98
N HIS A 142 -19.52 -4.68 30.46
CA HIS A 142 -19.10 -4.99 31.84
C HIS A 142 -18.72 -3.80 32.70
N ARG A 143 -19.10 -2.60 32.32
CA ARG A 143 -18.60 -1.42 33.05
C ARG A 143 -18.95 -1.45 34.55
N GLU A 144 -20.08 -2.03 34.89
CA GLU A 144 -20.46 -2.05 36.29
C GLU A 144 -19.49 -2.89 37.11
N GLU A 145 -19.00 -3.99 36.57
CA GLU A 145 -18.00 -4.82 37.23
C GLU A 145 -16.59 -4.21 37.11
N ILE A 146 -16.29 -3.50 36.01
CA ILE A 146 -14.96 -2.95 35.80
C ILE A 146 -14.70 -1.89 36.86
N LYS A 147 -15.74 -1.15 37.16
CA LYS A 147 -15.66 -0.11 38.22
C LYS A 147 -14.97 -0.61 39.47
N ASN A 148 -15.20 -1.86 39.83
CA ASN A 148 -14.70 -2.32 41.13
C ASN A 148 -13.56 -3.26 41.03
N ALA A 149 -13.12 -3.53 39.82
CA ALA A 149 -12.07 -4.50 39.56
C ALA A 149 -10.71 -3.98 39.95
N GLN A 150 -9.86 -4.95 40.30
CA GLN A 150 -8.45 -4.66 40.55
C GLN A 150 -7.58 -5.04 39.38
N VAL A 151 -8.01 -6.03 38.60
CA VAL A 151 -7.34 -6.51 37.46
C VAL A 151 -8.36 -6.65 36.30
N VAL A 152 -8.03 -6.03 35.18
CA VAL A 152 -8.83 -6.10 33.99
C VAL A 152 -8.05 -6.83 32.92
N GLY A 153 -8.68 -7.87 32.37
CA GLY A 153 -8.15 -8.54 31.18
C GLY A 153 -8.70 -7.82 29.96
N ASN A 154 -7.86 -7.05 29.28
CA ASN A 154 -8.33 -6.24 28.14
C ASN A 154 -8.61 -7.16 26.97
N PRO A 155 -9.79 -7.04 26.37
CA PRO A 155 -10.19 -7.91 25.27
C PRO A 155 -9.23 -7.92 24.09
N GLY A 156 -9.19 -9.04 23.37
CA GLY A 156 -8.58 -9.13 22.03
C GLY A 156 -9.26 -8.23 21.00
N CYS A 157 -8.60 -8.01 19.88
CA CYS A 157 -9.14 -7.08 18.91
C CYS A 157 -10.32 -7.63 18.12
N TYR A 158 -10.19 -8.85 17.61
CA TYR A 158 -11.34 -9.49 16.95
C TYR A 158 -12.55 -9.66 17.87
N PRO A 159 -12.38 -10.18 19.11
CA PRO A 159 -13.50 -10.29 20.02
C PRO A 159 -14.21 -8.96 20.24
N THR A 160 -13.48 -7.88 20.38
CA THR A 160 -14.11 -6.55 20.55
C THR A 160 -15.08 -6.21 19.40
N SER A 161 -14.60 -6.35 18.18
CA SER A 161 -15.40 -6.08 16.98
C SER A 161 -16.64 -7.00 16.91
N VAL A 162 -16.43 -8.28 17.18
CA VAL A 162 -17.51 -9.30 17.09
C VAL A 162 -18.59 -9.16 18.19
N ILE A 163 -18.17 -8.99 19.43
CA ILE A 163 -19.08 -8.97 20.56
C ILE A 163 -19.92 -7.71 20.42
N LEU A 164 -19.29 -6.61 20.03
CA LEU A 164 -20.02 -5.36 19.84
C LEU A 164 -21.03 -5.49 18.67
N ALA A 165 -20.66 -6.24 17.64
CA ALA A 165 -21.53 -6.50 16.48
C ALA A 165 -22.78 -7.28 16.87
N LEU A 166 -22.66 -8.15 17.86
CA LEU A 166 -23.68 -9.14 18.15
C LEU A 166 -24.48 -8.89 19.42
N ALA A 167 -24.02 -8.00 20.30
CA ALA A 167 -24.59 -7.95 21.60
C ALA A 167 -26.08 -7.67 21.62
N PRO A 168 -26.56 -6.68 20.88
CA PRO A 168 -27.98 -6.36 20.98
C PRO A 168 -28.83 -7.50 20.48
N ALA A 169 -28.36 -8.16 19.42
CA ALA A 169 -29.08 -9.32 18.87
C ALA A 169 -29.20 -10.43 19.88
N LEU A 170 -28.11 -10.75 20.55
CA LEU A 170 -28.12 -11.88 21.49
C LEU A 170 -28.83 -11.52 22.80
N LYS A 171 -28.62 -10.32 23.30
CA LYS A 171 -29.34 -9.87 24.47
C LYS A 171 -30.87 -10.03 24.31
N HIS A 172 -31.38 -9.72 23.13
CA HIS A 172 -32.83 -9.68 22.92
C HIS A 172 -33.38 -10.88 22.13
N ASN A 173 -32.59 -11.95 22.08
CA ASN A 173 -32.89 -13.16 21.30
C ASN A 173 -33.52 -12.86 19.94
N LEU A 174 -32.86 -12.02 19.14
CA LEU A 174 -33.37 -11.62 17.84
C LEU A 174 -32.73 -12.50 16.75
N VAL A 175 -31.82 -13.38 17.11
CA VAL A 175 -31.18 -14.26 16.13
C VAL A 175 -31.02 -15.63 16.74
N ASP A 176 -30.64 -16.60 15.93
CA ASP A 176 -30.35 -17.97 16.34
C ASP A 176 -28.87 -18.13 16.60
N PRO A 177 -28.47 -18.15 17.86
CA PRO A 177 -27.05 -18.01 18.19
C PRO A 177 -26.26 -19.30 18.16
N GLU A 178 -26.89 -20.41 17.79
CA GLU A 178 -26.26 -21.72 17.99
C GLU A 178 -24.97 -21.88 17.17
N THR A 179 -25.07 -21.53 15.88
CA THR A 179 -23.92 -21.40 14.99
C THR A 179 -23.84 -19.98 14.38
N ILE A 180 -22.69 -19.32 14.57
CA ILE A 180 -22.45 -17.98 14.07
C ILE A 180 -21.22 -18.05 13.22
N LEU A 181 -21.28 -17.48 12.01
CA LEU A 181 -20.10 -17.42 11.11
C LEU A 181 -19.45 -16.06 11.15
N VAL A 182 -18.14 -16.05 11.36
CA VAL A 182 -17.39 -14.80 11.45
C VAL A 182 -16.25 -14.82 10.45
N ASP A 183 -16.36 -13.98 9.45
CA ASP A 183 -15.28 -13.81 8.45
C ASP A 183 -14.66 -12.47 8.67
N ALA A 184 -13.43 -12.49 9.18
CA ALA A 184 -12.85 -11.27 9.75
C ALA A 184 -11.63 -10.84 8.97
N LYS A 185 -11.47 -9.52 8.81
CA LYS A 185 -10.39 -8.97 7.97
C LYS A 185 -9.59 -7.97 8.77
N SER A 186 -8.30 -8.20 8.95
CA SER A 186 -7.47 -7.30 9.80
C SER A 186 -6.25 -6.77 9.07
N GLY A 187 -5.93 -5.50 9.31
CA GLY A 187 -4.60 -5.00 8.93
C GLY A 187 -3.50 -5.75 9.68
N VAL A 188 -2.27 -5.60 9.23
CA VAL A 188 -1.14 -6.37 9.71
C VAL A 188 -0.86 -6.21 11.20
N SER A 189 -1.01 -5.00 11.74
CA SER A 189 -0.77 -4.80 13.15
C SER A 189 -1.70 -5.66 14.05
N GLY A 190 -2.82 -6.12 13.50
CA GLY A 190 -3.84 -6.87 14.24
C GLY A 190 -3.45 -8.32 14.51
N ALA A 191 -2.53 -8.86 13.72
CA ALA A 191 -1.97 -10.18 14.01
C ALA A 191 -1.03 -10.17 15.24
N GLY A 192 -0.68 -8.98 15.75
CA GLY A 192 0.17 -8.88 16.95
C GLY A 192 1.65 -8.88 16.66
N ARG A 193 2.47 -9.05 17.70
CA ARG A 193 3.94 -8.98 17.58
C ARG A 193 4.50 -10.18 16.78
N LYS A 194 4.82 -9.89 15.51
CA LYS A 194 5.26 -10.90 14.53
C LYS A 194 6.32 -10.28 13.59
N GLU A 195 7.54 -10.78 13.74
CA GLU A 195 8.72 -10.22 13.11
C GLU A 195 9.41 -11.27 12.21
N LYS A 196 8.74 -12.38 11.91
CA LYS A 196 9.29 -13.39 11.00
C LYS A 196 8.99 -13.05 9.52
N VAL A 197 9.64 -13.79 8.61
CA VAL A 197 9.58 -13.56 7.14
C VAL A 197 8.18 -13.25 6.57
N ASP A 198 7.16 -13.94 7.07
CA ASP A 198 5.83 -13.77 6.50
C ASP A 198 5.23 -12.40 6.76
N TYR A 199 5.87 -11.59 7.63
CA TYR A 199 5.31 -10.28 8.01
C TYR A 199 6.16 -9.16 7.44
N LEU A 200 7.01 -9.53 6.52
CA LEU A 200 7.84 -8.61 5.78
C LEU A 200 6.99 -7.89 4.80
N PHE A 201 7.38 -6.65 4.53
CA PHE A 201 6.60 -5.80 3.64
C PHE A 201 6.43 -6.51 2.31
N SER A 202 7.51 -7.05 1.74
CA SER A 202 7.46 -7.63 0.43
C SER A 202 6.58 -8.85 0.33
N GLU A 203 6.31 -9.54 1.43
CA GLU A 203 5.43 -10.73 1.42
C GLU A 203 3.98 -10.35 1.50
N VAL A 204 3.66 -9.36 2.32
CA VAL A 204 2.29 -9.03 2.66
C VAL A 204 1.71 -8.01 1.71
N ASN A 205 2.55 -7.12 1.21
CA ASN A 205 2.10 -6.06 0.36
C ASN A 205 1.38 -6.63 -0.85
N GLU A 206 0.25 -6.03 -1.20
CA GLU A 206 -0.48 -6.36 -2.42
C GLU A 206 -1.01 -7.81 -2.43
N SER A 207 -1.26 -8.38 -1.24
CA SER A 207 -1.70 -9.77 -1.10
C SER A 207 -2.67 -9.82 0.09
N LEU A 208 -3.68 -10.67 -0.05
CA LEU A 208 -4.55 -11.04 1.03
C LEU A 208 -4.49 -12.53 1.24
N ARG A 209 -4.51 -12.95 2.51
CA ARG A 209 -4.50 -14.37 2.85
C ARG A 209 -5.30 -14.70 4.11
N PRO A 210 -6.02 -15.84 4.11
CA PRO A 210 -6.58 -16.42 5.34
C PRO A 210 -5.46 -16.97 6.19
N TYR A 211 -5.64 -17.00 7.50
CA TYR A 211 -4.65 -17.64 8.37
C TYR A 211 -5.36 -18.18 9.61
N ASN A 212 -4.78 -19.19 10.26
CA ASN A 212 -5.33 -19.79 11.50
C ASN A 212 -6.83 -20.03 11.43
N VAL A 213 -7.26 -20.56 10.30
CA VAL A 213 -8.66 -20.74 9.98
C VAL A 213 -9.29 -21.72 10.98
N ALA A 214 -10.39 -21.33 11.60
CA ALA A 214 -11.12 -22.21 12.55
C ALA A 214 -10.44 -22.52 13.88
N LYS A 215 -9.11 -22.44 13.97
CA LYS A 215 -8.39 -22.60 15.25
C LYS A 215 -7.54 -21.37 15.57
N HIS A 216 -8.16 -20.41 16.21
CA HIS A 216 -7.55 -19.17 16.60
C HIS A 216 -7.93 -18.96 18.07
N ARG A 217 -6.95 -18.55 18.86
CA ARG A 217 -7.11 -18.36 20.32
C ARG A 217 -8.21 -17.39 20.67
N HIS A 218 -8.61 -16.54 19.73
CA HIS A 218 -9.71 -15.64 19.96
C HIS A 218 -11.08 -16.30 19.98
N VAL A 219 -11.22 -17.46 19.37
CA VAL A 219 -12.51 -18.14 19.34
C VAL A 219 -13.12 -18.48 20.70
N PRO A 220 -12.44 -19.20 21.60
CA PRO A 220 -12.99 -19.43 22.95
C PRO A 220 -13.27 -18.14 23.74
N GLU A 221 -12.47 -17.11 23.48
CA GLU A 221 -12.74 -15.81 24.07
C GLU A 221 -14.09 -15.22 23.58
N MSE A 222 -14.31 -15.11 22.29
CA MSE A 222 -15.61 -14.66 21.75
C MSE A 222 -16.74 -15.49 22.31
O MSE A 222 -17.77 -14.97 22.75
CB MSE A 222 -15.65 -14.84 20.23
CG MSE A 222 -14.82 -13.93 19.51
SE MSE A 222 -14.78 -14.48 17.59
CE MSE A 222 -13.22 -13.67 17.28
N GLU A 223 -16.57 -16.81 22.24
CA GLU A 223 -17.59 -17.73 22.68
C GLU A 223 -17.99 -17.54 24.15
N GLN A 224 -16.99 -17.25 24.99
CA GLN A 224 -17.24 -17.02 26.40
C GLN A 224 -18.23 -15.88 26.54
N GLU A 225 -17.93 -14.79 25.85
CA GLU A 225 -18.72 -13.55 25.99
C GLU A 225 -20.06 -13.62 25.28
N LEU A 226 -20.08 -14.25 24.12
CA LEU A 226 -21.30 -14.41 23.37
C LEU A 226 -22.27 -15.33 24.11
N GLY A 227 -21.74 -16.43 24.65
CA GLY A 227 -22.57 -17.35 25.43
C GLY A 227 -23.13 -16.73 26.69
N LYS A 228 -22.33 -15.91 27.34
CA LYS A 228 -22.78 -15.16 28.49
C LYS A 228 -23.99 -14.31 28.19
N ILE A 229 -23.97 -13.64 27.04
CA ILE A 229 -25.07 -12.74 26.61
C ILE A 229 -26.32 -13.51 26.28
N SER A 230 -26.17 -14.55 25.45
CA SER A 230 -27.30 -15.33 25.04
C SER A 230 -27.86 -16.32 26.10
N GLY A 231 -27.04 -16.81 27.03
CA GLY A 231 -27.48 -17.82 27.98
C GLY A 231 -27.42 -19.25 27.46
N LYS A 232 -26.78 -19.39 26.31
CA LYS A 232 -26.76 -20.63 25.54
C LYS A 232 -25.34 -20.76 25.00
N LYS A 233 -24.94 -21.99 24.75
CA LYS A 233 -23.66 -22.27 24.14
C LYS A 233 -23.67 -21.67 22.72
N VAL A 234 -22.63 -20.89 22.39
CA VAL A 234 -22.46 -20.33 21.07
C VAL A 234 -21.22 -20.95 20.43
N ASN A 235 -21.36 -21.66 19.30
CA ASN A 235 -20.20 -22.14 18.52
C ASN A 235 -19.97 -21.22 17.33
N VAL A 236 -18.80 -20.58 17.30
CA VAL A 236 -18.43 -19.61 16.30
C VAL A 236 -17.60 -20.35 15.27
N VAL A 237 -17.88 -20.12 13.98
CA VAL A 237 -16.97 -20.50 12.90
C VAL A 237 -16.20 -19.22 12.47
N PHE A 238 -14.90 -19.22 12.68
CA PHE A 238 -14.10 -17.98 12.60
C PHE A 238 -12.99 -18.13 11.59
N THR A 239 -12.98 -17.26 10.58
CA THR A 239 -11.88 -17.20 9.63
C THR A 239 -11.27 -15.80 9.56
N PRO A 240 -10.05 -15.61 10.07
CA PRO A 240 -9.36 -14.32 9.91
C PRO A 240 -8.51 -14.25 8.67
N HIS A 241 -8.40 -13.05 8.15
CA HIS A 241 -7.65 -12.76 6.94
C HIS A 241 -6.75 -11.58 7.18
N LEU A 242 -5.53 -11.70 6.68
CA LEU A 242 -4.52 -10.64 6.77
C LEU A 242 -4.58 -9.72 5.55
N VAL A 243 -4.90 -8.45 5.77
CA VAL A 243 -5.17 -7.47 4.73
C VAL A 243 -3.93 -6.57 4.58
N PRO A 244 -3.55 -6.13 3.38
CA PRO A 244 -2.34 -5.32 3.22
C PRO A 244 -2.61 -3.85 3.51
N MSE A 245 -2.79 -3.57 4.80
CA MSE A 245 -2.94 -2.25 5.33
C MSE A 245 -2.45 -2.39 6.78
O MSE A 245 -2.40 -3.50 7.30
CB MSE A 245 -4.37 -1.77 5.27
CG MSE A 245 -5.35 -2.57 6.10
SE MSE A 245 -7.22 -2.02 5.70
CE MSE A 245 -8.10 -3.05 7.08
N THR A 246 -2.07 -1.30 7.40
CA THR A 246 -1.49 -1.40 8.70
C THR A 246 -2.50 -1.70 9.77
N ARG A 247 -3.60 -0.95 9.77
CA ARG A 247 -4.58 -1.10 10.79
C ARG A 247 -6.01 -1.21 10.27
N GLY A 248 -6.87 -1.66 11.17
CA GLY A 248 -8.29 -1.71 10.96
C GLY A 248 -8.76 -3.15 10.98
N ILE A 249 -9.95 -3.38 11.55
CA ILE A 249 -10.58 -4.70 11.48
C ILE A 249 -11.99 -4.49 10.92
N LEU A 250 -12.36 -5.29 9.95
CA LEU A 250 -13.80 -5.44 9.58
C LEU A 250 -14.19 -6.88 9.85
N SER A 251 -15.20 -7.06 10.71
CA SER A 251 -15.75 -8.40 10.96
C SER A 251 -17.10 -8.49 10.28
N THR A 252 -17.23 -9.44 9.38
CA THR A 252 -18.51 -9.68 8.70
C THR A 252 -19.14 -10.90 9.31
N ILE A 253 -20.33 -10.68 9.89
CA ILE A 253 -20.92 -11.71 10.70
C ILE A 253 -22.26 -12.14 10.10
N TYR A 254 -22.40 -13.46 10.05
CA TYR A 254 -23.55 -14.16 9.45
C TYR A 254 -24.26 -15.03 10.46
N VAL A 255 -25.55 -14.76 10.61
CA VAL A 255 -26.36 -15.48 11.56
C VAL A 255 -27.82 -15.54 11.04
N LYS A 256 -28.47 -16.65 11.33
CA LYS A 256 -29.90 -16.80 10.98
C LYS A 256 -30.80 -16.01 11.93
N THR A 257 -31.87 -15.45 11.37
CA THR A 257 -32.87 -14.77 12.15
C THR A 257 -34.26 -14.96 11.53
N ASP A 258 -35.30 -14.93 12.37
CA ASP A 258 -36.64 -14.88 11.83
C ASP A 258 -37.27 -13.48 12.01
N LYS A 259 -36.45 -12.50 12.43
CA LYS A 259 -36.92 -11.13 12.60
C LYS A 259 -36.68 -10.30 11.34
N SER A 260 -37.38 -9.16 11.27
CA SER A 260 -37.16 -8.17 10.19
C SER A 260 -35.91 -7.34 10.44
N LEU A 261 -35.24 -6.92 9.36
CA LEU A 261 -34.10 -6.01 9.50
C LEU A 261 -34.51 -4.75 10.27
N GLU A 262 -35.74 -4.28 10.07
CA GLU A 262 -36.20 -3.05 10.72
C GLU A 262 -36.23 -3.19 12.24
N GLU A 263 -36.75 -4.31 12.72
CA GLU A 263 -36.87 -4.56 14.14
C GLU A 263 -35.46 -4.65 14.72
N ILE A 264 -34.58 -5.35 14.03
CA ILE A 264 -33.17 -5.46 14.48
C ILE A 264 -32.50 -4.10 14.53
N HIS A 265 -32.67 -3.29 13.48
CA HIS A 265 -31.99 -2.02 13.42
C HIS A 265 -32.47 -1.13 14.59
N GLU A 266 -33.78 -1.18 14.92
CA GLU A 266 -34.34 -0.41 16.03
C GLU A 266 -33.73 -0.87 17.33
N ALA A 267 -33.54 -2.18 17.46
CA ALA A 267 -32.95 -2.79 18.64
C ALA A 267 -31.49 -2.33 18.86
N TYR A 268 -30.72 -2.23 17.77
CA TYR A 268 -29.32 -1.75 17.79
C TYR A 268 -29.28 -0.27 18.17
N LEU A 269 -30.17 0.51 17.57
CA LEU A 269 -30.24 1.93 17.88
C LEU A 269 -30.51 2.16 19.33
N GLU A 270 -31.50 1.43 19.84
CA GLU A 270 -31.88 1.47 21.24
C GLU A 270 -30.70 1.06 22.14
N PHE A 271 -30.04 -0.03 21.81
CA PHE A 271 -28.96 -0.55 22.66
C PHE A 271 -27.78 0.41 22.77
N TYR A 272 -27.43 1.07 21.66
CA TYR A 272 -26.23 1.93 21.58
C TYR A 272 -26.48 3.44 21.64
N LYS A 273 -27.72 3.85 21.91
CA LYS A 273 -28.07 5.26 21.88
C LYS A 273 -27.28 6.10 22.87
N ASN A 274 -26.92 5.54 24.01
CA ASN A 274 -26.12 6.29 24.98
C ASN A 274 -24.65 5.88 25.07
N GLU A 275 -24.19 5.11 24.09
CA GLU A 275 -22.80 4.63 24.05
C GLU A 275 -22.01 5.52 23.12
N PRO A 276 -21.11 6.34 23.65
CA PRO A 276 -20.44 7.33 22.83
C PRO A 276 -19.51 6.73 21.80
N PHE A 277 -19.08 5.49 21.98
CA PHE A 277 -18.09 4.92 21.03
C PHE A 277 -18.66 4.00 19.98
N VAL A 278 -19.95 3.70 20.00
CA VAL A 278 -20.52 2.75 19.05
C VAL A 278 -21.60 3.45 18.23
N HIS A 279 -21.41 3.41 16.93
CA HIS A 279 -22.24 4.12 16.00
C HIS A 279 -22.92 3.12 15.06
N VAL A 280 -24.24 2.97 15.25
CA VAL A 280 -25.08 2.18 14.34
C VAL A 280 -25.41 2.99 13.09
N LEU A 281 -25.00 2.50 11.95
CA LEU A 281 -25.22 3.22 10.70
C LEU A 281 -26.67 3.03 10.22
N PRO A 282 -27.13 3.93 9.36
CA PRO A 282 -28.42 3.70 8.69
C PRO A 282 -28.42 2.37 7.96
N MSE A 283 -29.57 1.69 7.87
CA MSE A 283 -29.63 0.45 7.07
C MSE A 283 -29.15 0.66 5.64
O MSE A 283 -29.36 1.72 5.03
CB MSE A 283 -31.07 -0.12 7.01
CG MSE A 283 -31.67 -0.41 8.35
SE MSE A 283 -33.50 -1.16 8.24
CE MSE A 283 -33.91 -0.91 6.24
N GLY A 284 -28.47 -0.34 5.10
CA GLY A 284 -27.93 -0.27 3.77
C GLY A 284 -26.61 0.50 3.60
N ILE A 285 -26.07 1.04 4.70
CA ILE A 285 -24.78 1.77 4.70
C ILE A 285 -23.81 0.88 5.44
N TYR A 286 -22.66 0.61 4.83
CA TYR A 286 -21.71 -0.36 5.32
C TYR A 286 -20.37 0.31 5.69
N PRO A 287 -19.75 -0.10 6.78
CA PRO A 287 -18.58 0.60 7.25
C PRO A 287 -17.28 0.31 6.46
N SER A 288 -16.49 1.36 6.35
CA SER A 288 -15.11 1.30 5.89
C SER A 288 -14.24 1.30 7.13
N THR A 289 -13.24 0.45 7.20
CA THR A 289 -12.34 0.45 8.38
C THR A 289 -11.64 1.79 8.71
N LYS A 290 -11.27 2.57 7.69
CA LYS A 290 -10.57 3.81 7.90
C LYS A 290 -11.44 4.88 8.51
N TRP A 291 -12.77 4.68 8.56
CA TRP A 291 -13.64 5.62 9.32
C TRP A 291 -13.29 5.66 10.80
N CYS A 292 -12.57 4.67 11.27
CA CYS A 292 -12.15 4.53 12.68
C CYS A 292 -10.76 5.03 13.01
N TYR A 293 -9.98 5.34 11.98
CA TYR A 293 -8.54 5.45 12.11
C TYR A 293 -8.05 6.30 13.24
N GLY A 294 -7.29 5.67 14.14
CA GLY A 294 -6.70 6.34 15.27
C GLY A 294 -7.60 6.59 16.46
N SER A 295 -8.84 6.17 16.38
CA SER A 295 -9.85 6.54 17.35
C SER A 295 -10.41 5.33 18.08
N ASN A 296 -11.17 5.62 19.12
CA ASN A 296 -11.82 4.63 19.90
C ASN A 296 -13.23 4.29 19.43
N HIS A 297 -13.60 4.71 18.23
CA HIS A 297 -14.97 4.60 17.71
C HIS A 297 -15.23 3.32 16.88
N VAL A 298 -16.46 2.85 16.91
CA VAL A 298 -16.84 1.61 16.25
C VAL A 298 -18.06 1.92 15.37
N PHE A 299 -18.07 1.42 14.13
CA PHE A 299 -19.23 1.62 13.25
C PHE A 299 -19.83 0.25 12.95
N ILE A 300 -21.16 0.15 13.05
CA ILE A 300 -21.86 -1.09 12.76
C ILE A 300 -22.91 -0.84 11.68
N GLY A 301 -22.87 -1.69 10.67
CA GLY A 301 -23.87 -1.73 9.62
C GLY A 301 -24.46 -3.13 9.52
N MSE A 302 -25.54 -3.25 8.77
CA MSE A 302 -26.20 -4.53 8.61
C MSE A 302 -27.01 -4.59 7.31
O MSE A 302 -27.41 -3.55 6.77
CB MSE A 302 -27.14 -4.75 9.79
CG MSE A 302 -28.26 -3.68 9.89
SE MSE A 302 -29.38 -3.91 11.49
CE MSE A 302 -28.17 -3.26 12.88
N GLN A 303 -27.18 -5.81 6.84
CA GLN A 303 -28.02 -6.14 5.70
C GLN A 303 -28.70 -7.48 5.99
N MSE A 304 -29.79 -7.74 5.26
CA MSE A 304 -30.48 -9.00 5.32
C MSE A 304 -30.46 -9.69 3.95
O MSE A 304 -30.71 -9.04 2.93
CB MSE A 304 -31.92 -8.77 5.74
CG MSE A 304 -32.71 -10.05 5.98
SE MSE A 304 -32.31 -10.98 7.63
CE MSE A 304 -33.18 -9.77 8.94
N GLU A 305 -30.11 -10.96 3.93
CA GLU A 305 -30.32 -11.80 2.74
C GLU A 305 -31.70 -12.45 2.92
N GLU A 306 -32.68 -11.96 2.17
CA GLU A 306 -34.10 -12.30 2.38
C GLU A 306 -34.42 -13.78 2.06
N ARG A 307 -33.80 -14.38 1.03
CA ARG A 307 -34.19 -15.73 0.62
C ARG A 307 -33.86 -16.77 1.66
N THR A 308 -32.79 -16.57 2.42
CA THR A 308 -32.33 -17.58 3.40
C THR A 308 -32.48 -17.11 4.84
N ASN A 309 -32.96 -15.87 5.03
CA ASN A 309 -33.14 -15.27 6.36
C ASN A 309 -31.84 -15.13 7.13
N THR A 310 -30.81 -14.65 6.43
CA THR A 310 -29.47 -14.50 7.00
C THR A 310 -29.21 -13.03 7.24
N LEU A 311 -28.94 -12.71 8.50
CA LEU A 311 -28.53 -11.36 8.90
C LEU A 311 -27.05 -11.26 8.68
N ILE A 312 -26.65 -10.17 8.03
CA ILE A 312 -25.25 -9.78 7.87
C ILE A 312 -24.95 -8.53 8.69
N LEU A 313 -24.10 -8.70 9.70
CA LEU A 313 -23.66 -7.63 10.56
C LEU A 313 -22.22 -7.31 10.19
N MSE A 314 -21.90 -6.03 10.10
CA MSE A 314 -20.55 -5.62 9.73
C MSE A 314 -20.06 -4.64 10.76
O MSE A 314 -20.66 -3.58 10.92
CB MSE A 314 -20.62 -5.00 8.36
CG MSE A 314 -20.80 -6.03 7.32
SE MSE A 314 -21.75 -5.32 5.71
CE MSE A 314 -23.58 -5.23 6.50
N SER A 315 -18.99 -4.96 11.48
CA SER A 315 -18.43 -4.01 12.49
C SER A 315 -16.98 -3.69 12.15
N ALA A 316 -16.66 -2.40 12.22
CA ALA A 316 -15.29 -1.93 11.97
C ALA A 316 -14.77 -1.24 13.22
N ILE A 317 -13.51 -1.50 13.55
CA ILE A 317 -12.76 -0.81 14.61
C ILE A 317 -11.32 -0.63 14.15
N ASP A 318 -10.64 0.30 14.82
CA ASP A 318 -9.18 0.41 14.75
C ASP A 318 -8.67 -0.58 15.76
N ASN A 319 -8.00 -1.61 15.27
CA ASN A 319 -7.50 -2.68 16.16
C ASN A 319 -6.50 -2.23 17.23
N LEU A 320 -5.79 -1.12 16.99
CA LEU A 320 -4.76 -0.69 17.93
C LEU A 320 -5.33 0.21 18.97
N VAL A 321 -6.54 0.68 18.72
CA VAL A 321 -7.13 1.66 19.61
C VAL A 321 -8.34 1.01 20.31
N LYS A 322 -9.52 0.98 19.71
CA LYS A 322 -10.63 0.33 20.39
C LYS A 322 -10.38 -1.18 20.53
N GLY A 323 -9.57 -1.72 19.63
CA GLY A 323 -9.16 -3.11 19.75
C GLY A 323 -8.02 -3.39 20.68
N ALA A 324 -7.44 -2.35 21.31
CA ALA A 324 -6.28 -2.55 22.20
C ALA A 324 -6.17 -1.42 23.18
N SER A 325 -5.31 -0.43 22.90
CA SER A 325 -4.90 0.59 23.83
C SER A 325 -5.92 1.64 24.17
N GLY A 326 -6.82 1.95 23.23
CA GLY A 326 -7.91 2.88 23.51
C GLY A 326 -8.90 2.31 24.54
N GLN A 327 -9.28 1.06 24.32
CA GLN A 327 -10.15 0.36 25.24
C GLN A 327 -9.51 0.15 26.60
N ALA A 328 -8.20 0.01 26.62
CA ALA A 328 -7.45 -0.10 27.87
C ALA A 328 -7.56 1.18 28.71
N VAL A 329 -7.44 2.34 28.04
CA VAL A 329 -7.57 3.66 28.67
C VAL A 329 -9.02 3.88 29.15
N GLN A 330 -9.99 3.51 28.29
CA GLN A 330 -11.41 3.47 28.62
C GLN A 330 -11.65 2.72 29.93
N ASN A 331 -11.11 1.51 30.03
CA ASN A 331 -11.08 0.71 31.31
C ASN A 331 -10.42 1.45 32.48
N MSE A 332 -9.27 2.08 32.26
CA MSE A 332 -8.64 2.85 33.28
C MSE A 332 -9.60 3.98 33.77
O MSE A 332 -9.74 4.21 35.01
CB MSE A 332 -7.32 3.40 32.77
CG MSE A 332 -6.72 4.44 33.84
SE MSE A 332 -5.30 5.50 33.07
CE MSE A 332 -6.43 6.84 32.41
N ASN A 333 -10.29 4.65 32.84
CA ASN A 333 -11.23 5.74 33.25
C ASN A 333 -12.29 5.21 34.20
N ILE A 334 -12.84 4.05 33.82
CA ILE A 334 -13.91 3.40 34.61
C ILE A 334 -13.42 3.01 36.02
N MSE A 335 -12.24 2.41 36.06
CA MSE A 335 -11.66 1.95 37.32
C MSE A 335 -11.37 3.10 38.26
O MSE A 335 -11.41 2.90 39.47
CB MSE A 335 -10.39 1.19 37.08
CG MSE A 335 -10.61 -0.16 36.38
SE MSE A 335 -8.87 -0.90 35.77
CE MSE A 335 -8.52 -1.98 37.20
N PHE A 336 -11.06 4.28 37.72
CA PHE A 336 -10.78 5.46 38.54
C PHE A 336 -11.94 6.44 38.70
N GLY A 337 -13.10 6.08 38.15
CA GLY A 337 -14.32 6.87 38.28
C GLY A 337 -14.34 8.15 37.48
N LEU A 338 -13.57 8.19 36.38
CA LEU A 338 -13.58 9.34 35.48
C LEU A 338 -14.62 9.14 34.40
N ASP A 339 -15.06 10.26 33.83
CA ASP A 339 -15.84 10.26 32.61
C ASP A 339 -15.14 9.34 31.65
N GLU A 340 -15.91 8.43 31.11
CA GLU A 340 -15.36 7.31 30.37
C GLU A 340 -14.73 7.72 29.03
N THR A 341 -15.13 8.86 28.50
CA THR A 341 -14.51 9.42 27.31
C THR A 341 -13.27 10.24 27.57
N LYS A 342 -12.81 10.35 28.82
CA LYS A 342 -11.63 11.18 29.11
C LYS A 342 -10.42 10.69 28.37
N GLY A 343 -9.72 11.61 27.68
CA GLY A 343 -8.55 11.21 26.87
C GLY A 343 -8.90 10.44 25.62
N LEU A 344 -10.20 10.31 25.33
CA LEU A 344 -10.65 9.55 24.20
C LEU A 344 -11.64 10.36 23.38
N GLU A 345 -11.62 11.70 23.50
CA GLU A 345 -12.72 12.55 22.99
C GLU A 345 -12.51 12.95 21.53
N PHE A 346 -11.52 12.38 20.88
CA PHE A 346 -11.07 12.86 19.57
C PHE A 346 -11.56 11.97 18.45
N THR A 347 -11.60 12.54 17.24
CA THR A 347 -12.26 11.90 16.14
C THR A 347 -11.25 11.20 15.24
N PRO A 348 -11.74 10.25 14.46
CA PRO A 348 -10.92 9.55 13.48
C PRO A 348 -10.14 10.47 12.53
N ILE A 349 -8.96 10.03 12.13
CA ILE A 349 -8.10 10.79 11.19
C ILE A 349 -8.50 10.28 9.80
N TYR A 350 -8.78 11.21 8.87
CA TYR A 350 -9.17 10.84 7.52
C TYR A 350 -8.68 11.96 6.58
N PRO A 351 -8.14 11.64 5.39
CA PRO A 351 -8.04 10.28 4.84
C PRO A 351 -6.80 9.46 5.27
N HIS B 12 20.99 -27.25 -28.49
CA HIS B 12 21.54 -26.98 -27.11
C HIS B 12 20.61 -26.09 -26.29
N MSE B 13 19.70 -26.69 -25.54
CA MSE B 13 19.09 -25.96 -24.45
C MSE B 13 20.27 -25.62 -23.55
O MSE B 13 21.10 -26.50 -23.27
CB MSE B 13 18.02 -26.75 -23.70
CG MSE B 13 16.59 -26.42 -24.11
N ILE B 14 20.39 -24.37 -23.16
CA ILE B 14 21.41 -23.99 -22.20
C ILE B 14 21.01 -24.59 -20.85
N ARG B 15 21.97 -25.16 -20.13
CA ARG B 15 21.67 -25.73 -18.81
C ARG B 15 22.07 -24.74 -17.70
N ALA B 16 21.07 -24.28 -16.96
CA ALA B 16 21.26 -23.21 -16.01
C ALA B 16 21.10 -23.69 -14.56
N GLY B 17 22.06 -23.34 -13.73
CA GLY B 17 21.94 -23.61 -12.30
C GLY B 17 21.79 -22.32 -11.55
N ILE B 18 21.06 -22.37 -10.45
CA ILE B 18 20.86 -21.22 -9.61
C ILE B 18 21.30 -21.55 -8.17
N ILE B 19 22.31 -20.85 -7.67
CA ILE B 19 22.71 -20.89 -6.27
C ILE B 19 22.02 -19.75 -5.48
N GLY B 20 21.16 -20.13 -4.54
CA GLY B 20 20.39 -19.17 -3.79
C GLY B 20 19.04 -18.95 -4.44
N ALA B 21 18.39 -20.07 -4.79
CA ALA B 21 17.13 -20.06 -5.52
C ALA B 21 15.97 -19.45 -4.71
N THR B 22 16.12 -19.31 -3.40
CA THR B 22 14.98 -18.92 -2.58
C THR B 22 14.98 -17.44 -2.15
N GLY B 23 15.91 -16.64 -2.67
CA GLY B 23 15.78 -15.19 -2.55
C GLY B 23 14.94 -14.64 -3.70
N TYR B 24 14.49 -13.41 -3.60
CA TYR B 24 13.61 -12.87 -4.64
C TYR B 24 14.25 -12.77 -6.01
N THR B 25 15.56 -12.53 -6.08
CA THR B 25 16.22 -12.60 -7.39
C THR B 25 16.31 -14.00 -7.88
N GLY B 26 16.45 -14.96 -6.97
CA GLY B 26 16.37 -16.34 -7.37
C GLY B 26 14.99 -16.73 -7.91
N LEU B 27 13.94 -16.34 -7.23
CA LEU B 27 12.56 -16.57 -7.73
C LEU B 27 12.31 -16.01 -9.12
N GLU B 28 12.75 -14.79 -9.36
CA GLU B 28 12.63 -14.20 -10.71
C GLU B 28 13.47 -14.89 -11.75
N LEU B 29 14.65 -15.35 -11.40
CA LEU B 29 15.38 -16.25 -12.31
C LEU B 29 14.58 -17.51 -12.68
N VAL B 30 13.90 -18.12 -11.71
CA VAL B 30 13.10 -19.29 -12.02
C VAL B 30 11.98 -18.96 -13.00
N ARG B 31 11.27 -17.85 -12.78
CA ARG B 31 10.14 -17.44 -13.63
C ARG B 31 10.62 -17.22 -15.04
N LEU B 32 11.71 -16.46 -15.17
CA LEU B 32 12.29 -16.18 -16.51
C LEU B 32 12.79 -17.41 -17.25
N LEU B 33 13.56 -18.24 -16.55
CA LEU B 33 14.18 -19.40 -17.16
C LEU B 33 13.20 -20.54 -17.47
N LYS B 34 12.14 -20.69 -16.67
CA LYS B 34 11.07 -21.65 -17.03
C LYS B 34 10.46 -21.28 -18.38
N ASN B 35 10.30 -19.97 -18.61
CA ASN B 35 9.64 -19.44 -19.81
C ASN B 35 10.61 -19.28 -20.99
N HIS B 36 11.91 -19.24 -20.71
CA HIS B 36 12.92 -19.02 -21.74
C HIS B 36 12.92 -20.24 -22.67
N PRO B 37 12.75 -20.04 -23.98
CA PRO B 37 12.67 -21.15 -24.95
C PRO B 37 13.99 -21.89 -25.23
N GLU B 38 15.13 -21.33 -24.87
CA GLU B 38 16.41 -21.96 -25.17
C GLU B 38 17.28 -22.23 -23.94
N ALA B 39 16.67 -22.28 -22.76
CA ALA B 39 17.39 -22.62 -21.55
C ALA B 39 16.50 -23.46 -20.67
N LYS B 40 17.10 -24.24 -19.76
CA LYS B 40 16.31 -24.96 -18.77
C LYS B 40 17.05 -25.08 -17.45
N ILE B 41 16.29 -25.12 -16.37
CA ILE B 41 16.85 -25.24 -15.04
C ILE B 41 17.31 -26.69 -14.80
N THR B 42 18.58 -26.85 -14.45
CA THR B 42 19.12 -28.16 -14.11
C THR B 42 19.71 -28.25 -12.68
N TYR B 43 19.77 -27.14 -11.95
CA TYR B 43 20.30 -27.18 -10.58
C TYR B 43 19.71 -26.06 -9.78
N LEU B 44 19.32 -26.35 -8.56
CA LEU B 44 18.86 -25.31 -7.67
C LEU B 44 19.40 -25.57 -6.28
N SER B 45 19.95 -24.57 -5.61
CA SER B 45 20.43 -24.82 -4.26
C SER B 45 20.00 -23.73 -3.33
N SER B 46 20.02 -24.05 -2.04
CA SER B 46 19.55 -23.15 -1.02
C SER B 46 20.20 -23.50 0.31
N ARG B 47 20.69 -22.48 1.01
CA ARG B 47 21.35 -22.69 2.30
C ARG B 47 20.34 -22.75 3.42
N THR B 48 19.19 -22.14 3.20
CA THR B 48 18.13 -22.12 4.18
C THR B 48 17.12 -23.25 4.03
N TYR B 49 16.76 -23.60 2.79
CA TYR B 49 15.66 -24.55 2.56
C TYR B 49 16.03 -25.82 1.78
N ALA B 50 17.30 -26.22 1.86
CA ALA B 50 17.76 -27.41 1.14
C ALA B 50 17.00 -28.65 1.61
N GLY B 51 16.69 -29.57 0.68
CA GLY B 51 15.80 -30.70 0.97
C GLY B 51 14.30 -30.47 0.83
N LYS B 52 13.87 -29.23 0.65
CA LYS B 52 12.45 -28.91 0.44
C LYS B 52 12.23 -28.64 -1.06
N LYS B 53 11.03 -28.91 -1.57
CA LYS B 53 10.69 -28.49 -2.93
C LYS B 53 10.53 -26.95 -2.92
N LEU B 54 10.94 -26.31 -4.02
CA LEU B 54 10.84 -24.86 -4.10
C LEU B 54 9.43 -24.38 -3.86
N GLU B 55 8.45 -25.04 -4.49
CA GLU B 55 7.03 -24.72 -4.31
C GLU B 55 6.46 -24.98 -2.90
N GLU B 56 7.17 -25.74 -2.07
CA GLU B 56 6.80 -25.81 -0.64
C GLU B 56 7.18 -24.53 0.08
N ILE B 57 8.20 -23.81 -0.39
CA ILE B 57 8.57 -22.55 0.23
C ILE B 57 7.78 -21.42 -0.41
N PHE B 58 7.66 -21.46 -1.75
CA PHE B 58 6.99 -20.43 -2.56
C PHE B 58 6.10 -21.13 -3.56
N PRO B 59 4.86 -21.40 -3.17
CA PRO B 59 3.88 -22.04 -4.08
C PRO B 59 3.68 -21.28 -5.39
N SER B 60 3.79 -19.95 -5.38
CA SER B 60 3.73 -19.14 -6.59
C SER B 60 4.71 -19.63 -7.72
N THR B 61 5.84 -20.24 -7.34
CA THR B 61 6.87 -20.61 -8.34
C THR B 61 6.39 -21.74 -9.22
N LEU B 62 5.46 -22.53 -8.69
CA LEU B 62 4.95 -23.71 -9.41
C LEU B 62 6.10 -24.63 -9.85
N GLU B 63 7.11 -24.76 -8.98
CA GLU B 63 8.33 -25.54 -9.26
C GLU B 63 8.53 -26.66 -8.23
N ASN B 64 8.36 -27.90 -8.65
CA ASN B 64 8.42 -29.04 -7.71
C ASN B 64 9.82 -29.59 -7.43
N SER B 65 10.85 -29.12 -8.13
CA SER B 65 12.22 -29.59 -7.88
C SER B 65 12.65 -29.43 -6.43
N ILE B 66 13.38 -30.42 -5.92
CA ILE B 66 13.93 -30.35 -4.58
C ILE B 66 15.19 -29.46 -4.56
N LEU B 67 15.24 -28.58 -3.58
CA LEU B 67 16.35 -27.65 -3.44
C LEU B 67 17.56 -28.38 -2.89
N SER B 68 18.68 -28.31 -3.61
CA SER B 68 19.94 -28.99 -3.24
C SER B 68 20.78 -28.24 -2.19
N GLU B 69 21.67 -29.00 -1.55
CA GLU B 69 22.76 -28.44 -0.76
C GLU B 69 23.94 -28.36 -1.71
N PHE B 70 24.53 -27.17 -1.79
CA PHE B 70 25.45 -26.86 -2.87
C PHE B 70 26.59 -27.86 -2.94
N ASP B 71 26.82 -28.38 -4.13
CA ASP B 71 27.94 -29.27 -4.38
C ASP B 71 28.56 -28.98 -5.75
N PRO B 72 29.84 -28.57 -5.75
CA PRO B 72 30.53 -28.17 -6.99
C PRO B 72 30.61 -29.24 -8.06
N GLU B 73 30.72 -30.49 -7.63
CA GLU B 73 30.74 -31.60 -8.58
C GLU B 73 29.47 -31.69 -9.39
N LYS B 74 28.35 -31.53 -8.72
CA LYS B 74 27.06 -31.64 -9.35
C LYS B 74 26.81 -30.44 -10.27
N VAL B 75 27.18 -29.25 -9.80
CA VAL B 75 27.10 -28.08 -10.65
C VAL B 75 27.96 -28.32 -11.91
N SER B 76 29.23 -28.64 -11.71
CA SER B 76 30.15 -28.81 -12.84
C SER B 76 29.63 -29.84 -13.83
N LYS B 77 28.96 -30.85 -13.29
CA LYS B 77 28.43 -31.95 -14.08
C LYS B 77 27.17 -31.57 -14.86
N ASN B 78 26.27 -30.80 -14.23
CA ASN B 78 24.91 -30.59 -14.74
C ASN B 78 24.55 -29.25 -15.38
N CYS B 79 25.49 -28.29 -15.37
CA CYS B 79 25.23 -26.90 -15.76
C CYS B 79 26.25 -26.37 -16.75
N ASP B 80 25.78 -25.56 -17.70
CA ASP B 80 26.63 -24.79 -18.58
C ASP B 80 26.86 -23.36 -18.05
N VAL B 81 25.88 -22.87 -17.31
CA VAL B 81 25.96 -21.57 -16.66
C VAL B 81 25.37 -21.63 -15.26
N LEU B 82 25.83 -20.72 -14.39
CA LEU B 82 25.45 -20.69 -12.99
C LEU B 82 25.24 -19.25 -12.57
N PHE B 83 24.04 -18.99 -12.10
CA PHE B 83 23.69 -17.73 -11.47
C PHE B 83 23.92 -17.90 -9.98
N THR B 84 24.54 -16.91 -9.34
CA THR B 84 24.81 -16.98 -7.91
C THR B 84 24.24 -15.77 -7.24
N ALA B 85 23.46 -16.04 -6.21
CA ALA B 85 22.93 -15.01 -5.37
C ALA B 85 23.30 -15.41 -3.94
N LEU B 86 24.49 -14.98 -3.52
CA LEU B 86 25.04 -15.30 -2.20
C LEU B 86 25.43 -14.01 -1.43
N PRO B 87 25.76 -14.13 -0.13
CA PRO B 87 26.30 -12.97 0.59
C PRO B 87 27.71 -12.60 0.09
N ALA B 88 28.11 -11.36 0.36
CA ALA B 88 29.35 -10.80 -0.20
C ALA B 88 30.54 -11.69 0.08
N GLY B 89 31.32 -11.98 -0.96
CA GLY B 89 32.52 -12.81 -0.84
C GLY B 89 32.28 -14.24 -1.25
N ALA B 90 31.07 -14.72 -1.01
CA ALA B 90 30.73 -16.14 -1.18
C ALA B 90 30.85 -16.65 -2.62
N SER B 91 30.38 -15.86 -3.59
CA SER B 91 30.46 -16.30 -4.98
C SER B 91 31.92 -16.40 -5.39
N TYR B 92 32.74 -15.47 -4.90
CA TYR B 92 34.15 -15.44 -5.27
C TYR B 92 34.83 -16.75 -4.85
N ASP B 93 34.60 -17.14 -3.60
CA ASP B 93 35.23 -18.35 -3.06
C ASP B 93 34.87 -19.57 -3.90
N LEU B 94 33.58 -19.78 -4.10
CA LEU B 94 33.09 -20.98 -4.79
C LEU B 94 33.53 -21.06 -6.25
N VAL B 95 33.71 -19.92 -6.88
CA VAL B 95 34.08 -19.86 -8.29
C VAL B 95 35.43 -20.49 -8.59
N ARG B 96 36.36 -20.42 -7.63
CA ARG B 96 37.68 -21.05 -7.79
C ARG B 96 37.58 -22.58 -7.92
N GLU B 97 36.70 -23.20 -7.12
CA GLU B 97 36.50 -24.66 -7.11
C GLU B 97 35.82 -25.24 -8.36
N LEU B 98 35.36 -24.37 -9.26
CA LEU B 98 34.60 -24.77 -10.46
C LEU B 98 35.44 -24.70 -11.71
N LYS B 99 35.10 -25.55 -12.68
CA LYS B 99 35.69 -25.48 -14.03
C LYS B 99 34.62 -25.78 -15.08
N GLY B 100 34.74 -25.13 -16.23
CA GLY B 100 33.88 -25.39 -17.38
C GLY B 100 32.46 -24.88 -17.28
N VAL B 101 32.23 -23.90 -16.40
CA VAL B 101 30.89 -23.38 -16.14
C VAL B 101 30.99 -21.87 -16.27
N LYS B 102 30.14 -21.24 -17.09
CA LYS B 102 30.04 -19.76 -17.09
C LYS B 102 29.35 -19.32 -15.81
N ILE B 103 29.68 -18.13 -15.34
CA ILE B 103 29.19 -17.61 -14.06
C ILE B 103 28.64 -16.23 -14.26
N ILE B 104 27.46 -16.01 -13.69
CA ILE B 104 26.81 -14.73 -13.66
C ILE B 104 26.43 -14.53 -12.21
N ASP B 105 27.21 -13.69 -11.55
CA ASP B 105 27.01 -13.35 -10.14
C ASP B 105 26.14 -12.12 -9.98
N LEU B 106 25.09 -12.27 -9.18
CA LEU B 106 24.15 -11.20 -8.94
C LEU B 106 24.67 -10.26 -7.89
N GLY B 107 25.60 -10.73 -7.07
CA GLY B 107 26.28 -9.87 -6.11
C GLY B 107 27.42 -9.02 -6.71
N ALA B 108 28.35 -8.58 -5.88
CA ALA B 108 29.33 -7.55 -6.23
C ALA B 108 30.75 -8.08 -6.44
N ASP B 109 30.94 -9.38 -6.21
CA ASP B 109 32.28 -10.01 -6.22
C ASP B 109 33.08 -9.86 -7.52
N PHE B 110 32.40 -9.71 -8.65
CA PHE B 110 33.08 -9.51 -9.93
C PHE B 110 32.74 -8.18 -10.65
N ARG B 111 32.07 -7.24 -9.96
CA ARG B 111 31.68 -6.00 -10.60
C ARG B 111 32.82 -5.00 -10.82
N PHE B 112 33.84 -5.05 -9.95
CA PHE B 112 34.86 -4.02 -9.90
C PHE B 112 36.08 -4.31 -10.77
N ASP B 113 36.56 -3.28 -11.45
CA ASP B 113 37.78 -3.39 -12.22
C ASP B 113 38.97 -3.40 -11.26
N ASP B 114 38.86 -2.64 -10.17
CA ASP B 114 39.91 -2.61 -9.14
C ASP B 114 39.45 -3.35 -7.88
N PRO B 115 40.05 -4.51 -7.58
CA PRO B 115 39.68 -5.29 -6.41
C PRO B 115 40.01 -4.60 -5.08
N GLY B 116 40.90 -3.62 -5.10
CA GLY B 116 41.13 -2.78 -3.93
C GLY B 116 39.92 -1.90 -3.58
N VAL B 117 39.22 -1.39 -4.60
CA VAL B 117 37.94 -0.70 -4.38
C VAL B 117 36.89 -1.65 -3.78
N TYR B 118 36.77 -2.86 -4.31
CA TYR B 118 35.85 -3.81 -3.73
C TYR B 118 36.18 -4.00 -2.24
N ARG B 119 37.46 -4.15 -1.93
CA ARG B 119 37.86 -4.51 -0.57
C ARG B 119 37.50 -3.39 0.37
N GLU B 120 37.70 -2.17 -0.10
CA GLU B 120 37.40 -0.97 0.67
C GLU B 120 35.94 -0.91 1.10
N TRP B 121 35.04 -1.37 0.24
CA TRP B 121 33.60 -1.18 0.44
C TRP B 121 32.89 -2.43 0.88
N TYR B 122 33.46 -3.58 0.57
CA TYR B 122 32.82 -4.86 0.91
C TYR B 122 33.62 -5.66 1.93
N GLY B 123 34.88 -5.26 2.18
CA GLY B 123 35.65 -5.75 3.32
C GLY B 123 36.45 -7.02 3.10
N LYS B 124 36.13 -7.79 2.06
CA LYS B 124 36.93 -8.98 1.70
C LYS B 124 38.04 -8.68 0.66
N GLU B 125 39.18 -9.34 0.83
CA GLU B 125 40.24 -9.35 -0.17
C GLU B 125 39.92 -10.42 -1.23
N LEU B 126 40.05 -10.05 -2.49
CA LEU B 126 39.85 -10.99 -3.61
C LEU B 126 41.20 -11.37 -4.20
N SER B 127 41.88 -12.33 -3.58
CA SER B 127 43.21 -12.70 -4.06
C SER B 127 43.09 -13.42 -5.40
N GLY B 128 44.05 -13.18 -6.28
CA GLY B 128 44.05 -13.83 -7.59
C GLY B 128 43.17 -13.14 -8.62
N TYR B 129 42.60 -11.98 -8.25
CA TYR B 129 41.58 -11.32 -9.07
C TYR B 129 42.02 -11.04 -10.49
N GLU B 130 43.31 -10.72 -10.69
CA GLU B 130 43.73 -10.27 -12.00
C GLU B 130 43.89 -11.43 -12.98
N ASN B 131 43.82 -12.67 -12.50
CA ASN B 131 43.75 -13.83 -13.37
C ASN B 131 42.35 -14.12 -13.89
N ILE B 132 41.34 -13.54 -13.25
CA ILE B 132 39.95 -13.79 -13.62
C ILE B 132 39.53 -12.84 -14.75
N LYS B 133 39.04 -13.40 -15.84
CA LYS B 133 38.56 -12.59 -16.96
C LYS B 133 37.07 -12.33 -16.73
N ARG B 134 36.84 -11.24 -15.99
CA ARG B 134 35.48 -10.85 -15.63
C ARG B 134 35.11 -9.58 -16.32
N VAL B 135 33.80 -9.33 -16.43
CA VAL B 135 33.27 -8.19 -17.15
C VAL B 135 32.03 -7.70 -16.41
N TYR B 136 31.82 -6.38 -16.37
CA TYR B 136 30.61 -5.80 -15.79
C TYR B 136 29.45 -5.97 -16.75
N GLY B 137 28.41 -6.68 -16.30
CA GLY B 137 27.36 -7.17 -17.21
C GLY B 137 26.26 -6.12 -17.46
N LEU B 138 26.65 -4.94 -17.96
CA LEU B 138 25.68 -3.95 -18.48
C LEU B 138 25.63 -4.01 -20.00
N PRO B 139 24.70 -4.77 -20.58
CA PRO B 139 24.75 -5.06 -22.04
C PRO B 139 24.73 -3.83 -22.95
N GLU B 140 24.01 -2.79 -22.54
CA GLU B 140 23.92 -1.57 -23.32
C GLU B 140 25.25 -0.77 -23.35
N LEU B 141 26.26 -1.20 -22.59
CA LEU B 141 27.64 -0.66 -22.67
C LEU B 141 28.71 -1.68 -23.05
N HIS B 142 28.54 -2.94 -22.63
CA HIS B 142 29.64 -3.91 -22.65
C HIS B 142 29.28 -5.23 -23.34
N ARG B 143 28.22 -5.27 -24.15
CA ARG B 143 27.87 -6.51 -24.79
C ARG B 143 28.99 -7.06 -25.60
N GLU B 144 29.85 -6.21 -26.15
CA GLU B 144 30.94 -6.73 -26.96
C GLU B 144 31.90 -7.58 -26.11
N GLU B 145 32.24 -7.10 -24.91
CA GLU B 145 33.06 -7.88 -23.98
C GLU B 145 32.31 -9.03 -23.30
N ILE B 146 31.04 -8.83 -22.96
CA ILE B 146 30.25 -9.89 -22.30
C ILE B 146 30.20 -11.20 -23.15
N LYS B 147 30.05 -11.05 -24.47
CA LYS B 147 30.07 -12.19 -25.42
C LYS B 147 31.07 -13.26 -25.09
N ASN B 148 32.28 -12.82 -24.79
CA ASN B 148 33.42 -13.70 -24.61
C ASN B 148 33.86 -13.83 -23.16
N ALA B 149 33.03 -13.42 -22.19
CA ALA B 149 33.48 -13.47 -20.81
C ALA B 149 33.14 -14.83 -20.25
N GLN B 150 33.91 -15.29 -19.27
CA GLN B 150 33.57 -16.47 -18.50
C GLN B 150 32.88 -16.16 -17.15
N VAL B 151 33.04 -14.94 -16.65
CA VAL B 151 32.46 -14.51 -15.40
C VAL B 151 31.95 -13.09 -15.62
N VAL B 152 30.70 -12.85 -15.25
CA VAL B 152 30.06 -11.56 -15.39
C VAL B 152 29.67 -11.14 -13.99
N GLY B 153 29.98 -9.91 -13.64
CA GLY B 153 29.48 -9.34 -12.40
C GLY B 153 28.24 -8.60 -12.83
N ASN B 154 27.09 -9.07 -12.42
CA ASN B 154 25.82 -8.50 -12.87
C ASN B 154 25.71 -7.23 -12.08
N PRO B 155 25.40 -6.11 -12.76
CA PRO B 155 25.36 -4.83 -12.09
C PRO B 155 24.34 -4.74 -10.91
N GLY B 156 24.59 -3.84 -9.97
CA GLY B 156 23.58 -3.51 -8.98
C GLY B 156 22.39 -2.78 -9.61
N CYS B 157 21.29 -2.71 -8.87
CA CYS B 157 20.04 -2.18 -9.41
C CYS B 157 20.09 -0.66 -9.55
N TYR B 158 20.59 0.04 -8.56
CA TYR B 158 20.68 1.52 -8.70
C TYR B 158 21.67 1.91 -9.82
N PRO B 159 22.88 1.34 -9.86
CA PRO B 159 23.81 1.56 -10.99
C PRO B 159 23.18 1.35 -12.36
N THR B 160 22.42 0.28 -12.56
CA THR B 160 21.79 0.02 -13.86
C THR B 160 20.94 1.21 -14.30
N SER B 161 20.10 1.70 -13.40
CA SER B 161 19.23 2.90 -13.67
C SER B 161 20.02 4.17 -13.93
N VAL B 162 21.09 4.36 -13.18
CA VAL B 162 21.82 5.59 -13.27
C VAL B 162 22.70 5.60 -14.53
N ILE B 163 23.37 4.51 -14.82
CA ILE B 163 24.26 4.48 -15.96
C ILE B 163 23.46 4.60 -17.25
N LEU B 164 22.31 3.94 -17.31
CA LEU B 164 21.50 3.97 -18.52
C LEU B 164 20.99 5.41 -18.68
N ALA B 165 20.69 6.09 -17.58
CA ALA B 165 20.22 7.48 -17.67
C ALA B 165 21.28 8.47 -18.20
N LEU B 166 22.56 8.20 -17.94
CA LEU B 166 23.63 9.13 -18.18
C LEU B 166 24.48 8.78 -19.40
N ALA B 167 24.35 7.56 -19.91
CA ALA B 167 25.37 7.10 -20.89
C ALA B 167 25.53 8.01 -22.11
N PRO B 168 24.45 8.38 -22.78
CA PRO B 168 24.59 9.23 -23.97
C PRO B 168 25.22 10.59 -23.67
N ALA B 169 24.79 11.17 -22.55
CA ALA B 169 25.30 12.48 -22.09
C ALA B 169 26.82 12.41 -21.89
N LEU B 170 27.28 11.34 -21.28
CA LEU B 170 28.71 11.23 -20.95
C LEU B 170 29.50 10.84 -22.17
N LYS B 171 28.97 9.93 -22.98
CA LYS B 171 29.70 9.51 -24.15
C LYS B 171 29.88 10.61 -25.18
N HIS B 172 28.89 11.48 -25.31
CA HIS B 172 28.95 12.58 -26.25
C HIS B 172 29.31 13.94 -25.64
N ASN B 173 29.83 13.94 -24.42
CA ASN B 173 30.21 15.23 -23.75
C ASN B 173 29.17 16.32 -23.75
N LEU B 174 27.93 15.91 -23.44
CA LEU B 174 26.81 16.84 -23.39
C LEU B 174 26.60 17.47 -22.03
N VAL B 175 27.28 16.97 -21.00
CA VAL B 175 27.14 17.50 -19.64
C VAL B 175 28.49 17.64 -18.94
N ASP B 176 28.52 18.36 -17.82
CA ASP B 176 29.70 18.48 -16.96
C ASP B 176 29.71 17.31 -15.98
N PRO B 177 30.54 16.28 -16.18
CA PRO B 177 30.45 15.09 -15.35
C PRO B 177 31.16 15.10 -14.00
N GLU B 178 31.76 16.21 -13.62
CA GLU B 178 32.59 16.27 -12.42
C GLU B 178 31.77 15.99 -11.15
N THR B 179 30.63 16.66 -11.03
CA THR B 179 29.71 16.38 -9.94
C THR B 179 28.32 16.02 -10.48
N ILE B 180 27.86 14.82 -10.13
CA ILE B 180 26.52 14.35 -10.49
C ILE B 180 25.76 14.04 -9.19
N LEU B 181 24.52 14.53 -9.08
CA LEU B 181 23.73 14.32 -7.87
C LEU B 181 22.62 13.38 -8.27
N VAL B 182 22.52 12.28 -7.52
CA VAL B 182 21.54 11.25 -7.79
C VAL B 182 20.63 11.07 -6.58
N ASP B 183 19.34 11.37 -6.75
CA ASP B 183 18.35 11.17 -5.69
C ASP B 183 17.43 10.05 -6.17
N ALA B 184 17.65 8.84 -5.58
CA ALA B 184 17.00 7.63 -6.02
C ALA B 184 15.94 7.11 -5.05
N LYS B 185 14.98 6.40 -5.61
CA LYS B 185 13.81 5.87 -4.89
C LYS B 185 13.61 4.45 -5.25
N SER B 186 13.52 3.55 -4.27
CA SER B 186 13.37 2.13 -4.56
C SER B 186 12.25 1.55 -3.70
N GLY B 187 11.46 0.69 -4.29
CA GLY B 187 10.63 -0.21 -3.52
C GLY B 187 11.47 -1.12 -2.68
N VAL B 188 10.80 -1.79 -1.76
CA VAL B 188 11.45 -2.51 -0.66
C VAL B 188 12.19 -3.69 -1.09
N SER B 189 11.73 -4.31 -2.18
CA SER B 189 12.32 -5.57 -2.66
C SER B 189 13.81 -5.47 -2.94
N GLY B 190 14.32 -4.29 -3.28
CA GLY B 190 15.76 -4.01 -3.11
C GLY B 190 16.44 -4.63 -1.86
N ALA B 191 15.76 -4.59 -0.70
CA ALA B 191 16.29 -5.15 0.58
C ALA B 191 16.42 -6.70 0.58
N GLY B 192 15.58 -7.37 -0.20
CA GLY B 192 15.53 -8.82 -0.26
C GLY B 192 14.71 -9.39 0.88
N ARG B 193 14.66 -10.72 0.95
CA ARG B 193 13.85 -11.43 1.96
C ARG B 193 14.63 -11.60 3.27
N LYS B 194 15.01 -10.46 3.86
CA LYS B 194 15.82 -10.42 5.10
C LYS B 194 14.96 -10.02 6.32
N GLU B 195 14.83 -10.93 7.28
CA GLU B 195 13.91 -10.68 8.39
C GLU B 195 14.55 -9.78 9.48
N LYS B 196 14.60 -8.48 9.15
CA LYS B 196 14.98 -7.40 10.09
C LYS B 196 13.71 -6.62 10.30
N VAL B 197 13.52 -6.05 11.49
CA VAL B 197 12.26 -5.33 11.84
C VAL B 197 11.95 -4.10 10.95
N ASP B 198 12.99 -3.45 10.44
CA ASP B 198 12.85 -2.28 9.58
C ASP B 198 12.16 -2.63 8.27
N TYR B 199 12.21 -3.91 7.89
CA TYR B 199 11.64 -4.39 6.62
C TYR B 199 10.31 -5.09 6.82
N LEU B 200 9.76 -4.93 8.00
CA LEU B 200 8.45 -5.42 8.33
C LEU B 200 7.38 -4.53 7.71
N PHE B 201 6.28 -5.16 7.32
CA PHE B 201 5.21 -4.48 6.64
C PHE B 201 4.81 -3.25 7.44
N SER B 202 4.54 -3.42 8.70
CA SER B 202 4.03 -2.33 9.53
C SER B 202 4.98 -1.15 9.71
N GLU B 203 6.27 -1.40 9.61
CA GLU B 203 7.26 -0.36 9.70
C GLU B 203 7.42 0.45 8.41
N VAL B 204 7.37 -0.20 7.28
CA VAL B 204 7.60 0.40 5.97
C VAL B 204 6.34 1.03 5.40
N ASN B 205 5.19 0.43 5.68
CA ASN B 205 3.95 0.78 4.96
C ASN B 205 3.64 2.22 5.26
N GLU B 206 3.19 2.93 4.22
CA GLU B 206 2.71 4.26 4.34
C GLU B 206 3.78 5.25 4.78
N SER B 207 5.04 4.99 4.49
CA SER B 207 6.13 5.86 4.96
C SER B 207 7.17 5.89 3.90
N LEU B 208 7.87 7.02 3.80
CA LEU B 208 9.09 7.11 2.96
C LEU B 208 10.27 7.61 3.80
N ARG B 209 11.44 7.02 3.62
CA ARG B 209 12.66 7.39 4.43
C ARG B 209 13.92 7.39 3.57
N PRO B 210 14.80 8.36 3.73
CA PRO B 210 16.16 8.25 3.15
C PRO B 210 16.92 7.18 3.90
N TYR B 211 17.92 6.55 3.28
CA TYR B 211 18.80 5.64 4.04
C TYR B 211 20.18 5.61 3.42
N ASN B 212 21.19 5.28 4.23
CA ASN B 212 22.57 5.20 3.74
C ASN B 212 22.98 6.41 2.94
N VAL B 213 22.70 7.61 3.48
CA VAL B 213 22.83 8.81 2.70
C VAL B 213 24.32 9.10 2.44
N ALA B 214 24.69 9.29 1.18
CA ALA B 214 26.07 9.61 0.80
C ALA B 214 27.10 8.53 1.26
N LYS B 215 26.65 7.32 1.54
CA LYS B 215 27.54 6.20 1.93
C LYS B 215 26.86 4.89 1.60
N HIS B 216 26.91 4.54 0.32
CA HIS B 216 26.24 3.34 -0.18
C HIS B 216 27.21 2.66 -1.11
N ARG B 217 27.27 1.34 -1.00
CA ARG B 217 28.21 0.55 -1.77
C ARG B 217 28.09 0.66 -3.29
N HIS B 218 26.93 1.07 -3.78
CA HIS B 218 26.73 1.24 -5.21
C HIS B 218 27.45 2.48 -5.78
N VAL B 219 27.75 3.46 -4.93
CA VAL B 219 28.44 4.70 -5.38
C VAL B 219 29.77 4.48 -6.11
N PRO B 220 30.74 3.79 -5.49
CA PRO B 220 31.98 3.51 -6.22
C PRO B 220 31.76 2.69 -7.50
N GLU B 221 30.72 1.89 -7.55
CA GLU B 221 30.39 1.09 -8.73
C GLU B 221 29.88 1.98 -9.88
N MSE B 222 28.95 2.88 -9.56
CA MSE B 222 28.55 3.93 -10.50
C MSE B 222 29.72 4.77 -10.99
O MSE B 222 29.88 5.02 -12.21
CB MSE B 222 27.56 4.89 -9.83
CG MSE B 222 26.23 4.28 -9.54
SE MSE B 222 25.19 5.58 -8.57
CE MSE B 222 23.98 4.37 -7.72
N GLU B 223 30.54 5.24 -10.05
CA GLU B 223 31.65 6.11 -10.38
C GLU B 223 32.68 5.46 -11.31
N GLN B 224 32.90 4.17 -11.14
CA GLN B 224 33.72 3.33 -12.03
C GLN B 224 33.22 3.36 -13.46
N GLU B 225 31.94 3.09 -13.64
CA GLU B 225 31.39 2.99 -14.99
C GLU B 225 31.21 4.35 -15.68
N LEU B 226 30.72 5.31 -14.93
CA LEU B 226 30.56 6.69 -15.37
C LEU B 226 31.89 7.36 -15.70
N GLY B 227 32.92 7.12 -14.87
CA GLY B 227 34.28 7.57 -15.20
C GLY B 227 34.82 7.00 -16.52
N LYS B 228 34.65 5.70 -16.72
CA LYS B 228 35.09 5.05 -17.97
C LYS B 228 34.44 5.65 -19.20
N ILE B 229 33.13 5.87 -19.18
CA ILE B 229 32.48 6.41 -20.36
C ILE B 229 32.65 7.92 -20.54
N SER B 230 32.93 8.70 -19.48
CA SER B 230 33.20 10.13 -19.64
C SER B 230 34.66 10.42 -19.97
N GLY B 231 35.55 9.48 -19.65
CA GLY B 231 36.98 9.67 -19.68
C GLY B 231 37.44 10.65 -18.60
N LYS B 232 36.62 10.87 -17.58
CA LYS B 232 36.94 11.87 -16.54
C LYS B 232 36.60 11.29 -15.16
N LYS B 233 37.13 11.88 -14.08
CA LYS B 233 36.75 11.48 -12.72
C LYS B 233 35.34 11.96 -12.40
N VAL B 234 34.46 11.03 -12.01
CA VAL B 234 33.09 11.39 -11.69
C VAL B 234 32.91 11.23 -10.17
N ASN B 235 32.43 12.26 -9.48
CA ASN B 235 32.03 12.12 -8.07
C ASN B 235 30.51 12.15 -8.06
N VAL B 236 29.90 11.09 -7.55
CA VAL B 236 28.45 11.01 -7.44
C VAL B 236 28.06 11.31 -6.01
N VAL B 237 27.06 12.20 -5.86
CA VAL B 237 26.39 12.44 -4.60
C VAL B 237 25.04 11.70 -4.63
N PHE B 238 24.89 10.69 -3.78
CA PHE B 238 23.81 9.66 -3.95
C PHE B 238 23.00 9.54 -2.66
N THR B 239 21.69 9.80 -2.75
CA THR B 239 20.76 9.61 -1.63
C THR B 239 19.64 8.66 -2.05
N PRO B 240 19.68 7.40 -1.59
CA PRO B 240 18.57 6.47 -1.81
C PRO B 240 17.46 6.65 -0.77
N HIS B 241 16.24 6.30 -1.18
CA HIS B 241 15.04 6.40 -0.38
C HIS B 241 14.25 5.08 -0.57
N LEU B 242 13.72 4.56 0.54
CA LEU B 242 12.87 3.40 0.57
C LEU B 242 11.40 3.86 0.44
N VAL B 243 10.72 3.32 -0.56
CA VAL B 243 9.35 3.75 -0.95
C VAL B 243 8.41 2.62 -0.58
N PRO B 244 7.19 2.92 -0.11
CA PRO B 244 6.27 1.86 0.33
C PRO B 244 5.54 1.20 -0.84
N MSE B 245 6.32 0.52 -1.64
CA MSE B 245 5.82 -0.25 -2.78
C MSE B 245 6.82 -1.34 -2.88
O MSE B 245 7.91 -1.21 -2.34
CB MSE B 245 5.72 0.54 -4.09
CG MSE B 245 7.06 1.04 -4.63
SE MSE B 245 6.84 2.28 -6.03
CE MSE B 245 8.77 2.45 -6.47
N THR B 246 6.42 -2.43 -3.51
CA THR B 246 7.24 -3.63 -3.55
C THR B 246 8.47 -3.57 -4.51
N ARG B 247 8.22 -3.11 -5.73
CA ARG B 247 9.20 -3.12 -6.84
C ARG B 247 9.32 -1.73 -7.44
N GLY B 248 10.42 -1.51 -8.16
CA GLY B 248 10.60 -0.32 -8.98
C GLY B 248 11.67 0.64 -8.45
N ILE B 249 12.50 1.14 -9.36
CA ILE B 249 13.45 2.20 -9.02
C ILE B 249 13.22 3.43 -9.90
N LEU B 250 13.19 4.61 -9.30
CA LEU B 250 13.23 5.85 -10.07
C LEU B 250 14.51 6.53 -9.63
N SER B 251 15.42 6.75 -10.56
CA SER B 251 16.57 7.62 -10.25
C SER B 251 16.40 9.00 -10.88
N THR B 252 16.49 10.02 -10.04
CA THR B 252 16.44 11.42 -10.49
C THR B 252 17.85 11.98 -10.42
N ILE B 253 18.38 12.38 -11.56
CA ILE B 253 19.80 12.73 -11.72
C ILE B 253 19.95 14.22 -12.11
N TYR B 254 20.78 14.96 -11.38
CA TYR B 254 20.98 16.41 -11.59
C TYR B 254 22.44 16.66 -12.04
N VAL B 255 22.62 17.31 -13.17
CA VAL B 255 23.97 17.55 -13.71
C VAL B 255 23.94 18.86 -14.51
N LYS B 256 25.05 19.63 -14.41
CA LYS B 256 25.16 20.89 -15.13
C LYS B 256 25.47 20.65 -16.61
N THR B 257 24.88 21.45 -17.48
CA THR B 257 25.14 21.31 -18.91
C THR B 257 25.14 22.69 -19.55
N ASP B 258 25.92 22.85 -20.61
CA ASP B 258 25.84 24.06 -21.38
C ASP B 258 25.00 23.88 -22.66
N LYS B 259 24.42 22.70 -22.84
CA LYS B 259 23.64 22.41 -24.05
C LYS B 259 22.15 22.65 -23.85
N SER B 260 21.39 22.66 -24.95
CA SER B 260 19.92 22.77 -24.87
C SER B 260 19.32 21.40 -24.61
N LEU B 261 18.13 21.41 -24.00
CA LEU B 261 17.37 20.19 -23.76
C LEU B 261 17.03 19.51 -25.07
N GLU B 262 16.76 20.31 -26.09
CA GLU B 262 16.38 19.78 -27.40
C GLU B 262 17.54 18.97 -28.00
N GLU B 263 18.76 19.49 -27.90
CA GLU B 263 19.93 18.74 -28.41
C GLU B 263 20.20 17.44 -27.62
N ILE B 264 20.07 17.51 -26.29
CA ILE B 264 20.23 16.32 -25.45
C ILE B 264 19.17 15.29 -25.80
N HIS B 265 17.91 15.69 -25.89
CA HIS B 265 16.84 14.72 -26.22
C HIS B 265 17.10 14.03 -27.55
N GLU B 266 17.46 14.82 -28.53
CA GLU B 266 17.91 14.32 -29.83
C GLU B 266 19.03 13.27 -29.71
N ALA B 267 20.11 13.59 -28.97
CA ALA B 267 21.20 12.60 -28.73
C ALA B 267 20.70 11.33 -28.05
N TYR B 268 19.79 11.46 -27.08
CA TYR B 268 19.27 10.26 -26.39
C TYR B 268 18.47 9.33 -27.30
N LEU B 269 17.59 9.94 -28.09
CA LEU B 269 16.82 9.17 -29.04
C LEU B 269 17.73 8.40 -29.99
N GLU B 270 18.75 9.11 -30.47
CA GLU B 270 19.71 8.50 -31.41
C GLU B 270 20.47 7.35 -30.75
N PHE B 271 20.95 7.57 -29.52
CA PHE B 271 21.74 6.56 -28.81
C PHE B 271 20.94 5.29 -28.57
N TYR B 272 19.68 5.41 -28.16
CA TYR B 272 18.93 4.21 -27.81
C TYR B 272 17.96 3.77 -28.90
N LYS B 273 18.09 4.30 -30.12
CA LYS B 273 17.12 4.02 -31.16
C LYS B 273 17.04 2.52 -31.43
N ASN B 274 18.14 1.81 -31.34
CA ASN B 274 18.16 0.38 -31.65
C ASN B 274 18.31 -0.53 -30.40
N GLU B 275 18.13 0.03 -29.20
CA GLU B 275 18.13 -0.80 -27.96
C GLU B 275 16.73 -1.22 -27.58
N PRO B 276 16.42 -2.52 -27.61
CA PRO B 276 15.04 -2.98 -27.39
C PRO B 276 14.48 -2.70 -25.97
N PHE B 277 15.36 -2.53 -25.00
CA PHE B 277 14.90 -2.38 -23.62
C PHE B 277 14.93 -0.96 -23.05
N VAL B 278 15.36 0.04 -23.82
CA VAL B 278 15.50 1.41 -23.27
C VAL B 278 14.63 2.35 -24.08
N HIS B 279 13.75 3.06 -23.39
CA HIS B 279 12.73 3.87 -24.05
C HIS B 279 12.79 5.29 -23.58
N VAL B 280 13.26 6.16 -24.49
CA VAL B 280 13.35 7.58 -24.27
C VAL B 280 11.95 8.16 -24.52
N LEU B 281 11.39 8.77 -23.49
CA LEU B 281 10.06 9.32 -23.57
C LEU B 281 10.04 10.63 -24.36
N PRO B 282 8.85 11.05 -24.79
CA PRO B 282 8.63 12.37 -25.34
C PRO B 282 8.99 13.51 -24.38
N MSE B 283 9.49 14.60 -24.93
CA MSE B 283 9.86 15.69 -24.07
C MSE B 283 8.65 16.12 -23.25
O MSE B 283 7.52 16.09 -23.71
CB MSE B 283 10.49 16.85 -24.85
CG MSE B 283 12.01 16.86 -24.72
SE MSE B 283 12.80 18.18 -25.82
CE MSE B 283 11.84 19.82 -25.09
N GLY B 284 8.90 16.43 -22.00
CA GLY B 284 7.85 16.85 -21.11
C GLY B 284 7.16 15.72 -20.39
N ILE B 285 7.50 14.47 -20.72
CA ILE B 285 6.88 13.29 -20.13
C ILE B 285 7.88 12.61 -19.20
N TYR B 286 7.43 12.25 -18.01
CA TYR B 286 8.29 11.68 -16.97
C TYR B 286 7.88 10.23 -16.67
N PRO B 287 8.81 9.34 -16.34
CA PRO B 287 8.47 7.92 -16.16
C PRO B 287 7.78 7.64 -14.85
N SER B 288 6.82 6.71 -14.90
CA SER B 288 6.22 6.12 -13.69
C SER B 288 6.87 4.75 -13.49
N THR B 289 7.27 4.39 -12.27
CA THR B 289 8.04 3.13 -12.12
C THR B 289 7.25 1.88 -12.53
N LYS B 290 5.93 1.91 -12.33
CA LYS B 290 5.11 0.75 -12.59
C LYS B 290 5.02 0.49 -14.08
N TRP B 291 5.41 1.45 -14.92
CA TRP B 291 5.47 1.20 -16.38
C TRP B 291 6.40 0.06 -16.73
N CYS B 292 7.32 -0.30 -15.81
CA CYS B 292 8.31 -1.38 -16.07
C CYS B 292 7.94 -2.72 -15.53
N TYR B 293 6.87 -2.75 -14.72
CA TYR B 293 6.58 -3.85 -13.79
C TYR B 293 6.69 -5.22 -14.44
N GLY B 294 7.56 -6.05 -13.89
CA GLY B 294 7.72 -7.42 -14.31
C GLY B 294 8.54 -7.63 -15.57
N SER B 295 9.04 -6.55 -16.16
CA SER B 295 9.66 -6.62 -17.49
C SER B 295 11.09 -6.12 -17.41
N ASN B 296 11.83 -6.33 -18.49
CA ASN B 296 13.21 -5.90 -18.60
C ASN B 296 13.39 -4.52 -19.20
N HIS B 297 12.31 -3.73 -19.27
CA HIS B 297 12.31 -2.44 -19.94
C HIS B 297 12.60 -1.23 -19.04
N VAL B 298 13.17 -0.24 -19.66
CA VAL B 298 13.65 0.97 -19.01
C VAL B 298 12.98 2.19 -19.66
N PHE B 299 12.53 3.14 -18.85
CA PHE B 299 12.01 4.42 -19.37
C PHE B 299 12.84 5.60 -18.87
N ILE B 300 13.14 6.55 -19.75
CA ILE B 300 13.92 7.74 -19.42
C ILE B 300 13.18 8.99 -19.88
N GLY B 301 13.07 9.96 -18.98
CA GLY B 301 12.62 11.31 -19.31
C GLY B 301 13.60 12.38 -18.82
N MSE B 302 13.34 13.64 -19.12
CA MSE B 302 14.26 14.71 -18.81
C MSE B 302 13.63 16.07 -18.81
O MSE B 302 12.57 16.26 -19.40
CB MSE B 302 15.40 14.68 -19.83
CG MSE B 302 14.94 14.86 -21.25
SE MSE B 302 16.48 14.81 -22.45
CE MSE B 302 16.66 12.99 -22.61
N GLN B 303 14.28 16.98 -18.12
CA GLN B 303 13.84 18.35 -18.03
C GLN B 303 15.07 19.21 -17.75
N MSE B 304 14.96 20.50 -18.03
CA MSE B 304 16.03 21.44 -17.81
C MSE B 304 15.50 22.48 -16.89
O MSE B 304 14.36 22.92 -17.05
CB MSE B 304 16.44 22.12 -19.13
CG MSE B 304 17.55 23.13 -18.98
SE MSE B 304 19.24 22.23 -18.85
CE MSE B 304 19.26 21.47 -20.70
N GLU B 305 16.31 22.88 -15.94
CA GLU B 305 16.04 24.08 -15.17
C GLU B 305 16.95 25.17 -15.78
N GLU B 306 16.34 26.12 -16.45
CA GLU B 306 17.08 27.04 -17.33
C GLU B 306 17.90 28.09 -16.59
N ARG B 307 17.43 28.56 -15.46
CA ARG B 307 18.19 29.61 -14.76
C ARG B 307 19.54 29.11 -14.30
N THR B 308 19.65 27.82 -13.99
CA THR B 308 20.85 27.28 -13.39
C THR B 308 21.59 26.36 -14.32
N ASN B 309 21.03 26.14 -15.52
CA ASN B 309 21.58 25.19 -16.48
C ASN B 309 21.70 23.78 -15.91
N THR B 310 20.66 23.35 -15.20
CA THR B 310 20.70 22.01 -14.55
C THR B 310 19.85 21.09 -15.40
N LEU B 311 20.45 20.04 -15.92
CA LEU B 311 19.70 18.97 -16.58
C LEU B 311 19.21 18.00 -15.51
N ILE B 312 17.94 17.67 -15.57
CA ILE B 312 17.35 16.63 -14.74
C ILE B 312 16.99 15.38 -15.61
N LEU B 313 17.62 14.24 -15.34
CA LEU B 313 17.40 12.98 -16.01
C LEU B 313 16.67 12.04 -15.06
N MSE B 314 15.64 11.40 -15.57
CA MSE B 314 14.80 10.50 -14.75
C MSE B 314 14.74 9.11 -15.37
O MSE B 314 14.32 8.97 -16.51
CB MSE B 314 13.42 11.10 -14.54
CG MSE B 314 13.46 12.31 -13.70
SE MSE B 314 12.09 13.62 -14.02
CE MSE B 314 12.92 14.62 -15.64
N SER B 315 15.11 8.07 -14.63
CA SER B 315 15.08 6.72 -15.25
C SER B 315 14.38 5.74 -14.33
N ALA B 316 13.54 4.90 -14.89
CA ALA B 316 12.78 3.90 -14.14
C ALA B 316 13.08 2.51 -14.67
N ILE B 317 13.29 1.54 -13.77
CA ILE B 317 13.42 0.12 -14.07
C ILE B 317 12.67 -0.69 -12.99
N ASP B 318 12.32 -1.93 -13.31
CA ASP B 318 11.90 -2.89 -12.31
C ASP B 318 13.19 -3.41 -11.68
N ASN B 319 13.37 -3.17 -10.39
CA ASN B 319 14.67 -3.50 -9.71
C ASN B 319 14.98 -4.99 -9.70
N LEU B 320 13.94 -5.85 -9.75
CA LEU B 320 14.13 -7.30 -9.68
C LEU B 320 14.33 -7.88 -11.04
N VAL B 321 14.03 -7.12 -12.08
CA VAL B 321 14.16 -7.70 -13.44
C VAL B 321 15.36 -7.01 -14.18
N LYS B 322 15.17 -5.90 -14.90
CA LYS B 322 16.33 -5.18 -15.45
C LYS B 322 17.38 -4.78 -14.36
N GLY B 323 16.93 -4.53 -13.16
CA GLY B 323 17.83 -4.25 -12.05
C GLY B 323 18.54 -5.46 -11.48
N ALA B 324 18.18 -6.67 -11.94
CA ALA B 324 18.76 -7.90 -11.37
C ALA B 324 18.67 -9.08 -12.34
N SER B 325 17.67 -9.94 -12.16
CA SER B 325 17.58 -11.31 -12.80
C SER B 325 17.33 -11.31 -14.31
N GLY B 326 16.51 -10.35 -14.78
CA GLY B 326 16.32 -10.08 -16.19
C GLY B 326 17.60 -9.67 -16.88
N GLN B 327 18.34 -8.72 -16.30
CA GLN B 327 19.64 -8.34 -16.82
C GLN B 327 20.59 -9.53 -16.81
N ALA B 328 20.48 -10.38 -15.80
CA ALA B 328 21.29 -11.64 -15.75
C ALA B 328 21.02 -12.55 -16.88
N VAL B 329 19.75 -12.77 -17.19
CA VAL B 329 19.34 -13.60 -18.31
C VAL B 329 19.77 -12.95 -19.63
N GLN B 330 19.67 -11.61 -19.71
CA GLN B 330 20.14 -10.88 -20.90
C GLN B 330 21.62 -11.16 -21.14
N ASN B 331 22.39 -11.12 -20.06
CA ASN B 331 23.84 -11.48 -20.13
C ASN B 331 24.08 -12.92 -20.50
N MSE B 332 23.28 -13.82 -19.94
CA MSE B 332 23.31 -15.23 -20.37
C MSE B 332 23.08 -15.36 -21.89
O MSE B 332 23.84 -16.04 -22.55
CB MSE B 332 22.30 -16.11 -19.66
CG MSE B 332 22.38 -17.60 -20.03
SE MSE B 332 20.79 -18.57 -19.43
CE MSE B 332 19.50 -17.93 -20.85
N ASN B 333 22.05 -14.67 -22.42
CA ASN B 333 21.82 -14.71 -23.88
C ASN B 333 23.05 -14.28 -24.69
N ILE B 334 23.66 -13.19 -24.26
CA ILE B 334 24.84 -12.64 -24.90
C ILE B 334 26.00 -13.62 -24.83
N MSE B 335 26.22 -14.22 -23.67
CA MSE B 335 27.34 -15.12 -23.45
C MSE B 335 27.28 -16.39 -24.31
O MSE B 335 28.33 -16.88 -24.72
CB MSE B 335 27.42 -15.52 -22.00
CG MSE B 335 28.01 -14.44 -21.14
SE MSE B 335 27.65 -14.79 -19.23
CE MSE B 335 29.49 -15.29 -18.65
N PHE B 336 26.07 -16.87 -24.58
CA PHE B 336 25.84 -18.08 -25.35
C PHE B 336 25.40 -17.74 -26.77
N GLY B 337 25.46 -16.48 -27.16
CA GLY B 337 25.23 -16.11 -28.54
C GLY B 337 23.79 -16.20 -28.99
N LEU B 338 22.84 -16.02 -28.07
CA LEU B 338 21.42 -16.03 -28.44
C LEU B 338 20.92 -14.62 -28.69
N ASP B 339 19.77 -14.55 -29.36
CA ASP B 339 19.08 -13.28 -29.54
C ASP B 339 18.97 -12.67 -28.15
N GLU B 340 19.48 -11.47 -28.01
CA GLU B 340 19.57 -10.88 -26.68
C GLU B 340 18.19 -10.71 -25.96
N THR B 341 17.11 -10.59 -26.73
CA THR B 341 15.79 -10.51 -26.15
C THR B 341 15.15 -11.84 -25.80
N LYS B 342 15.83 -12.98 -26.02
CA LYS B 342 15.17 -14.26 -25.81
C LYS B 342 14.77 -14.47 -24.35
N GLY B 343 13.50 -14.84 -24.14
CA GLY B 343 12.97 -15.02 -22.81
C GLY B 343 12.65 -13.71 -22.13
N LEU B 344 12.83 -12.59 -22.83
CA LEU B 344 12.62 -11.25 -22.30
C LEU B 344 11.72 -10.39 -23.18
N GLU B 345 10.93 -11.05 -24.02
CA GLU B 345 10.12 -10.33 -25.00
C GLU B 345 8.81 -9.73 -24.43
N PHE B 346 8.47 -10.06 -23.21
CA PHE B 346 7.15 -9.75 -22.71
C PHE B 346 7.08 -8.30 -22.27
N THR B 347 5.89 -7.74 -22.34
CA THR B 347 5.73 -6.34 -22.02
C THR B 347 5.35 -6.19 -20.52
N PRO B 348 5.56 -5.02 -19.97
CA PRO B 348 5.15 -4.72 -18.61
C PRO B 348 3.70 -5.09 -18.33
N ILE B 349 3.44 -5.50 -17.11
CA ILE B 349 2.10 -5.81 -16.69
C ILE B 349 1.52 -4.56 -16.01
N TYR B 350 0.29 -4.21 -16.34
CA TYR B 350 -0.29 -2.94 -15.87
C TYR B 350 -1.79 -3.18 -15.79
N PRO B 351 -2.49 -2.68 -14.76
CA PRO B 351 -1.97 -1.82 -13.69
C PRO B 351 -1.35 -2.61 -12.54
N MSE C 13 -14.90 31.48 23.68
CA MSE C 13 -14.48 30.59 22.54
C MSE C 13 -14.37 31.38 21.23
O MSE C 13 -15.22 32.22 20.89
CB MSE C 13 -15.46 29.40 22.36
CG MSE C 13 -15.18 28.19 23.27
N ILE C 14 -13.31 31.09 20.49
CA ILE C 14 -13.17 31.62 19.15
C ILE C 14 -14.19 30.93 18.28
N ARG C 15 -14.93 31.76 17.54
CA ARG C 15 -15.93 31.29 16.61
C ARG C 15 -15.29 31.17 15.24
N ALA C 16 -15.21 29.95 14.77
CA ALA C 16 -14.44 29.64 13.54
C ALA C 16 -15.36 29.07 12.47
N GLY C 17 -15.25 29.59 11.25
CA GLY C 17 -15.96 29.04 10.13
C GLY C 17 -14.98 28.40 9.15
N ILE C 18 -15.47 27.44 8.39
CA ILE C 18 -14.66 26.79 7.37
C ILE C 18 -15.40 26.83 6.07
N ILE C 19 -14.82 27.50 5.07
CA ILE C 19 -15.35 27.53 3.72
C ILE C 19 -14.62 26.49 2.90
N GLY C 20 -15.38 25.48 2.48
CA GLY C 20 -14.84 24.32 1.80
C GLY C 20 -14.52 23.21 2.77
N ALA C 21 -15.51 22.85 3.58
CA ALA C 21 -15.31 21.90 4.67
C ALA C 21 -15.20 20.42 4.23
N THR C 22 -15.48 20.14 2.95
CA THR C 22 -15.52 18.75 2.46
C THR C 22 -14.29 18.35 1.67
N GLY C 23 -13.31 19.25 1.57
CA GLY C 23 -11.99 18.86 1.08
C GLY C 23 -11.15 18.32 2.23
N TYR C 24 -10.07 17.62 1.92
CA TYR C 24 -9.28 16.99 2.96
C TYR C 24 -8.73 17.96 3.96
N THR C 25 -8.32 19.14 3.52
CA THR C 25 -7.84 20.13 4.46
C THR C 25 -8.96 20.65 5.34
N GLY C 26 -10.16 20.74 4.79
CA GLY C 26 -11.35 21.06 5.55
C GLY C 26 -11.66 20.08 6.65
N LEU C 27 -11.67 18.79 6.31
CA LEU C 27 -11.87 17.72 7.28
C LEU C 27 -10.85 17.76 8.40
N GLU C 28 -9.59 18.09 8.10
CA GLU C 28 -8.60 18.15 9.18
C GLU C 28 -8.79 19.40 10.01
N LEU C 29 -9.29 20.47 9.41
CA LEU C 29 -9.63 21.62 10.24
C LEU C 29 -10.69 21.25 11.25
N VAL C 30 -11.65 20.47 10.77
CA VAL C 30 -12.77 20.05 11.62
C VAL C 30 -12.28 19.19 12.80
N ARG C 31 -11.46 18.19 12.51
CA ARG C 31 -10.82 17.37 13.57
C ARG C 31 -10.12 18.30 14.62
N LEU C 32 -9.30 19.22 14.12
CA LEU C 32 -8.43 19.96 14.97
C LEU C 32 -9.31 20.89 15.79
N LEU C 33 -10.29 21.50 15.14
CA LEU C 33 -11.10 22.52 15.81
C LEU C 33 -12.10 21.96 16.84
N LYS C 34 -12.70 20.82 16.54
CA LYS C 34 -13.51 20.07 17.52
C LYS C 34 -12.69 19.84 18.81
N ASN C 35 -11.43 19.44 18.67
CA ASN C 35 -10.59 19.13 19.82
C ASN C 35 -9.99 20.39 20.50
N HIS C 36 -10.02 21.53 19.82
CA HIS C 36 -9.39 22.73 20.31
C HIS C 36 -10.14 23.25 21.55
N PRO C 37 -9.44 23.41 22.66
CA PRO C 37 -10.12 23.75 23.89
C PRO C 37 -10.67 25.19 23.92
N GLU C 38 -10.10 26.12 23.16
CA GLU C 38 -10.54 27.53 23.11
C GLU C 38 -11.19 28.00 21.80
N ALA C 39 -11.73 27.09 21.00
CA ALA C 39 -12.34 27.47 19.75
C ALA C 39 -13.45 26.50 19.45
N LYS C 40 -14.38 26.91 18.60
CA LYS C 40 -15.50 26.07 18.19
C LYS C 40 -15.99 26.44 16.80
N ILE C 41 -16.52 25.45 16.09
CA ILE C 41 -16.99 25.61 14.74
C ILE C 41 -18.38 26.22 14.74
N THR C 42 -18.51 27.43 14.18
CA THR C 42 -19.81 28.10 14.08
C THR C 42 -20.32 28.15 12.66
N TYR C 43 -19.54 27.75 11.68
CA TYR C 43 -19.98 27.83 10.31
C TYR C 43 -19.21 26.85 9.46
N LEU C 44 -19.91 26.19 8.55
CA LEU C 44 -19.27 25.26 7.62
C LEU C 44 -19.95 25.36 6.29
N SER C 45 -19.23 25.51 5.21
CA SER C 45 -19.86 25.53 3.89
C SER C 45 -19.21 24.57 2.89
N SER C 46 -19.97 24.25 1.86
CA SER C 46 -19.56 23.29 0.83
C SER C 46 -20.29 23.58 -0.47
N ARG C 47 -19.54 23.75 -1.56
CA ARG C 47 -20.14 23.96 -2.86
C ARG C 47 -20.79 22.69 -3.40
N THR C 48 -20.21 21.55 -3.07
CA THR C 48 -20.69 20.26 -3.57
C THR C 48 -21.81 19.65 -2.71
N TYR C 49 -21.69 19.72 -1.38
CA TYR C 49 -22.56 18.90 -0.51
C TYR C 49 -23.43 19.71 0.44
N ALA C 50 -23.73 20.95 0.08
CA ALA C 50 -24.51 21.79 0.96
C ALA C 50 -25.86 21.10 1.24
N GLY C 51 -26.37 21.29 2.45
CA GLY C 51 -27.74 20.82 2.81
C GLY C 51 -27.70 19.49 3.52
N LYS C 52 -26.53 18.84 3.48
CA LYS C 52 -26.25 17.56 4.17
C LYS C 52 -25.37 17.83 5.39
N LYS C 53 -25.53 17.00 6.44
CA LYS C 53 -24.61 17.01 7.57
C LYS C 53 -23.25 16.52 7.10
N LEU C 54 -22.20 17.06 7.71
CA LEU C 54 -20.87 16.71 7.28
C LEU C 54 -20.63 15.22 7.43
N GLU C 55 -21.12 14.64 8.52
CA GLU C 55 -20.92 13.21 8.72
C GLU C 55 -21.72 12.29 7.78
N GLU C 56 -22.69 12.82 7.05
CA GLU C 56 -23.37 12.05 5.97
C GLU C 56 -22.41 11.78 4.81
N ILE C 57 -21.54 12.75 4.57
CA ILE C 57 -20.58 12.67 3.47
C ILE C 57 -19.32 11.93 3.98
N PHE C 58 -18.83 12.35 5.14
CA PHE C 58 -17.64 11.79 5.76
C PHE C 58 -17.91 11.39 7.20
N PRO C 59 -18.34 10.14 7.38
CA PRO C 59 -18.71 9.63 8.69
C PRO C 59 -17.62 9.70 9.74
N SER C 60 -16.38 9.56 9.30
CA SER C 60 -15.19 9.66 10.13
C SER C 60 -15.20 10.94 10.95
N THR C 61 -15.83 12.00 10.44
CA THR C 61 -15.76 13.31 11.10
C THR C 61 -16.56 13.37 12.37
N LEU C 62 -17.54 12.48 12.43
CA LEU C 62 -18.54 12.51 13.52
C LEU C 62 -19.15 13.90 13.75
N GLU C 63 -19.35 14.69 12.68
CA GLU C 63 -19.84 16.07 12.81
C GLU C 63 -21.24 16.19 12.24
N ASN C 64 -22.18 16.58 13.09
CA ASN C 64 -23.59 16.60 12.65
C ASN C 64 -24.06 17.96 12.07
N SER C 65 -23.21 19.00 12.08
CA SER C 65 -23.54 20.27 11.46
C SER C 65 -23.94 20.11 10.00
N ILE C 66 -25.08 20.68 9.60
CA ILE C 66 -25.47 20.73 8.18
C ILE C 66 -24.53 21.69 7.47
N LEU C 67 -24.13 21.30 6.28
CA LEU C 67 -23.25 22.11 5.45
C LEU C 67 -24.03 23.26 4.79
N SER C 68 -23.55 24.49 4.97
CA SER C 68 -24.19 25.66 4.36
C SER C 68 -23.80 25.92 2.91
N GLU C 69 -24.66 26.68 2.22
CA GLU C 69 -24.30 27.33 0.97
C GLU C 69 -23.72 28.67 1.39
N PHE C 70 -22.54 29.00 0.88
CA PHE C 70 -21.84 30.17 1.37
C PHE C 70 -22.70 31.47 1.29
N ASP C 71 -22.75 32.19 2.42
CA ASP C 71 -23.43 33.49 2.54
C ASP C 71 -22.60 34.41 3.44
N PRO C 72 -21.98 35.45 2.89
CA PRO C 72 -21.07 36.31 3.66
C PRO C 72 -21.70 37.05 4.83
N GLU C 73 -23.00 37.33 4.74
CA GLU C 73 -23.72 37.95 5.85
C GLU C 73 -23.77 37.04 7.05
N LYS C 74 -23.99 35.75 6.81
CA LYS C 74 -24.01 34.76 7.90
C LYS C 74 -22.63 34.56 8.50
N VAL C 75 -21.61 34.55 7.66
CA VAL C 75 -20.24 34.42 8.15
C VAL C 75 -19.91 35.61 9.04
N SER C 76 -20.08 36.83 8.50
CA SER C 76 -19.77 38.05 9.25
C SER C 76 -20.48 38.06 10.59
N LYS C 77 -21.65 37.44 10.62
CA LYS C 77 -22.48 37.38 11.82
C LYS C 77 -21.94 36.38 12.83
N ASN C 78 -21.55 35.19 12.36
CA ASN C 78 -21.29 34.02 13.22
C ASN C 78 -19.83 33.69 13.52
N CYS C 79 -18.90 34.29 12.77
CA CYS C 79 -17.50 33.92 12.82
C CYS C 79 -16.55 35.03 13.25
N ASP C 80 -15.60 34.68 14.12
CA ASP C 80 -14.47 35.56 14.44
C ASP C 80 -13.34 35.36 13.43
N VAL C 81 -13.24 34.15 12.91
CA VAL C 81 -12.17 33.80 12.00
C VAL C 81 -12.75 32.85 10.96
N LEU C 82 -12.24 32.95 9.73
CA LEU C 82 -12.69 32.10 8.64
C LEU C 82 -11.50 31.46 7.93
N PHE C 83 -11.53 30.12 7.83
CA PHE C 83 -10.58 29.35 7.06
C PHE C 83 -11.16 29.13 5.67
N THR C 84 -10.41 29.45 4.62
CA THR C 84 -10.91 29.27 3.25
C THR C 84 -10.02 28.28 2.51
N ALA C 85 -10.66 27.31 1.85
CA ALA C 85 -10.00 26.30 1.06
C ALA C 85 -10.76 26.15 -0.26
N LEU C 86 -10.41 27.00 -1.22
CA LEU C 86 -11.17 27.15 -2.45
C LEU C 86 -10.25 27.07 -3.65
N PRO C 87 -10.84 26.96 -4.84
CA PRO C 87 -10.11 27.22 -6.08
C PRO C 87 -9.39 28.59 -6.02
N ALA C 88 -8.23 28.68 -6.68
CA ALA C 88 -7.40 29.89 -6.64
C ALA C 88 -8.19 31.12 -7.04
N GLY C 89 -7.91 32.23 -6.38
CA GLY C 89 -8.62 33.48 -6.66
C GLY C 89 -9.94 33.67 -5.92
N ALA C 90 -10.65 32.56 -5.65
CA ALA C 90 -11.97 32.63 -4.99
C ALA C 90 -11.90 33.25 -3.59
N SER C 91 -10.89 32.87 -2.81
CA SER C 91 -10.72 33.48 -1.49
C SER C 91 -10.50 35.00 -1.60
N TYR C 92 -9.73 35.42 -2.61
CA TYR C 92 -9.50 36.85 -2.83
C TYR C 92 -10.81 37.60 -3.03
N ASP C 93 -11.68 37.02 -3.86
CA ASP C 93 -12.95 37.63 -4.21
C ASP C 93 -13.88 37.65 -3.00
N LEU C 94 -14.04 36.52 -2.32
CA LEU C 94 -15.02 36.47 -1.21
C LEU C 94 -14.60 37.34 -0.02
N VAL C 95 -13.30 37.55 0.14
CA VAL C 95 -12.78 38.31 1.28
C VAL C 95 -13.14 39.81 1.21
N ARG C 96 -13.21 40.35 -0.01
CA ARG C 96 -13.77 41.69 -0.24
C ARG C 96 -15.16 41.87 0.37
N GLU C 97 -16.03 40.87 0.16
CA GLU C 97 -17.40 40.92 0.65
C GLU C 97 -17.51 40.88 2.18
N LEU C 98 -16.44 40.45 2.89
CA LEU C 98 -16.46 40.32 4.37
C LEU C 98 -15.86 41.52 5.13
N LYS C 99 -16.31 41.70 6.37
CA LYS C 99 -15.81 42.76 7.25
C LYS C 99 -15.70 42.29 8.71
N GLY C 100 -14.56 42.56 9.34
CA GLY C 100 -14.37 42.26 10.77
C GLY C 100 -14.23 40.79 11.12
N VAL C 101 -13.90 39.98 10.12
CA VAL C 101 -13.62 38.56 10.32
C VAL C 101 -12.16 38.37 9.93
N LYS C 102 -11.38 37.76 10.80
CA LYS C 102 -9.98 37.44 10.46
C LYS C 102 -9.98 36.28 9.47
N ILE C 103 -9.05 36.31 8.51
CA ILE C 103 -8.99 35.33 7.43
C ILE C 103 -7.69 34.53 7.40
N ILE C 104 -7.82 33.22 7.33
CA ILE C 104 -6.68 32.37 7.15
C ILE C 104 -7.00 31.58 5.88
N ASP C 105 -6.33 31.90 4.79
CA ASP C 105 -6.56 31.24 3.51
C ASP C 105 -5.52 30.15 3.28
N LEU C 106 -6.02 28.94 3.00
CA LEU C 106 -5.20 27.79 2.77
C LEU C 106 -4.62 27.84 1.37
N GLY C 107 -5.22 28.64 0.49
CA GLY C 107 -4.68 28.79 -0.85
C GLY C 107 -3.54 29.78 -0.94
N ALA C 108 -3.28 30.20 -2.18
CA ALA C 108 -2.11 31.00 -2.50
C ALA C 108 -2.40 32.50 -2.64
N ASP C 109 -3.67 32.88 -2.53
CA ASP C 109 -4.14 34.25 -2.86
C ASP C 109 -3.45 35.33 -2.06
N PHE C 110 -3.04 35.00 -0.83
CA PHE C 110 -2.37 35.96 0.06
C PHE C 110 -0.93 35.61 0.44
N ARG C 111 -0.32 34.64 -0.22
CA ARG C 111 1.03 34.21 0.11
C ARG C 111 2.14 35.15 -0.36
N PHE C 112 1.98 35.79 -1.53
CA PHE C 112 3.08 36.46 -2.17
C PHE C 112 3.15 37.88 -1.71
N ASP C 113 4.37 38.34 -1.42
CA ASP C 113 4.60 39.74 -1.08
C ASP C 113 4.39 40.65 -2.29
N ASP C 114 4.70 40.15 -3.48
CA ASP C 114 4.53 40.89 -4.73
C ASP C 114 3.42 40.22 -5.56
N PRO C 115 2.26 40.87 -5.67
CA PRO C 115 1.10 40.29 -6.36
C PRO C 115 1.31 40.08 -7.85
N GLY C 116 2.38 40.68 -8.39
CA GLY C 116 2.83 40.42 -9.78
C GLY C 116 3.31 39.00 -9.97
N VAL C 117 4.00 38.48 -8.95
CA VAL C 117 4.47 37.08 -8.97
C VAL C 117 3.26 36.12 -8.92
N TYR C 118 2.29 36.41 -8.03
CA TYR C 118 1.06 35.63 -8.01
C TYR C 118 0.45 35.61 -9.41
N ARG C 119 0.24 36.80 -9.97
CA ARG C 119 -0.34 36.94 -11.31
C ARG C 119 0.37 36.05 -12.32
N GLU C 120 1.70 36.14 -12.35
CA GLU C 120 2.47 35.37 -13.30
C GLU C 120 2.21 33.85 -13.23
N TRP C 121 2.20 33.33 -12.01
CA TRP C 121 2.08 31.89 -11.82
C TRP C 121 0.66 31.41 -11.63
N TYR C 122 -0.24 32.29 -11.18
CA TYR C 122 -1.62 31.85 -10.95
C TYR C 122 -2.62 32.50 -11.93
N GLY C 123 -2.14 33.39 -12.80
CA GLY C 123 -2.94 33.94 -13.90
C GLY C 123 -4.18 34.68 -13.44
N LYS C 124 -4.00 35.61 -12.51
CA LYS C 124 -5.08 36.45 -12.00
C LYS C 124 -4.50 37.70 -11.33
N GLU C 125 -5.09 38.86 -11.62
CA GLU C 125 -4.64 40.12 -11.00
C GLU C 125 -5.33 40.35 -9.66
N LEU C 126 -4.53 40.65 -8.64
CA LEU C 126 -5.05 40.92 -7.30
C LEU C 126 -5.14 42.43 -7.12
N SER C 127 -6.32 42.97 -7.38
CA SER C 127 -6.53 44.41 -7.32
C SER C 127 -6.58 44.87 -5.86
N GLY C 128 -5.87 45.96 -5.57
CA GLY C 128 -5.93 46.59 -4.25
C GLY C 128 -5.13 45.87 -3.20
N TYR C 129 -4.14 45.10 -3.65
CA TYR C 129 -3.42 44.18 -2.79
C TYR C 129 -2.70 44.93 -1.70
N GLU C 130 -1.99 46.00 -2.08
CA GLU C 130 -1.24 46.83 -1.11
C GLU C 130 -2.10 47.39 0.04
N ASN C 131 -3.43 47.32 -0.09
CA ASN C 131 -4.33 47.79 0.96
C ASN C 131 -4.76 46.67 1.89
N ILE C 132 -4.35 45.45 1.55
CA ILE C 132 -4.65 44.26 2.37
C ILE C 132 -3.50 43.95 3.32
N LYS C 133 -3.82 43.88 4.61
CA LYS C 133 -2.85 43.64 5.66
C LYS C 133 -2.63 42.13 5.80
N ARG C 134 -1.89 41.58 4.83
CA ARG C 134 -1.66 40.15 4.78
C ARG C 134 -0.21 39.74 5.10
N VAL C 135 -0.02 38.48 5.47
CA VAL C 135 1.26 37.95 5.93
C VAL C 135 1.40 36.50 5.50
N TYR C 136 2.62 36.07 5.20
CA TYR C 136 2.89 34.64 4.96
C TYR C 136 2.90 33.88 6.28
N GLY C 137 1.92 33.01 6.48
CA GLY C 137 1.67 32.33 7.76
C GLY C 137 2.61 31.19 8.10
N LEU C 138 3.92 31.46 8.12
CA LEU C 138 4.88 30.47 8.62
C LEU C 138 5.34 30.97 9.98
N PRO C 139 4.71 30.47 11.06
CA PRO C 139 4.95 31.04 12.40
C PRO C 139 6.37 30.96 12.88
N GLU C 140 7.11 29.91 12.49
CA GLU C 140 8.47 29.80 12.94
C GLU C 140 9.34 30.92 12.39
N LEU C 141 8.85 31.65 11.40
CA LEU C 141 9.57 32.83 10.85
C LEU C 141 8.89 34.17 11.01
N HIS C 142 7.56 34.22 11.17
CA HIS C 142 6.79 35.45 11.03
C HIS C 142 5.75 35.63 12.12
N ARG C 143 5.87 34.92 13.25
CA ARG C 143 4.84 35.00 14.26
C ARG C 143 4.62 36.42 14.77
N GLU C 144 5.66 37.23 14.83
CA GLU C 144 5.50 38.64 15.28
C GLU C 144 4.60 39.43 14.33
N GLU C 145 4.68 39.16 13.02
CA GLU C 145 3.78 39.82 12.06
C GLU C 145 2.41 39.17 11.96
N ILE C 146 2.34 37.86 12.13
CA ILE C 146 1.04 37.17 12.09
C ILE C 146 0.12 37.64 13.22
N LYS C 147 0.71 37.90 14.38
CA LYS C 147 0.03 38.47 15.56
C LYS C 147 -0.95 39.60 15.20
N ASN C 148 -0.49 40.50 14.35
CA ASN C 148 -1.25 41.70 13.96
C ASN C 148 -1.90 41.65 12.57
N ALA C 149 -1.79 40.53 11.87
CA ALA C 149 -2.31 40.44 10.51
C ALA C 149 -3.85 40.34 10.57
N GLN C 150 -4.55 40.87 9.57
CA GLN C 150 -5.99 40.59 9.42
C GLN C 150 -6.22 39.40 8.49
N VAL C 151 -5.29 39.19 7.57
CA VAL C 151 -5.37 38.12 6.58
C VAL C 151 -4.05 37.31 6.51
N VAL C 152 -4.15 36.01 6.64
CA VAL C 152 -2.95 35.16 6.56
C VAL C 152 -2.97 34.32 5.30
N GLY C 153 -1.86 34.35 4.58
CA GLY C 153 -1.65 33.48 3.46
C GLY C 153 -0.93 32.23 3.98
N ASN C 154 -1.72 31.23 4.33
CA ASN C 154 -1.15 29.94 4.85
C ASN C 154 -0.24 29.23 3.83
N PRO C 155 1.02 28.96 4.21
CA PRO C 155 1.99 28.43 3.27
C PRO C 155 1.51 27.16 2.60
N GLY C 156 2.01 26.91 1.42
CA GLY C 156 1.84 25.61 0.79
C GLY C 156 2.65 24.50 1.48
N CYS C 157 2.38 23.24 1.14
CA CYS C 157 2.97 22.11 1.88
C CYS C 157 4.44 21.90 1.55
N TYR C 158 4.83 21.82 0.27
CA TYR C 158 6.28 21.76 0.00
C TYR C 158 7.07 22.96 0.57
N PRO C 159 6.65 24.21 0.39
CA PRO C 159 7.40 25.29 0.95
C PRO C 159 7.56 25.15 2.46
N THR C 160 6.53 24.68 3.16
CA THR C 160 6.64 24.54 4.62
C THR C 160 7.82 23.65 4.95
N SER C 161 7.94 22.55 4.23
CA SER C 161 9.00 21.59 4.51
C SER C 161 10.39 22.09 4.13
N VAL C 162 10.46 22.80 3.02
CA VAL C 162 11.73 23.34 2.51
C VAL C 162 12.25 24.50 3.32
N ILE C 163 11.37 25.44 3.62
CA ILE C 163 11.81 26.61 4.34
C ILE C 163 12.25 26.20 5.77
N LEU C 164 11.49 25.33 6.42
CA LEU C 164 11.92 24.89 7.75
C LEU C 164 13.23 24.12 7.69
N ALA C 165 13.46 23.38 6.62
CA ALA C 165 14.67 22.57 6.48
C ALA C 165 15.92 23.45 6.29
N LEU C 166 15.75 24.60 5.65
CA LEU C 166 16.87 25.46 5.25
C LEU C 166 17.00 26.70 6.19
N ALA C 167 16.03 26.99 7.03
CA ALA C 167 16.04 28.31 7.71
C ALA C 167 17.33 28.63 8.49
N PRO C 168 17.81 27.71 9.34
CA PRO C 168 19.03 27.98 10.10
C PRO C 168 20.27 28.19 9.26
N ALA C 169 20.43 27.35 8.26
CA ALA C 169 21.54 27.44 7.33
C ALA C 169 21.62 28.77 6.65
N LEU C 170 20.49 29.29 6.19
CA LEU C 170 20.42 30.58 5.50
C LEU C 170 20.52 31.78 6.45
N LYS C 171 19.84 31.69 7.59
CA LYS C 171 19.96 32.75 8.57
C LYS C 171 21.41 32.94 9.03
N HIS C 172 22.12 31.87 9.22
CA HIS C 172 23.44 31.96 9.80
C HIS C 172 24.56 31.88 8.77
N ASN C 173 24.20 32.10 7.50
CA ASN C 173 25.17 32.08 6.43
C ASN C 173 26.08 30.88 6.47
N LEU C 174 25.51 29.68 6.55
CA LEU C 174 26.31 28.47 6.66
C LEU C 174 26.42 27.66 5.36
N VAL C 175 25.72 28.08 4.31
CA VAL C 175 25.69 27.40 3.01
C VAL C 175 25.70 28.50 1.94
N ASP C 176 26.00 28.07 0.73
CA ASP C 176 25.93 28.89 -0.48
C ASP C 176 24.49 28.94 -0.99
N PRO C 177 23.83 30.07 -0.80
CA PRO C 177 22.40 30.19 -1.02
C PRO C 177 22.07 30.28 -2.49
N GLU C 178 23.11 30.46 -3.31
CA GLU C 178 22.95 30.79 -4.71
C GLU C 178 22.10 29.78 -5.43
N THR C 179 22.52 28.52 -5.35
CA THR C 179 21.80 27.44 -5.98
C THR C 179 21.49 26.29 -4.99
N ILE C 180 20.21 26.00 -4.85
CA ILE C 180 19.74 24.98 -3.97
C ILE C 180 18.92 23.94 -4.73
N LEU C 181 19.26 22.66 -4.61
CA LEU C 181 18.45 21.66 -5.28
C LEU C 181 17.50 21.01 -4.27
N VAL C 182 16.24 20.90 -4.66
CA VAL C 182 15.18 20.35 -3.79
C VAL C 182 14.49 19.19 -4.54
N ASP C 183 14.71 17.98 -4.06
CA ASP C 183 14.03 16.83 -4.58
C ASP C 183 13.00 16.35 -3.56
N ALA C 184 11.72 16.55 -3.85
CA ALA C 184 10.63 16.32 -2.87
C ALA C 184 9.73 15.14 -3.23
N LYS C 185 9.19 14.52 -2.22
CA LYS C 185 8.39 13.32 -2.34
C LYS C 185 7.13 13.55 -1.49
N SER C 186 5.96 13.46 -2.10
CA SER C 186 4.69 13.62 -1.45
C SER C 186 3.77 12.44 -1.66
N GLY C 187 3.07 12.08 -0.59
CA GLY C 187 1.89 11.30 -0.73
C GLY C 187 0.82 11.99 -1.55
N VAL C 188 -0.14 11.20 -1.97
CA VAL C 188 -1.14 11.62 -2.96
C VAL C 188 -2.04 12.71 -2.50
N SER C 189 -2.43 12.70 -1.24
CA SER C 189 -3.31 13.72 -0.72
C SER C 189 -2.74 15.12 -0.90
N GLY C 190 -1.44 15.24 -1.09
CA GLY C 190 -0.76 16.53 -1.22
C GLY C 190 -0.22 16.88 -2.62
N ALA C 191 -0.67 16.17 -3.65
CA ALA C 191 -0.34 16.53 -5.06
C ALA C 191 -1.58 16.73 -5.92
N GLU C 195 -11.04 14.28 -8.10
CA GLU C 195 -9.89 13.55 -8.65
C GLU C 195 -10.09 13.10 -10.09
N LYS C 196 -9.10 13.45 -10.95
CA LYS C 196 -9.05 12.96 -12.33
C LYS C 196 -8.65 11.49 -12.33
N VAL C 197 -8.76 10.85 -13.50
CA VAL C 197 -8.42 9.41 -13.66
C VAL C 197 -7.00 9.02 -13.19
N ASP C 198 -6.07 9.97 -13.29
CA ASP C 198 -4.68 9.75 -12.87
C ASP C 198 -4.50 9.60 -11.35
N TYR C 199 -5.51 10.05 -10.58
CA TYR C 199 -5.49 10.01 -9.08
C TYR C 199 -6.35 8.90 -8.52
N LEU C 200 -6.66 7.96 -9.39
CA LEU C 200 -7.36 6.76 -9.05
C LEU C 200 -6.43 5.76 -8.43
N PHE C 201 -6.99 4.97 -7.52
CA PHE C 201 -6.19 3.96 -6.82
C PHE C 201 -5.39 3.07 -7.71
N SER C 202 -6.04 2.46 -8.72
CA SER C 202 -5.30 1.53 -9.59
C SER C 202 -4.22 2.22 -10.41
N GLU C 203 -4.36 3.51 -10.65
CA GLU C 203 -3.30 4.23 -11.38
C GLU C 203 -2.10 4.56 -10.49
N VAL C 204 -2.34 5.13 -9.33
CA VAL C 204 -1.27 5.56 -8.41
C VAL C 204 -0.57 4.42 -7.64
N ASN C 205 -1.33 3.39 -7.25
CA ASN C 205 -0.83 2.33 -6.38
C ASN C 205 0.37 1.64 -6.98
N GLU C 206 1.39 1.42 -6.12
CA GLU C 206 2.57 0.62 -6.47
C GLU C 206 3.44 1.28 -7.54
N SER C 207 3.39 2.59 -7.57
CA SER C 207 4.14 3.38 -8.53
C SER C 207 4.55 4.72 -7.94
N LEU C 208 5.68 5.19 -8.44
CA LEU C 208 6.25 6.44 -8.11
C LEU C 208 6.54 7.22 -9.43
N ARG C 209 6.24 8.51 -9.47
CA ARG C 209 6.54 9.29 -10.68
C ARG C 209 6.90 10.73 -10.35
N PRO C 210 7.86 11.33 -11.08
CA PRO C 210 8.06 12.80 -10.98
C PRO C 210 6.88 13.53 -11.63
N TYR C 211 6.59 14.77 -11.24
CA TYR C 211 5.60 15.57 -11.94
C TYR C 211 5.98 17.05 -11.85
N ASN C 212 5.51 17.83 -12.81
CA ASN C 212 5.73 19.26 -12.81
C ASN C 212 7.18 19.61 -12.52
N VAL C 213 8.10 18.96 -13.21
CA VAL C 213 9.52 19.12 -12.93
C VAL C 213 10.01 20.55 -13.23
N ALA C 214 10.75 21.16 -12.31
CA ALA C 214 11.26 22.52 -12.46
C ALA C 214 10.24 23.55 -13.00
N LYS C 215 8.95 23.30 -12.77
CA LYS C 215 7.88 24.21 -13.19
C LYS C 215 6.68 23.94 -12.28
N HIS C 216 6.79 24.47 -11.07
CA HIS C 216 5.79 24.23 -10.04
C HIS C 216 5.64 25.56 -9.36
N ARG C 217 4.39 25.93 -9.10
CA ARG C 217 4.03 27.21 -8.51
C ARG C 217 4.54 27.46 -7.10
N HIS C 218 5.02 26.42 -6.41
CA HIS C 218 5.57 26.57 -5.04
C HIS C 218 7.01 27.10 -5.11
N VAL C 219 7.63 27.01 -6.29
CA VAL C 219 9.02 27.48 -6.44
C VAL C 219 9.19 28.98 -6.12
N PRO C 220 8.41 29.87 -6.73
CA PRO C 220 8.55 31.29 -6.42
C PRO C 220 8.15 31.65 -4.96
N GLU C 221 7.23 30.87 -4.41
CA GLU C 221 6.91 30.93 -3.01
C GLU C 221 8.11 30.61 -2.11
N MSE C 222 8.83 29.51 -2.39
CA MSE C 222 10.05 29.22 -1.66
C MSE C 222 11.10 30.31 -1.80
O MSE C 222 11.78 30.65 -0.85
CB MSE C 222 10.66 27.90 -2.19
CG MSE C 222 9.73 26.78 -2.01
SE MSE C 222 10.45 25.16 -2.91
CE MSE C 222 8.96 24.10 -2.43
N GLU C 223 11.29 30.81 -3.02
CA GLU C 223 12.38 31.72 -3.27
C GLU C 223 12.19 33.02 -2.54
N GLN C 224 10.94 33.42 -2.48
CA GLN C 224 10.50 34.58 -1.71
C GLN C 224 10.93 34.54 -0.24
N GLU C 225 10.61 33.42 0.41
CA GLU C 225 10.84 33.26 1.82
C GLU C 225 12.28 32.93 2.08
N LEU C 226 12.86 32.07 1.25
CA LEU C 226 14.26 31.77 1.43
C LEU C 226 15.21 32.99 1.24
N GLY C 227 14.88 33.90 0.32
CA GLY C 227 15.69 35.10 0.10
C GLY C 227 15.61 36.08 1.26
N LYS C 228 14.42 36.21 1.85
CA LYS C 228 14.25 37.01 3.05
C LYS C 228 15.15 36.51 4.17
N ILE C 229 15.24 35.19 4.33
CA ILE C 229 16.05 34.65 5.41
C ILE C 229 17.53 34.84 5.13
N SER C 230 17.90 34.61 3.87
CA SER C 230 19.29 34.66 3.45
C SER C 230 19.84 36.09 3.44
N GLY C 231 19.06 37.03 2.90
CA GLY C 231 19.56 38.35 2.59
C GLY C 231 20.36 38.36 1.29
N LYS C 232 20.26 37.27 0.56
CA LYS C 232 20.84 37.07 -0.77
C LYS C 232 19.76 36.38 -1.63
N LYS C 233 19.92 36.46 -2.95
CA LYS C 233 19.05 35.79 -3.93
C LYS C 233 19.24 34.25 -3.92
N VAL C 234 18.12 33.55 -3.95
CA VAL C 234 18.09 32.09 -3.92
C VAL C 234 17.40 31.62 -5.17
N ASN C 235 18.10 30.80 -5.93
CA ASN C 235 17.48 30.02 -6.97
C ASN C 235 17.29 28.60 -6.51
N VAL C 236 16.04 28.13 -6.58
CA VAL C 236 15.70 26.75 -6.30
C VAL C 236 15.47 25.92 -7.58
N VAL C 237 16.11 24.76 -7.66
CA VAL C 237 15.75 23.73 -8.63
C VAL C 237 14.88 22.66 -7.93
N PHE C 238 13.63 22.54 -8.32
CA PHE C 238 12.60 21.80 -7.53
C PHE C 238 12.01 20.67 -8.39
N THR C 239 12.13 19.42 -7.92
CA THR C 239 11.50 18.29 -8.55
C THR C 239 10.60 17.54 -7.53
N PRO C 240 9.29 17.68 -7.65
CA PRO C 240 8.35 16.84 -6.87
C PRO C 240 8.05 15.44 -7.46
N HIS C 241 7.69 14.50 -6.59
CA HIS C 241 7.43 13.14 -6.95
C HIS C 241 6.20 12.68 -6.13
N LEU C 242 5.30 11.98 -6.81
CA LEU C 242 4.09 11.41 -6.27
C LEU C 242 4.40 10.01 -5.77
N VAL C 243 4.16 9.80 -4.48
CA VAL C 243 4.46 8.57 -3.75
C VAL C 243 3.18 7.80 -3.45
N PRO C 244 3.18 6.48 -3.57
CA PRO C 244 1.95 5.73 -3.30
C PRO C 244 1.67 5.52 -1.80
N MSE C 245 1.36 6.62 -1.12
CA MSE C 245 0.85 6.55 0.23
C MSE C 245 -0.02 7.76 0.35
O MSE C 245 0.06 8.64 -0.49
CB MSE C 245 1.99 6.63 1.22
CG MSE C 245 2.81 7.85 1.06
SE MSE C 245 4.59 7.86 2.01
CE MSE C 245 4.83 9.72 1.97
N THR C 246 -0.90 7.78 1.32
CA THR C 246 -1.86 8.88 1.40
C THR C 246 -1.26 10.21 1.80
N ARG C 247 -0.41 10.22 2.81
CA ARG C 247 0.15 11.45 3.26
C ARG C 247 1.61 11.44 3.56
N GLY C 248 2.10 12.64 3.81
CA GLY C 248 3.46 12.95 4.23
C GLY C 248 4.29 13.55 3.09
N ILE C 249 5.19 14.45 3.49
CA ILE C 249 6.21 14.97 2.55
C ILE C 249 7.59 14.72 3.09
N LEU C 250 8.52 14.39 2.20
CA LEU C 250 9.93 14.43 2.52
C LEU C 250 10.61 15.24 1.45
N SER C 251 11.33 16.27 1.87
CA SER C 251 12.12 17.12 0.98
C SER C 251 13.58 16.77 1.23
N THR C 252 14.28 16.29 0.19
CA THR C 252 15.74 16.06 0.23
C THR C 252 16.41 17.26 -0.44
N ILE C 253 17.09 18.09 0.37
CA ILE C 253 17.67 19.37 -0.07
C ILE C 253 19.21 19.30 -0.20
N TYR C 254 19.74 19.73 -1.34
CA TYR C 254 21.19 19.72 -1.58
C TYR C 254 21.75 21.12 -1.79
N VAL C 255 22.75 21.48 -1.01
CA VAL C 255 23.38 22.76 -1.09
C VAL C 255 24.87 22.67 -0.75
N LYS C 256 25.68 23.50 -1.42
CA LYS C 256 27.12 23.58 -1.14
C LYS C 256 27.40 24.33 0.17
N THR C 257 28.41 23.88 0.88
CA THR C 257 28.78 24.57 2.15
C THR C 257 30.27 24.48 2.40
N ASP C 258 30.82 25.46 3.13
CA ASP C 258 32.22 25.31 3.55
C ASP C 258 32.34 25.02 5.04
N LYS C 259 31.20 24.76 5.68
CA LYS C 259 31.13 24.52 7.13
C LYS C 259 31.09 23.01 7.42
N SER C 260 31.40 22.63 8.65
CA SER C 260 31.37 21.24 9.06
C SER C 260 29.91 20.86 9.37
N LEU C 261 29.61 19.58 9.30
CA LEU C 261 28.29 19.05 9.65
C LEU C 261 27.97 19.30 11.13
N GLU C 262 29.01 19.21 11.96
CA GLU C 262 28.86 19.38 13.41
C GLU C 262 28.45 20.80 13.70
N GLU C 263 29.13 21.73 13.02
CA GLU C 263 28.83 23.15 13.08
C GLU C 263 27.40 23.43 12.69
N ILE C 264 26.98 22.87 11.57
CA ILE C 264 25.61 23.11 11.06
C ILE C 264 24.55 22.54 12.00
N HIS C 265 24.80 21.35 12.50
CA HIS C 265 23.91 20.65 13.40
C HIS C 265 23.71 21.44 14.70
N GLU C 266 24.81 21.96 15.25
CA GLU C 266 24.71 22.79 16.45
C GLU C 266 23.85 23.98 16.18
N ALA C 267 24.01 24.57 15.00
CA ALA C 267 23.24 25.72 14.61
C ALA C 267 21.78 25.38 14.51
N TYR C 268 21.44 24.23 13.92
CA TYR C 268 20.05 23.77 13.82
C TYR C 268 19.39 23.56 15.19
N LEU C 269 20.11 22.90 16.10
CA LEU C 269 19.63 22.71 17.48
C LEU C 269 19.34 24.01 18.12
N GLU C 270 20.27 24.96 17.98
CA GLU C 270 20.06 26.30 18.60
C GLU C 270 18.88 27.01 18.01
N PHE C 271 18.76 26.97 16.69
CA PHE C 271 17.71 27.70 16.02
C PHE C 271 16.30 27.22 16.45
N TYR C 272 16.17 25.92 16.61
CA TYR C 272 14.88 25.32 16.88
C TYR C 272 14.69 24.98 18.35
N LYS C 273 15.65 25.33 19.20
CA LYS C 273 15.60 24.86 20.60
C LYS C 273 14.29 25.19 21.32
N ASN C 274 13.71 26.35 21.02
CA ASN C 274 12.45 26.74 21.67
C ASN C 274 11.24 26.60 20.74
N GLU C 275 11.37 25.85 19.62
CA GLU C 275 10.26 25.68 18.69
C GLU C 275 9.56 24.36 18.93
N PRO C 276 8.35 24.36 19.49
CA PRO C 276 7.72 23.10 19.91
C PRO C 276 7.40 22.11 18.79
N PHE C 277 7.25 22.61 17.57
CA PHE C 277 6.92 21.70 16.43
C PHE C 277 8.07 21.31 15.52
N VAL C 278 9.30 21.75 15.79
CA VAL C 278 10.38 21.31 14.87
C VAL C 278 11.47 20.54 15.62
N HIS C 279 11.80 19.34 15.13
CA HIS C 279 12.64 18.49 15.91
C HIS C 279 13.81 18.12 15.07
N VAL C 280 14.98 18.61 15.45
CA VAL C 280 16.22 18.28 14.77
C VAL C 280 16.68 16.97 15.34
N LEU C 281 16.84 15.99 14.46
CA LEU C 281 17.23 14.68 14.83
C LEU C 281 18.71 14.59 15.18
N PRO C 282 19.10 13.55 15.92
CA PRO C 282 20.53 13.31 16.14
C PRO C 282 21.30 13.09 14.85
N MSE C 283 22.59 13.41 14.88
CA MSE C 283 23.39 13.16 13.68
C MSE C 283 23.34 11.66 13.29
O MSE C 283 23.33 10.79 14.15
CB MSE C 283 24.83 13.69 13.85
CG MSE C 283 25.03 15.04 13.09
SE MSE C 283 26.61 15.85 13.68
CE MSE C 283 27.95 14.74 12.69
N GLY C 284 23.25 11.38 12.00
CA GLY C 284 23.22 10.01 11.51
C GLY C 284 21.83 9.44 11.36
N ILE C 285 20.82 10.16 11.85
CA ILE C 285 19.42 9.72 11.86
C ILE C 285 18.62 10.51 10.84
N TYR C 286 17.84 9.83 10.02
CA TYR C 286 17.14 10.43 8.86
C TYR C 286 15.65 10.28 9.14
N PRO C 287 14.85 11.30 8.79
CA PRO C 287 13.42 11.22 9.02
C PRO C 287 12.67 10.15 8.15
N SER C 288 11.68 9.49 8.74
CA SER C 288 10.59 8.79 8.05
C SER C 288 9.34 9.60 8.01
N THR C 289 8.68 9.70 6.86
CA THR C 289 7.50 10.60 6.80
C THR C 289 6.38 10.28 7.80
N LYS C 290 6.20 8.99 8.08
CA LYS C 290 5.13 8.47 8.99
C LYS C 290 5.38 8.86 10.44
N TRP C 291 6.58 9.34 10.75
CA TRP C 291 6.88 9.89 12.08
C TRP C 291 6.07 11.15 12.42
N CYS C 292 5.51 11.79 11.41
CA CYS C 292 4.67 12.98 11.57
C CYS C 292 3.18 12.75 11.62
N TYR C 293 2.75 11.53 11.37
CA TYR C 293 1.37 11.19 10.92
C TYR C 293 0.32 11.80 11.83
N GLY C 294 -0.52 12.65 11.24
CA GLY C 294 -1.62 13.25 11.92
C GLY C 294 -1.29 14.43 12.79
N SER C 295 -0.01 14.82 12.91
CA SER C 295 0.39 15.82 13.91
C SER C 295 0.97 17.06 13.24
N ASN C 296 1.17 18.16 14.02
CA ASN C 296 1.77 19.40 13.52
C ASN C 296 3.31 19.43 13.57
N HIS C 297 3.93 18.26 13.73
CA HIS C 297 5.38 18.12 14.03
C HIS C 297 6.20 17.80 12.80
N VAL C 298 7.42 18.34 12.79
CA VAL C 298 8.38 18.26 11.67
C VAL C 298 9.68 17.63 12.19
N PHE C 299 10.30 16.72 11.41
CA PHE C 299 11.57 16.21 11.76
C PHE C 299 12.58 16.59 10.68
N ILE C 300 13.78 16.95 11.11
CA ILE C 300 14.86 17.38 10.22
C ILE C 300 16.10 16.56 10.52
N GLY C 301 16.65 15.91 9.50
CA GLY C 301 17.95 15.28 9.57
C GLY C 301 18.93 15.81 8.50
N MSE C 302 20.21 15.45 8.59
CA MSE C 302 21.24 15.99 7.70
C MSE C 302 22.41 15.05 7.53
O MSE C 302 22.65 14.18 8.38
CB MSE C 302 21.70 17.35 8.23
CG MSE C 302 22.49 17.24 9.53
SE MSE C 302 22.76 19.04 10.19
CE MSE C 302 21.06 19.46 10.61
N GLN C 303 23.08 15.15 6.40
CA GLN C 303 24.35 14.48 6.16
C GLN C 303 25.21 15.37 5.27
N MSE C 304 26.48 15.02 5.20
CA MSE C 304 27.43 15.68 4.32
C MSE C 304 28.02 14.70 3.35
O MSE C 304 28.41 13.59 3.71
CB MSE C 304 28.53 16.35 5.15
CG MSE C 304 29.55 17.13 4.32
SE MSE C 304 28.83 18.92 4.02
CE MSE C 304 28.83 19.52 5.90
N GLU C 305 28.12 15.10 2.10
CA GLU C 305 28.96 14.37 1.17
C GLU C 305 30.27 15.20 1.16
N GLU C 306 31.29 14.62 1.77
CA GLU C 306 32.50 15.36 2.09
C GLU C 306 33.40 15.66 0.92
N ARG C 307 33.39 14.83 -0.10
CA ARG C 307 34.25 15.10 -1.23
C ARG C 307 33.81 16.31 -2.02
N THR C 308 32.52 16.63 -2.01
CA THR C 308 31.98 17.70 -2.85
C THR C 308 31.51 18.85 -2.02
N ASN C 309 31.63 18.71 -0.71
CA ASN C 309 31.09 19.70 0.23
C ASN C 309 29.63 20.02 0.03
N THR C 310 28.87 18.95 -0.13
CA THR C 310 27.44 19.01 -0.32
C THR C 310 26.74 18.63 0.98
N LEU C 311 26.00 19.59 1.54
CA LEU C 311 25.11 19.35 2.65
C LEU C 311 23.79 18.79 2.09
N ILE C 312 23.29 17.73 2.75
CA ILE C 312 22.01 17.15 2.40
C ILE C 312 21.11 17.28 3.59
N LEU C 313 20.07 18.09 3.45
CA LEU C 313 19.08 18.30 4.44
C LEU C 313 17.82 17.54 4.09
N MSE C 314 17.21 16.92 5.11
CA MSE C 314 15.99 16.15 4.93
C MSE C 314 14.95 16.58 5.94
O MSE C 314 15.19 16.54 7.12
CB MSE C 314 16.30 14.66 5.06
CG MSE C 314 17.21 14.14 4.00
SE MSE C 314 18.39 12.65 4.44
CE MSE C 314 19.89 13.63 5.30
N SER C 315 13.78 16.98 5.47
CA SER C 315 12.73 17.25 6.37
C SER C 315 11.44 16.53 6.00
N ALA C 316 10.70 16.12 7.04
CA ALA C 316 9.46 15.39 6.90
C ALA C 316 8.36 16.13 7.67
N ILE C 317 7.21 16.20 7.02
CA ILE C 317 6.01 16.80 7.59
C ILE C 317 4.81 15.95 7.12
N ASP C 318 3.73 16.01 7.89
CA ASP C 318 2.43 15.53 7.41
C ASP C 318 1.85 16.65 6.58
N ASN C 319 1.68 16.42 5.29
CA ASN C 319 1.23 17.51 4.38
C ASN C 319 -0.15 18.14 4.68
N LEU C 320 -1.03 17.36 5.29
CA LEU C 320 -2.40 17.81 5.66
C LEU C 320 -2.48 18.52 6.97
N VAL C 321 -1.43 18.44 7.76
CA VAL C 321 -1.45 19.06 9.10
C VAL C 321 -0.47 20.26 9.19
N LYS C 322 0.80 20.03 9.51
CA LYS C 322 1.76 21.11 9.43
C LYS C 322 1.83 21.67 8.01
N GLY C 323 1.66 20.82 7.01
CA GLY C 323 1.60 21.27 5.65
C GLY C 323 0.36 22.02 5.24
N ALA C 324 -0.65 22.05 6.09
CA ALA C 324 -1.91 22.74 5.76
C ALA C 324 -2.68 23.15 6.97
N SER C 325 -3.59 22.29 7.43
CA SER C 325 -4.60 22.68 8.42
C SER C 325 -4.11 22.89 9.83
N GLY C 326 -3.06 22.16 10.24
CA GLY C 326 -2.44 22.35 11.55
C GLY C 326 -1.75 23.68 11.60
N GLN C 327 -1.02 24.03 10.54
CA GLN C 327 -0.38 25.35 10.45
C GLN C 327 -1.43 26.44 10.45
N ALA C 328 -2.56 26.17 9.83
CA ALA C 328 -3.66 27.16 9.80
C ALA C 328 -4.13 27.40 11.22
N VAL C 329 -4.29 26.32 12.00
CA VAL C 329 -4.75 26.45 13.38
C VAL C 329 -3.67 27.11 14.21
N GLN C 330 -2.42 26.73 13.98
CA GLN C 330 -1.31 27.39 14.67
C GLN C 330 -1.37 28.92 14.48
N ASN C 331 -1.66 29.35 13.24
CA ASN C 331 -1.76 30.77 12.87
C ASN C 331 -2.89 31.47 13.60
N MSE C 332 -4.00 30.76 13.69
CA MSE C 332 -5.14 31.30 14.44
C MSE C 332 -4.82 31.62 15.92
O MSE C 332 -5.21 32.71 16.45
CB MSE C 332 -6.29 30.29 14.36
CG MSE C 332 -7.59 30.74 15.02
SE MSE C 332 -8.87 29.24 15.41
CE MSE C 332 -7.92 28.17 16.85
N ASN C 333 -4.18 30.66 16.57
CA ASN C 333 -3.72 30.79 17.94
C ASN C 333 -2.92 32.11 18.11
N ILE C 334 -1.99 32.36 17.17
CA ILE C 334 -1.14 33.55 17.19
C ILE C 334 -1.99 34.79 17.03
N MSE C 335 -2.92 34.74 16.09
CA MSE C 335 -3.82 35.86 15.82
C MSE C 335 -4.72 36.21 16.99
O MSE C 335 -5.04 37.40 17.16
CB MSE C 335 -4.71 35.60 14.62
CG MSE C 335 -3.92 35.50 13.34
SE MSE C 335 -4.96 34.93 11.79
CE MSE C 335 -5.40 36.64 11.02
N PHE C 336 -5.16 35.20 17.76
CA PHE C 336 -6.05 35.46 18.93
C PHE C 336 -5.33 35.45 20.30
N GLY C 337 -4.00 35.56 20.28
CA GLY C 337 -3.20 35.65 21.49
C GLY C 337 -3.23 34.42 22.38
N LEU C 338 -3.58 33.28 21.81
CA LEU C 338 -3.52 32.00 22.50
C LEU C 338 -2.13 31.39 22.45
N ASP C 339 -1.87 30.51 23.41
CA ASP C 339 -0.64 29.73 23.37
C ASP C 339 -0.57 29.05 22.01
N GLU C 340 0.57 29.14 21.34
CA GLU C 340 0.69 28.68 19.98
C GLU C 340 0.34 27.21 19.81
N THR C 341 0.59 26.40 20.83
CA THR C 341 0.32 24.97 20.76
C THR C 341 -1.08 24.53 21.13
N LYS C 342 -1.98 25.47 21.41
CA LYS C 342 -3.35 25.10 21.83
C LYS C 342 -4.00 24.32 20.71
N GLY C 343 -4.60 23.17 21.04
CA GLY C 343 -5.25 22.34 20.03
C GLY C 343 -4.30 21.52 19.19
N LEU C 344 -2.99 21.67 19.42
CA LEU C 344 -1.98 21.05 18.53
C LEU C 344 -0.92 20.22 19.31
N GLU C 345 -1.19 19.88 20.56
CA GLU C 345 -0.10 19.40 21.47
C GLU C 345 0.23 17.95 21.18
N PHE C 346 -0.83 17.22 20.85
CA PHE C 346 -0.79 15.82 20.60
C PHE C 346 0.28 15.33 19.64
N THR C 347 0.58 14.06 19.76
CA THR C 347 1.72 13.51 19.13
C THR C 347 1.37 12.65 17.91
N PRO C 348 2.35 12.45 17.07
CA PRO C 348 2.15 11.58 15.90
C PRO C 348 1.52 10.24 16.26
N ILE C 349 0.69 9.71 15.36
CA ILE C 349 0.17 8.34 15.50
C ILE C 349 1.08 7.36 14.78
N TYR C 350 1.41 6.25 15.40
CA TYR C 350 2.33 5.33 14.76
C TYR C 350 2.02 3.94 15.28
N PRO C 351 2.11 2.88 14.47
CA PRO C 351 2.60 2.88 13.07
C PRO C 351 1.49 3.19 12.07
N MSE D 13 -1.51 -18.24 -37.93
CA MSE D 13 -1.47 -17.10 -36.95
C MSE D 13 -2.89 -16.47 -36.86
O MSE D 13 -3.37 -15.90 -37.84
CB MSE D 13 -0.43 -16.07 -37.40
CG MSE D 13 0.36 -15.41 -36.27
N ILE D 14 -3.54 -16.61 -35.71
CA ILE D 14 -4.92 -16.14 -35.51
C ILE D 14 -4.96 -14.61 -35.48
N ARG D 15 -5.98 -14.02 -36.12
CA ARG D 15 -6.11 -12.56 -36.18
C ARG D 15 -7.11 -12.07 -35.12
N ALA D 16 -6.58 -11.46 -34.07
CA ALA D 16 -7.41 -11.04 -32.94
C ALA D 16 -7.68 -9.54 -32.96
N GLY D 17 -8.95 -9.17 -32.80
CA GLY D 17 -9.32 -7.79 -32.56
C GLY D 17 -9.75 -7.58 -31.10
N ILE D 18 -9.53 -6.37 -30.60
CA ILE D 18 -9.97 -6.00 -29.24
C ILE D 18 -10.82 -4.76 -29.34
N ILE D 19 -12.09 -4.87 -28.95
CA ILE D 19 -12.96 -3.71 -28.88
C ILE D 19 -13.03 -3.25 -27.43
N GLY D 20 -12.48 -2.07 -27.17
CA GLY D 20 -12.38 -1.53 -25.81
C GLY D 20 -11.01 -1.78 -25.24
N ALA D 21 -10.01 -1.30 -25.97
CA ALA D 21 -8.62 -1.65 -25.70
C ALA D 21 -7.98 -0.81 -24.59
N THR D 22 -8.63 0.26 -24.15
CA THR D 22 -8.06 1.15 -23.10
C THR D 22 -8.57 0.90 -21.68
N GLY D 23 -9.39 -0.13 -21.52
CA GLY D 23 -9.71 -0.65 -20.21
C GLY D 23 -8.64 -1.62 -19.76
N TYR D 24 -8.61 -1.93 -18.46
CA TYR D 24 -7.60 -2.82 -17.94
C TYR D 24 -7.59 -4.21 -18.55
N THR D 25 -8.77 -4.77 -18.78
CA THR D 25 -8.93 -6.09 -19.39
C THR D 25 -8.40 -6.05 -20.82
N GLY D 26 -8.63 -4.93 -21.51
CA GLY D 26 -8.07 -4.68 -22.84
C GLY D 26 -6.55 -4.67 -22.77
N LEU D 27 -5.97 -3.91 -21.84
CA LEU D 27 -4.51 -3.86 -21.72
C LEU D 27 -3.89 -5.24 -21.51
N GLU D 28 -4.56 -6.10 -20.72
CA GLU D 28 -4.02 -7.42 -20.43
C GLU D 28 -4.16 -8.30 -21.67
N LEU D 29 -5.24 -8.11 -22.42
CA LEU D 29 -5.40 -8.78 -23.71
C LEU D 29 -4.26 -8.44 -24.63
N VAL D 30 -3.89 -7.16 -24.68
CA VAL D 30 -2.76 -6.75 -25.51
C VAL D 30 -1.45 -7.43 -25.08
N ARG D 31 -1.15 -7.39 -23.79
CA ARG D 31 0.04 -8.05 -23.29
C ARG D 31 0.05 -9.55 -23.61
N LEU D 32 -1.09 -10.21 -23.46
CA LEU D 32 -1.17 -11.67 -23.64
C LEU D 32 -1.14 -12.07 -25.11
N LEU D 33 -1.82 -11.29 -25.95
CA LEU D 33 -1.84 -11.59 -27.39
C LEU D 33 -0.49 -11.28 -28.04
N LYS D 34 0.14 -10.19 -27.59
CA LYS D 34 1.48 -9.85 -28.07
C LYS D 34 2.43 -11.03 -27.86
N ASN D 35 2.33 -11.68 -26.71
CA ASN D 35 3.22 -12.78 -26.34
C ASN D 35 2.77 -14.13 -26.91
N HIS D 36 1.52 -14.20 -27.38
CA HIS D 36 0.92 -15.44 -27.86
C HIS D 36 1.64 -15.79 -29.16
N PRO D 37 2.17 -17.01 -29.24
CA PRO D 37 2.97 -17.46 -30.37
C PRO D 37 2.16 -17.71 -31.62
N GLU D 38 0.86 -17.90 -31.47
CA GLU D 38 0.03 -18.30 -32.60
C GLU D 38 -1.15 -17.39 -32.84
N ALA D 39 -1.08 -16.17 -32.29
CA ALA D 39 -2.10 -15.16 -32.52
C ALA D 39 -1.44 -13.82 -32.71
N LYS D 40 -2.14 -12.89 -33.35
CA LYS D 40 -1.65 -11.51 -33.45
C LYS D 40 -2.76 -10.50 -33.58
N ILE D 41 -2.49 -9.31 -33.04
CA ILE D 41 -3.48 -8.24 -32.96
C ILE D 41 -3.58 -7.54 -34.31
N THR D 42 -4.78 -7.57 -34.91
CA THR D 42 -5.06 -6.91 -36.16
C THR D 42 -6.04 -5.74 -36.05
N TYR D 43 -6.64 -5.55 -34.88
CA TYR D 43 -7.60 -4.49 -34.68
C TYR D 43 -7.61 -4.09 -33.20
N LEU D 44 -7.61 -2.79 -32.96
CA LEU D 44 -7.73 -2.22 -31.64
C LEU D 44 -8.65 -1.02 -31.75
N SER D 45 -9.75 -1.02 -31.00
CA SER D 45 -10.61 0.16 -30.95
C SER D 45 -10.82 0.63 -29.52
N SER D 46 -11.05 1.93 -29.38
CA SER D 46 -11.40 2.52 -28.10
C SER D 46 -12.48 3.55 -28.28
N ARG D 47 -13.54 3.44 -27.49
CA ARG D 47 -14.60 4.45 -27.54
C ARG D 47 -14.08 5.80 -27.07
N THR D 48 -13.04 5.79 -26.24
CA THR D 48 -12.57 6.99 -25.56
C THR D 48 -11.32 7.64 -26.19
N TYR D 49 -10.40 6.82 -26.71
CA TYR D 49 -9.10 7.30 -27.17
C TYR D 49 -8.82 7.00 -28.64
N ALA D 50 -9.87 6.65 -29.38
CA ALA D 50 -9.75 6.50 -30.83
C ALA D 50 -8.95 7.66 -31.42
N GLY D 51 -7.98 7.35 -32.28
CA GLY D 51 -7.16 8.38 -32.91
C GLY D 51 -5.76 8.51 -32.34
N LYS D 52 -5.56 7.99 -31.14
CA LYS D 52 -4.28 8.09 -30.42
C LYS D 52 -3.55 6.75 -30.45
N LYS D 53 -2.23 6.79 -30.40
CA LYS D 53 -1.41 5.58 -30.26
C LYS D 53 -1.65 5.01 -28.86
N LEU D 54 -1.74 3.69 -28.74
CA LEU D 54 -2.05 3.10 -27.45
C LEU D 54 -1.02 3.53 -26.40
N GLU D 55 0.26 3.66 -26.80
CA GLU D 55 1.32 4.04 -25.86
C GLU D 55 1.36 5.53 -25.52
N GLU D 56 0.60 6.34 -26.23
CA GLU D 56 0.37 7.74 -25.83
C GLU D 56 -0.52 7.71 -24.59
N ILE D 57 -1.38 6.70 -24.50
CA ILE D 57 -2.31 6.59 -23.38
C ILE D 57 -1.66 5.79 -22.22
N PHE D 58 -1.08 4.64 -22.54
CA PHE D 58 -0.44 3.77 -21.54
C PHE D 58 0.94 3.41 -22.07
N PRO D 59 1.94 4.20 -21.73
CA PRO D 59 3.31 3.98 -22.23
C PRO D 59 3.86 2.58 -21.93
N SER D 60 3.41 1.99 -20.85
CA SER D 60 3.77 0.62 -20.48
C SER D 60 3.40 -0.47 -21.50
N THR D 61 2.44 -0.21 -22.40
CA THR D 61 2.03 -1.22 -23.40
C THR D 61 3.08 -1.45 -24.48
N LEU D 62 3.91 -0.43 -24.71
CA LEU D 62 4.90 -0.47 -25.77
C LEU D 62 4.25 -0.65 -27.15
N GLU D 63 3.00 -0.17 -27.27
CA GLU D 63 2.19 -0.39 -28.48
C GLU D 63 1.95 0.90 -29.23
N ASN D 64 2.56 1.03 -30.40
CA ASN D 64 2.47 2.25 -31.19
C ASN D 64 1.25 2.30 -32.13
N SER D 65 0.47 1.21 -32.19
CA SER D 65 -0.74 1.17 -33.04
C SER D 65 -1.70 2.29 -32.66
N ILE D 66 -2.30 2.90 -33.67
CA ILE D 66 -3.36 3.87 -33.45
C ILE D 66 -4.67 3.13 -33.13
N LEU D 67 -5.39 3.65 -32.15
CA LEU D 67 -6.65 3.08 -31.75
C LEU D 67 -7.73 3.48 -32.76
N SER D 68 -8.47 2.47 -33.25
CA SER D 68 -9.50 2.67 -34.26
C SER D 68 -10.81 3.20 -33.66
N GLU D 69 -11.64 3.77 -34.54
CA GLU D 69 -13.03 4.06 -34.25
C GLU D 69 -13.78 2.86 -34.82
N PHE D 70 -14.51 2.16 -33.96
CA PHE D 70 -15.07 0.87 -34.30
C PHE D 70 -15.83 0.90 -35.63
N ASP D 71 -15.40 0.04 -36.55
CA ASP D 71 -15.98 -0.13 -37.87
C ASP D 71 -16.16 -1.63 -38.13
N PRO D 72 -17.39 -2.11 -38.15
CA PRO D 72 -17.64 -3.56 -38.22
C PRO D 72 -17.25 -4.19 -39.55
N GLU D 73 -17.10 -3.37 -40.59
CA GLU D 73 -16.63 -3.85 -41.90
C GLU D 73 -15.14 -4.19 -41.82
N LYS D 74 -14.37 -3.30 -41.20
CA LYS D 74 -12.94 -3.51 -41.01
C LYS D 74 -12.67 -4.68 -40.07
N VAL D 75 -13.52 -4.84 -39.07
CA VAL D 75 -13.45 -5.99 -38.17
C VAL D 75 -13.71 -7.29 -38.95
N SER D 76 -14.84 -7.35 -39.65
CA SER D 76 -15.21 -8.52 -40.44
C SER D 76 -14.09 -8.87 -41.43
N LYS D 77 -13.51 -7.84 -42.04
CA LYS D 77 -12.35 -7.99 -42.91
C LYS D 77 -11.15 -8.63 -42.21
N ASN D 78 -10.80 -8.14 -41.01
CA ASN D 78 -9.43 -8.32 -40.48
C ASN D 78 -9.20 -9.34 -39.34
N CYS D 79 -10.27 -9.95 -38.82
CA CYS D 79 -10.16 -10.78 -37.62
C CYS D 79 -10.87 -12.12 -37.73
N ASP D 80 -10.25 -13.15 -37.15
CA ASP D 80 -10.92 -14.43 -36.95
C ASP D 80 -11.75 -14.43 -35.66
N VAL D 81 -11.32 -13.64 -34.69
CA VAL D 81 -11.91 -13.66 -33.35
C VAL D 81 -11.89 -12.24 -32.82
N LEU D 82 -12.95 -11.87 -32.11
CA LEU D 82 -13.03 -10.57 -31.49
C LEU D 82 -13.29 -10.72 -30.00
N PHE D 83 -12.52 -9.98 -29.21
CA PHE D 83 -12.76 -9.84 -27.77
C PHE D 83 -13.49 -8.51 -27.54
N THR D 84 -14.60 -8.53 -26.80
CA THR D 84 -15.35 -7.29 -26.56
C THR D 84 -15.34 -6.89 -25.08
N ALA D 85 -14.97 -5.64 -24.83
CA ALA D 85 -14.98 -5.05 -23.49
C ALA D 85 -15.73 -3.74 -23.58
N LEU D 86 -17.06 -3.83 -23.56
CA LEU D 86 -17.93 -2.70 -23.77
C LEU D 86 -18.92 -2.58 -22.59
N PRO D 87 -19.68 -1.49 -22.52
CA PRO D 87 -20.76 -1.37 -21.54
C PRO D 87 -21.88 -2.38 -21.83
N ALA D 88 -22.51 -2.91 -20.78
CA ALA D 88 -23.48 -4.01 -20.91
C ALA D 88 -24.52 -3.77 -22.01
N GLY D 89 -24.86 -4.83 -22.73
CA GLY D 89 -25.80 -4.75 -23.84
C GLY D 89 -25.19 -4.31 -25.17
N ALA D 90 -24.00 -3.72 -25.13
CA ALA D 90 -23.39 -3.11 -26.32
C ALA D 90 -22.97 -4.11 -27.40
N SER D 91 -22.89 -5.39 -27.02
CA SER D 91 -22.61 -6.46 -27.97
C SER D 91 -22.72 -7.76 -27.19
N TYR D 92 -23.74 -8.61 -27.34
CA TYR D 92 -24.99 -8.54 -28.14
C TYR D 92 -25.23 -7.73 -29.43
N ASP D 93 -25.44 -6.43 -29.32
CA ASP D 93 -25.88 -5.62 -30.45
C ASP D 93 -25.00 -5.76 -31.69
N LEU D 94 -23.72 -5.38 -31.60
CA LEU D 94 -22.84 -5.46 -32.77
C LEU D 94 -22.41 -6.89 -33.15
N VAL D 95 -22.62 -7.84 -32.25
CA VAL D 95 -22.28 -9.24 -32.50
C VAL D 95 -23.15 -9.84 -33.60
N ARG D 96 -24.45 -9.56 -33.56
CA ARG D 96 -25.39 -10.12 -34.54
C ARG D 96 -25.12 -9.54 -35.93
N GLU D 97 -24.71 -8.28 -35.98
CA GLU D 97 -24.37 -7.59 -37.23
C GLU D 97 -22.96 -7.94 -37.74
N LEU D 98 -22.37 -9.01 -37.19
CA LEU D 98 -21.14 -9.60 -37.71
C LEU D 98 -21.38 -11.04 -38.16
N LYS D 99 -20.48 -11.56 -39.00
CA LYS D 99 -20.50 -12.96 -39.38
C LYS D 99 -19.09 -13.43 -39.75
N GLY D 100 -18.85 -14.72 -39.58
CA GLY D 100 -17.55 -15.31 -39.84
C GLY D 100 -16.56 -14.98 -38.75
N VAL D 101 -17.05 -14.59 -37.57
CA VAL D 101 -16.16 -14.13 -36.50
C VAL D 101 -16.51 -14.82 -35.18
N LYS D 102 -15.54 -15.47 -34.56
CA LYS D 102 -15.71 -15.98 -33.21
C LYS D 102 -15.76 -14.77 -32.27
N ILE D 103 -16.63 -14.84 -31.27
CA ILE D 103 -16.76 -13.75 -30.29
C ILE D 103 -16.53 -14.27 -28.89
N ILE D 104 -15.72 -13.52 -28.16
CA ILE D 104 -15.49 -13.75 -26.74
C ILE D 104 -15.82 -12.43 -26.06
N ASP D 105 -16.95 -12.43 -25.39
CA ASP D 105 -17.46 -11.25 -24.72
C ASP D 105 -16.99 -11.28 -23.28
N LEU D 106 -16.24 -10.27 -22.89
CA LEU D 106 -15.81 -10.15 -21.49
C LEU D 106 -16.93 -9.67 -20.54
N GLY D 107 -18.00 -9.11 -21.10
CA GLY D 107 -19.18 -8.71 -20.34
C GLY D 107 -20.17 -9.84 -20.04
N ALA D 108 -21.40 -9.47 -19.68
CA ALA D 108 -22.40 -10.41 -19.18
C ALA D 108 -23.47 -10.77 -20.21
N ASP D 109 -23.35 -10.25 -21.42
CA ASP D 109 -24.37 -10.43 -22.46
C ASP D 109 -24.69 -11.90 -22.77
N PHE D 110 -23.64 -12.71 -22.88
CA PHE D 110 -23.76 -14.10 -23.31
C PHE D 110 -23.55 -15.17 -22.22
N ARG D 111 -23.40 -14.75 -20.97
CA ARG D 111 -23.15 -15.69 -19.89
C ARG D 111 -24.36 -16.51 -19.48
N PHE D 112 -25.55 -15.92 -19.67
CA PHE D 112 -26.76 -16.45 -19.07
C PHE D 112 -27.46 -17.42 -20.01
N ASP D 113 -27.90 -18.53 -19.47
CA ASP D 113 -28.70 -19.46 -20.24
C ASP D 113 -30.12 -18.89 -20.41
N ASP D 114 -30.71 -18.39 -19.32
CA ASP D 114 -32.04 -17.77 -19.37
C ASP D 114 -31.88 -16.25 -19.56
N PRO D 115 -32.19 -15.71 -20.74
CA PRO D 115 -32.04 -14.26 -20.97
C PRO D 115 -33.00 -13.37 -20.17
N GLY D 116 -34.03 -13.98 -19.58
CA GLY D 116 -34.91 -13.29 -18.64
C GLY D 116 -34.20 -12.95 -17.34
N VAL D 117 -33.25 -13.80 -16.97
CA VAL D 117 -32.38 -13.56 -15.83
C VAL D 117 -31.49 -12.37 -16.12
N TYR D 118 -30.94 -12.33 -17.33
CA TYR D 118 -30.15 -11.20 -17.72
C TYR D 118 -30.96 -9.90 -17.67
N ARG D 119 -32.20 -9.91 -18.12
CA ARG D 119 -32.94 -8.65 -18.23
C ARG D 119 -33.35 -8.10 -16.87
N GLU D 120 -33.68 -9.00 -15.94
CA GLU D 120 -34.04 -8.53 -14.61
C GLU D 120 -32.84 -7.94 -13.89
N TRP D 121 -31.66 -8.55 -14.07
CA TRP D 121 -30.43 -8.12 -13.37
C TRP D 121 -29.70 -7.00 -14.11
N TYR D 122 -29.63 -7.08 -15.43
CA TYR D 122 -28.89 -6.10 -16.24
C TYR D 122 -29.79 -5.06 -16.95
N GLY D 123 -31.11 -5.20 -16.79
CA GLY D 123 -32.06 -4.18 -17.23
C GLY D 123 -32.36 -4.10 -18.72
N LYS D 124 -31.99 -5.15 -19.47
CA LYS D 124 -32.08 -5.16 -20.93
C LYS D 124 -32.64 -6.48 -21.46
N GLU D 125 -33.71 -6.40 -22.25
CA GLU D 125 -34.31 -7.55 -22.91
C GLU D 125 -33.42 -7.95 -24.09
N LEU D 126 -33.02 -9.22 -24.14
CA LEU D 126 -32.17 -9.72 -25.24
C LEU D 126 -33.00 -10.52 -26.26
N SER D 127 -33.42 -9.85 -27.31
CA SER D 127 -34.32 -10.46 -28.31
C SER D 127 -33.50 -11.24 -29.35
N GLY D 128 -33.98 -12.43 -29.71
CA GLY D 128 -33.28 -13.31 -30.65
C GLY D 128 -32.21 -14.18 -30.01
N TYR D 129 -32.17 -14.16 -28.68
CA TYR D 129 -31.12 -14.84 -27.90
C TYR D 129 -31.04 -16.35 -28.15
N GLU D 130 -32.21 -16.97 -28.23
CA GLU D 130 -32.37 -18.43 -28.28
C GLU D 130 -31.66 -19.16 -29.43
N ASN D 131 -31.41 -18.46 -30.54
CA ASN D 131 -30.77 -19.09 -31.70
C ASN D 131 -29.29 -18.72 -31.86
N ILE D 132 -28.74 -18.02 -30.88
CA ILE D 132 -27.31 -17.74 -30.86
C ILE D 132 -26.61 -18.90 -30.15
N LYS D 133 -25.59 -19.46 -30.79
CA LYS D 133 -24.85 -20.57 -30.23
C LYS D 133 -23.83 -20.02 -29.23
N ARG D 134 -24.33 -19.65 -28.05
CA ARG D 134 -23.49 -19.08 -26.97
C ARG D 134 -23.28 -20.09 -25.85
N VAL D 135 -22.16 -19.96 -25.14
CA VAL D 135 -21.76 -20.87 -24.05
C VAL D 135 -21.05 -20.09 -22.93
N TYR D 136 -21.14 -20.57 -21.70
CA TYR D 136 -20.41 -19.96 -20.56
C TYR D 136 -18.94 -20.39 -20.59
N GLY D 137 -18.04 -19.41 -20.78
CA GLY D 137 -16.61 -19.64 -20.99
C GLY D 137 -15.75 -20.01 -19.78
N LEU D 138 -16.18 -21.03 -19.05
CA LEU D 138 -15.36 -21.67 -18.02
C LEU D 138 -14.79 -23.00 -18.55
N PRO D 139 -13.57 -22.99 -19.06
CA PRO D 139 -12.98 -24.21 -19.68
C PRO D 139 -12.98 -25.44 -18.77
N GLU D 140 -12.73 -25.26 -17.49
CA GLU D 140 -12.60 -26.38 -16.56
C GLU D 140 -13.90 -27.18 -16.39
N LEU D 141 -15.04 -26.57 -16.79
CA LEU D 141 -16.36 -27.24 -16.81
C LEU D 141 -16.99 -27.44 -18.21
N HIS D 142 -16.67 -26.58 -19.16
CA HIS D 142 -17.42 -26.49 -20.43
C HIS D 142 -16.57 -26.47 -21.69
N ARG D 143 -15.32 -26.87 -21.61
CA ARG D 143 -14.45 -26.84 -22.80
C ARG D 143 -15.00 -27.60 -24.01
N GLU D 144 -15.65 -28.72 -23.80
CA GLU D 144 -16.20 -29.48 -24.94
C GLU D 144 -17.29 -28.67 -25.66
N GLU D 145 -18.22 -28.09 -24.91
CA GLU D 145 -19.20 -27.16 -25.46
C GLU D 145 -18.51 -25.92 -26.09
N ILE D 146 -17.45 -25.41 -25.44
CA ILE D 146 -16.75 -24.21 -25.93
C ILE D 146 -16.07 -24.49 -27.27
N LYS D 147 -15.57 -25.71 -27.41
CA LYS D 147 -14.84 -26.16 -28.59
C LYS D 147 -15.57 -25.77 -29.89
N ASN D 148 -16.89 -25.92 -29.86
CA ASN D 148 -17.72 -25.68 -31.03
C ASN D 148 -18.67 -24.48 -30.92
N ALA D 149 -18.46 -23.63 -29.93
CA ALA D 149 -19.24 -22.39 -29.81
C ALA D 149 -18.75 -21.39 -30.86
N GLN D 150 -19.64 -20.48 -31.27
CA GLN D 150 -19.23 -19.30 -32.05
C GLN D 150 -19.24 -18.04 -31.17
N VAL D 151 -19.93 -18.13 -30.03
CA VAL D 151 -19.98 -17.04 -29.03
C VAL D 151 -19.76 -17.59 -27.62
N VAL D 152 -18.84 -16.95 -26.89
CA VAL D 152 -18.56 -17.29 -25.49
C VAL D 152 -18.88 -16.07 -24.64
N GLY D 153 -19.65 -16.27 -23.58
CA GLY D 153 -19.79 -15.26 -22.53
C GLY D 153 -18.67 -15.57 -21.56
N ASN D 154 -17.62 -14.76 -21.59
CA ASN D 154 -16.50 -14.93 -20.64
C ASN D 154 -17.00 -14.65 -19.22
N PRO D 155 -16.76 -15.59 -18.31
CA PRO D 155 -17.31 -15.51 -16.95
C PRO D 155 -16.83 -14.31 -16.15
N GLY D 156 -17.67 -13.80 -15.25
CA GLY D 156 -17.22 -12.70 -14.33
C GLY D 156 -16.13 -13.22 -13.44
N CYS D 157 -15.38 -12.31 -12.81
CA CYS D 157 -14.22 -12.68 -11.96
C CYS D 157 -14.62 -13.40 -10.69
N TYR D 158 -15.62 -12.90 -9.96
CA TYR D 158 -16.02 -13.56 -8.71
C TYR D 158 -16.58 -14.98 -8.96
N PRO D 159 -17.47 -15.18 -9.94
CA PRO D 159 -17.93 -16.53 -10.28
C PRO D 159 -16.83 -17.50 -10.64
N THR D 160 -15.86 -17.02 -11.40
CA THR D 160 -14.69 -17.84 -11.70
C THR D 160 -14.04 -18.42 -10.43
N SER D 161 -13.76 -17.59 -9.43
CA SER D 161 -13.16 -18.09 -8.21
C SER D 161 -14.12 -19.03 -7.46
N VAL D 162 -15.42 -18.70 -7.44
CA VAL D 162 -16.38 -19.41 -6.58
C VAL D 162 -16.70 -20.81 -7.14
N ILE D 163 -16.92 -20.86 -8.45
CA ILE D 163 -17.20 -22.12 -9.11
C ILE D 163 -16.03 -23.11 -9.08
N LEU D 164 -14.81 -22.64 -9.27
CA LEU D 164 -13.66 -23.57 -9.24
C LEU D 164 -13.40 -24.07 -7.78
N ALA D 165 -13.70 -23.23 -6.80
CA ALA D 165 -13.58 -23.64 -5.40
C ALA D 165 -14.55 -24.75 -5.04
N LEU D 166 -15.72 -24.73 -5.66
CA LEU D 166 -16.82 -25.66 -5.28
C LEU D 166 -17.01 -26.89 -6.15
N ALA D 167 -16.49 -26.86 -7.37
CA ALA D 167 -16.83 -27.91 -8.35
C ALA D 167 -16.68 -29.35 -7.88
N PRO D 168 -15.55 -29.74 -7.33
CA PRO D 168 -15.39 -31.13 -6.90
C PRO D 168 -16.35 -31.50 -5.74
N ALA D 169 -16.58 -30.55 -4.85
CA ALA D 169 -17.48 -30.79 -3.74
C ALA D 169 -18.90 -30.99 -4.19
N LEU D 170 -19.31 -30.21 -5.18
CA LEU D 170 -20.69 -30.34 -5.68
C LEU D 170 -20.84 -31.54 -6.59
N LYS D 171 -19.88 -31.74 -7.47
CA LYS D 171 -19.90 -32.88 -8.36
C LYS D 171 -19.97 -34.22 -7.64
N HIS D 172 -19.23 -34.37 -6.56
CA HIS D 172 -19.16 -35.65 -5.88
C HIS D 172 -20.09 -35.75 -4.66
N ASN D 173 -21.14 -34.91 -4.64
CA ASN D 173 -22.09 -34.91 -3.50
C ASN D 173 -21.41 -34.93 -2.16
N LEU D 174 -20.44 -34.05 -1.94
CA LEU D 174 -19.65 -34.11 -0.74
C LEU D 174 -20.09 -33.07 0.28
N VAL D 175 -21.02 -32.20 -0.08
CA VAL D 175 -21.49 -31.13 0.79
C VAL D 175 -22.98 -30.92 0.59
N ASP D 176 -23.64 -30.39 1.62
CA ASP D 176 -25.03 -29.96 1.52
C ASP D 176 -25.03 -28.70 0.64
N PRO D 177 -25.54 -28.85 -0.59
CA PRO D 177 -25.49 -27.77 -1.56
C PRO D 177 -26.60 -26.77 -1.29
N GLU D 178 -27.49 -27.10 -0.36
CA GLU D 178 -28.71 -26.34 -0.22
C GLU D 178 -28.40 -24.90 0.02
N THR D 179 -27.48 -24.62 0.95
CA THR D 179 -27.11 -23.27 1.29
C THR D 179 -25.59 -23.14 1.40
N ILE D 180 -25.04 -22.24 0.58
CA ILE D 180 -23.60 -21.98 0.44
C ILE D 180 -23.34 -20.48 0.74
N LEU D 181 -22.38 -20.18 1.58
CA LEU D 181 -22.10 -18.77 1.90
C LEU D 181 -20.71 -18.41 1.39
N VAL D 182 -20.64 -17.26 0.72
CA VAL D 182 -19.42 -16.76 0.03
C VAL D 182 -19.09 -15.35 0.48
N ASP D 183 -17.96 -15.22 1.17
CA ASP D 183 -17.46 -13.93 1.64
C ASP D 183 -16.25 -13.67 0.74
N ALA D 184 -16.38 -12.72 -0.17
CA ALA D 184 -15.34 -12.53 -1.22
C ALA D 184 -14.61 -11.22 -1.00
N LYS D 185 -13.34 -11.21 -1.39
CA LYS D 185 -12.47 -10.05 -1.17
C LYS D 185 -11.76 -9.75 -2.52
N SER D 186 -11.79 -8.51 -2.97
CA SER D 186 -11.17 -8.16 -4.24
C SER D 186 -10.36 -6.88 -4.17
N GLY D 187 -9.24 -6.88 -4.90
CA GLY D 187 -8.54 -5.68 -5.27
C GLY D 187 -9.39 -4.71 -6.07
N VAL D 188 -8.96 -3.46 -6.12
CA VAL D 188 -9.78 -2.37 -6.63
C VAL D 188 -10.10 -2.56 -8.11
N SER D 189 -9.21 -3.20 -8.85
CA SER D 189 -9.38 -3.34 -10.29
C SER D 189 -10.55 -4.26 -10.61
N GLY D 190 -10.93 -5.13 -9.66
CA GLY D 190 -12.06 -6.05 -9.83
C GLY D 190 -13.44 -5.40 -9.79
N GLU D 195 -13.22 4.53 -10.95
CA GLU D 195 -14.21 5.34 -11.66
C GLU D 195 -14.51 6.67 -10.98
N LYS D 196 -15.43 6.65 -10.02
CA LYS D 196 -15.87 7.86 -9.29
C LYS D 196 -14.97 8.26 -8.12
N VAL D 197 -15.45 9.22 -7.32
CA VAL D 197 -14.72 9.79 -6.16
C VAL D 197 -14.27 8.75 -5.10
N ASP D 198 -15.06 7.69 -4.89
CA ASP D 198 -14.71 6.66 -3.91
C ASP D 198 -13.76 5.57 -4.47
N TYR D 199 -13.25 5.77 -5.69
CA TYR D 199 -12.23 4.90 -6.29
C TYR D 199 -10.92 5.61 -6.42
N LEU D 200 -10.86 6.78 -5.81
CA LEU D 200 -9.66 7.56 -5.73
C LEU D 200 -8.71 6.90 -4.75
N PHE D 201 -7.42 7.07 -5.01
CA PHE D 201 -6.39 6.52 -4.15
C PHE D 201 -6.57 6.86 -2.68
N SER D 202 -6.73 8.14 -2.36
CA SER D 202 -6.80 8.60 -0.98
C SER D 202 -8.05 8.09 -0.25
N GLU D 203 -9.10 7.81 -1.01
CA GLU D 203 -10.32 7.26 -0.44
C GLU D 203 -10.17 5.80 -0.11
N VAL D 204 -9.59 5.04 -1.02
CA VAL D 204 -9.53 3.59 -0.88
C VAL D 204 -8.33 3.11 -0.07
N ASN D 205 -7.19 3.76 -0.27
CA ASN D 205 -5.96 3.34 0.41
C ASN D 205 -6.16 3.16 1.91
N GLU D 206 -5.63 2.05 2.41
CA GLU D 206 -5.52 1.76 3.85
C GLU D 206 -6.90 1.54 4.48
N SER D 207 -7.83 1.07 3.67
CA SER D 207 -9.21 0.89 4.08
C SER D 207 -9.78 -0.33 3.41
N LEU D 208 -10.69 -1.03 4.11
CA LEU D 208 -11.42 -2.14 3.55
C LEU D 208 -12.91 -1.87 3.82
N ARG D 209 -13.75 -2.20 2.83
CA ARG D 209 -15.20 -2.02 2.96
C ARG D 209 -15.97 -3.09 2.23
N PRO D 210 -17.10 -3.53 2.80
CA PRO D 210 -18.06 -4.30 2.02
C PRO D 210 -18.77 -3.35 1.07
N TYR D 211 -19.28 -3.94 0.01
CA TYR D 211 -20.12 -3.24 -0.96
C TYR D 211 -21.15 -4.17 -1.58
N ASN D 212 -22.26 -3.61 -2.11
CA ASN D 212 -23.28 -4.43 -2.78
C ASN D 212 -23.61 -5.71 -2.03
N VAL D 213 -23.86 -5.59 -0.76
CA VAL D 213 -24.05 -6.73 0.12
C VAL D 213 -25.35 -7.43 -0.24
N ALA D 214 -25.29 -8.76 -0.36
CA ALA D 214 -26.41 -9.59 -0.72
C ALA D 214 -26.87 -9.37 -2.21
N LYS D 215 -27.04 -8.10 -2.63
CA LYS D 215 -27.45 -7.73 -4.00
C LYS D 215 -26.30 -7.51 -5.02
N HIS D 216 -25.81 -8.58 -5.63
CA HIS D 216 -24.76 -8.46 -6.63
C HIS D 216 -25.12 -9.29 -7.87
N ARG D 217 -24.92 -8.71 -9.04
CA ARG D 217 -25.19 -9.37 -10.35
C ARG D 217 -24.49 -10.72 -10.61
N HIS D 218 -23.41 -11.01 -9.89
CA HIS D 218 -22.68 -12.25 -10.13
C HIS D 218 -23.35 -13.43 -9.41
N VAL D 219 -24.23 -13.14 -8.46
CA VAL D 219 -24.93 -14.19 -7.71
C VAL D 219 -25.76 -15.13 -8.64
N PRO D 220 -26.66 -14.57 -9.46
CA PRO D 220 -27.44 -15.42 -10.38
C PRO D 220 -26.56 -16.22 -11.32
N GLU D 221 -25.43 -15.64 -11.72
CA GLU D 221 -24.46 -16.34 -12.56
C GLU D 221 -23.82 -17.57 -11.86
N MSE D 222 -23.52 -17.46 -10.57
CA MSE D 222 -22.94 -18.59 -9.80
C MSE D 222 -23.94 -19.68 -9.56
O MSE D 222 -23.62 -20.85 -9.62
CB MSE D 222 -22.48 -18.15 -8.40
CG MSE D 222 -21.34 -17.20 -8.37
SE MSE D 222 -21.24 -16.23 -6.61
CE MSE D 222 -19.97 -14.94 -7.23
N GLU D 223 -25.16 -19.27 -9.22
CA GLU D 223 -26.22 -20.21 -8.87
C GLU D 223 -26.56 -21.06 -10.08
N GLN D 224 -26.50 -20.44 -11.29
CA GLN D 224 -26.63 -21.14 -12.58
C GLN D 224 -25.61 -22.27 -12.69
N GLU D 225 -24.35 -21.95 -12.46
CA GLU D 225 -23.30 -22.93 -12.73
C GLU D 225 -23.14 -23.98 -11.62
N LEU D 226 -23.27 -23.56 -10.37
CA LEU D 226 -23.20 -24.50 -9.25
C LEU D 226 -24.36 -25.54 -9.29
N GLY D 227 -25.55 -25.09 -9.68
CA GLY D 227 -26.69 -26.00 -9.72
C GLY D 227 -26.45 -27.11 -10.72
N LYS D 228 -25.90 -26.76 -11.87
CA LYS D 228 -25.58 -27.72 -12.91
C LYS D 228 -24.67 -28.86 -12.44
N ILE D 229 -23.68 -28.51 -11.63
CA ILE D 229 -22.69 -29.45 -11.17
C ILE D 229 -23.21 -30.41 -10.10
N SER D 230 -23.98 -29.85 -9.16
CA SER D 230 -24.58 -30.63 -8.08
C SER D 230 -25.76 -31.49 -8.55
N GLY D 231 -26.43 -31.09 -9.64
CA GLY D 231 -27.72 -31.66 -10.00
C GLY D 231 -28.82 -31.38 -8.99
N LYS D 232 -28.62 -30.36 -8.15
CA LYS D 232 -29.54 -29.96 -7.08
C LYS D 232 -29.49 -28.43 -6.93
N LYS D 233 -30.63 -27.82 -6.58
CA LYS D 233 -30.72 -26.35 -6.45
C LYS D 233 -29.72 -25.85 -5.41
N VAL D 234 -29.03 -24.76 -5.74
CA VAL D 234 -28.03 -24.12 -4.88
C VAL D 234 -28.42 -22.68 -4.57
N ASN D 235 -28.49 -22.36 -3.29
CA ASN D 235 -28.69 -20.98 -2.86
C ASN D 235 -27.39 -20.41 -2.34
N VAL D 236 -26.97 -19.27 -2.91
CA VAL D 236 -25.74 -18.57 -2.51
C VAL D 236 -26.00 -17.27 -1.77
N VAL D 237 -25.44 -17.12 -0.56
CA VAL D 237 -25.34 -15.85 0.09
C VAL D 237 -23.93 -15.36 -0.29
N PHE D 238 -23.86 -14.18 -0.89
CA PHE D 238 -22.58 -13.63 -1.40
C PHE D 238 -22.37 -12.22 -0.88
N THR D 239 -21.23 -11.99 -0.23
CA THR D 239 -20.86 -10.65 0.26
C THR D 239 -19.43 -10.27 -0.24
N PRO D 240 -19.30 -9.28 -1.14
CA PRO D 240 -17.98 -8.82 -1.57
C PRO D 240 -17.44 -7.63 -0.77
N HIS D 241 -16.11 -7.53 -0.79
CA HIS D 241 -15.38 -6.54 -0.06
C HIS D 241 -14.27 -5.96 -0.93
N LEU D 242 -14.11 -4.64 -0.88
CA LEU D 242 -13.05 -3.93 -1.61
C LEU D 242 -11.82 -3.87 -0.72
N VAL D 243 -10.73 -4.43 -1.21
CA VAL D 243 -9.42 -4.53 -0.48
C VAL D 243 -8.43 -3.51 -1.08
N PRO D 244 -7.60 -2.86 -0.25
CA PRO D 244 -6.69 -1.83 -0.73
C PRO D 244 -5.45 -2.43 -1.38
N MSE D 245 -5.68 -3.12 -2.49
CA MSE D 245 -4.63 -3.58 -3.36
C MSE D 245 -5.15 -3.53 -4.79
O MSE D 245 -6.36 -3.49 -5.02
CB MSE D 245 -4.22 -4.99 -2.99
CG MSE D 245 -5.33 -6.08 -3.16
SE MSE D 245 -4.88 -7.78 -2.31
CE MSE D 245 -6.50 -8.86 -2.90
N THR D 246 -4.26 -3.58 -5.77
CA THR D 246 -4.70 -3.44 -7.16
C THR D 246 -5.51 -4.61 -7.69
N ARG D 247 -5.03 -5.83 -7.47
CA ARG D 247 -5.59 -7.04 -8.06
C ARG D 247 -5.59 -8.22 -7.08
N GLY D 248 -6.32 -9.26 -7.45
CA GLY D 248 -6.43 -10.51 -6.70
C GLY D 248 -7.83 -10.62 -6.12
N ILE D 249 -8.39 -11.82 -6.21
CA ILE D 249 -9.64 -12.18 -5.55
C ILE D 249 -9.38 -13.35 -4.62
N LEU D 250 -9.91 -13.26 -3.40
CA LEU D 250 -9.97 -14.39 -2.50
C LEU D 250 -11.45 -14.61 -2.16
N SER D 251 -11.91 -15.81 -2.45
CA SER D 251 -13.26 -16.20 -2.06
C SER D 251 -13.16 -17.22 -0.93
N THR D 252 -13.79 -16.88 0.20
CA THR D 252 -13.92 -17.77 1.34
C THR D 252 -15.36 -18.34 1.39
N ILE D 253 -15.46 -19.65 1.26
CA ILE D 253 -16.75 -20.32 1.07
C ILE D 253 -17.05 -21.24 2.25
N TYR D 254 -18.27 -21.11 2.80
CA TYR D 254 -18.72 -21.90 3.94
C TYR D 254 -19.88 -22.78 3.50
N VAL D 255 -19.79 -24.08 3.78
CA VAL D 255 -20.83 -25.05 3.36
C VAL D 255 -20.84 -26.21 4.37
N LYS D 256 -22.03 -26.66 4.80
CA LYS D 256 -22.12 -27.81 5.71
C LYS D 256 -21.70 -29.08 4.96
N THR D 257 -21.05 -30.01 5.68
CA THR D 257 -20.66 -31.34 5.13
C THR D 257 -20.70 -32.45 6.20
N ASP D 258 -20.97 -33.68 5.74
CA ASP D 258 -20.85 -34.85 6.59
C ASP D 258 -19.64 -35.72 6.19
N LYS D 259 -18.73 -35.16 5.39
CA LYS D 259 -17.55 -35.89 4.91
C LYS D 259 -16.33 -35.42 5.68
N SER D 260 -15.27 -36.23 5.70
CA SER D 260 -14.07 -35.81 6.42
C SER D 260 -13.27 -34.84 5.55
N LEU D 261 -12.45 -34.00 6.17
CA LEU D 261 -11.65 -33.09 5.38
C LEU D 261 -10.71 -33.86 4.47
N GLU D 262 -10.15 -34.95 4.99
CA GLU D 262 -9.30 -35.87 4.22
C GLU D 262 -9.95 -36.34 2.92
N GLU D 263 -11.23 -36.73 2.99
CA GLU D 263 -11.93 -37.23 1.78
C GLU D 263 -12.17 -36.14 0.81
N ILE D 264 -12.54 -34.97 1.32
CA ILE D 264 -12.77 -33.82 0.45
C ILE D 264 -11.48 -33.43 -0.30
N HIS D 265 -10.36 -33.38 0.42
CA HIS D 265 -9.04 -33.09 -0.17
C HIS D 265 -8.66 -34.10 -1.26
N GLU D 266 -8.78 -35.37 -0.96
CA GLU D 266 -8.60 -36.42 -2.00
C GLU D 266 -9.47 -36.17 -3.24
N ALA D 267 -10.75 -35.90 -3.05
CA ALA D 267 -11.64 -35.62 -4.21
C ALA D 267 -11.18 -34.39 -5.04
N TYR D 268 -10.63 -33.41 -4.35
CA TYR D 268 -10.20 -32.17 -5.00
C TYR D 268 -8.94 -32.45 -5.80
N LEU D 269 -7.99 -33.16 -5.18
CA LEU D 269 -6.80 -33.62 -5.92
C LEU D 269 -7.16 -34.43 -7.17
N GLU D 270 -8.14 -35.34 -7.07
CA GLU D 270 -8.55 -36.12 -8.23
C GLU D 270 -9.19 -35.26 -9.31
N PHE D 271 -10.17 -34.44 -8.92
CA PHE D 271 -10.93 -33.64 -9.91
C PHE D 271 -10.01 -32.67 -10.69
N TYR D 272 -8.96 -32.17 -10.04
CA TYR D 272 -8.08 -31.16 -10.65
C TYR D 272 -6.70 -31.71 -11.07
N LYS D 273 -6.53 -33.04 -11.11
CA LYS D 273 -5.19 -33.58 -11.36
C LYS D 273 -4.63 -33.25 -12.73
N ASN D 274 -5.51 -33.04 -13.71
CA ASN D 274 -5.11 -32.82 -15.09
C ASN D 274 -5.42 -31.40 -15.57
N GLU D 275 -5.67 -30.50 -14.63
CA GLU D 275 -6.07 -29.14 -14.96
C GLU D 275 -4.89 -28.25 -14.72
N PRO D 276 -4.26 -27.75 -15.78
CA PRO D 276 -2.98 -27.03 -15.63
C PRO D 276 -3.03 -25.72 -14.84
N PHE D 277 -4.19 -25.09 -14.78
CA PHE D 277 -4.32 -23.81 -14.08
C PHE D 277 -4.91 -23.91 -12.69
N VAL D 278 -5.23 -25.10 -12.22
CA VAL D 278 -5.86 -25.21 -10.90
C VAL D 278 -5.04 -26.08 -9.97
N HIS D 279 -4.64 -25.48 -8.83
CA HIS D 279 -3.69 -26.07 -7.91
C HIS D 279 -4.30 -26.21 -6.51
N VAL D 280 -4.49 -27.48 -6.11
CA VAL D 280 -5.03 -27.77 -4.79
C VAL D 280 -3.85 -27.84 -3.83
N LEU D 281 -3.88 -27.00 -2.82
CA LEU D 281 -2.77 -26.94 -1.88
C LEU D 281 -2.83 -28.03 -0.84
N PRO D 282 -1.67 -28.40 -0.28
CA PRO D 282 -1.63 -29.31 0.84
C PRO D 282 -2.53 -28.89 1.98
N MSE D 283 -2.95 -29.86 2.77
CA MSE D 283 -3.86 -29.57 3.88
C MSE D 283 -3.15 -28.72 4.90
O MSE D 283 -1.98 -28.91 5.18
CB MSE D 283 -4.41 -30.83 4.53
CG MSE D 283 -5.80 -31.20 4.04
SE MSE D 283 -6.12 -33.08 4.39
CE MSE D 283 -6.62 -32.99 6.27
N GLY D 284 -3.89 -27.74 5.42
CA GLY D 284 -3.34 -26.79 6.34
C GLY D 284 -2.84 -25.53 5.68
N ILE D 285 -2.71 -25.52 4.36
CA ILE D 285 -2.09 -24.38 3.66
C ILE D 285 -3.18 -23.55 2.98
N TYR D 286 -3.18 -22.23 3.20
CA TYR D 286 -4.24 -21.39 2.65
C TYR D 286 -3.65 -20.45 1.60
N PRO D 287 -4.41 -20.11 0.56
CA PRO D 287 -3.83 -19.35 -0.57
C PRO D 287 -3.59 -17.86 -0.24
N SER D 288 -2.48 -17.29 -0.73
CA SER D 288 -2.31 -15.85 -0.78
C SER D 288 -2.68 -15.38 -2.20
N THR D 289 -3.44 -14.27 -2.31
CA THR D 289 -3.87 -13.78 -3.61
C THR D 289 -2.69 -13.49 -4.51
N LYS D 290 -1.57 -13.02 -3.95
CA LYS D 290 -0.44 -12.58 -4.78
C LYS D 290 0.29 -13.77 -5.41
N TRP D 291 0.06 -14.97 -4.87
CA TRP D 291 0.56 -16.22 -5.51
C TRP D 291 0.08 -16.42 -6.94
N CYS D 292 -1.01 -15.74 -7.35
CA CYS D 292 -1.52 -15.80 -8.73
C CYS D 292 -1.04 -14.71 -9.68
N TYR D 293 -0.34 -13.73 -9.12
CA TYR D 293 -0.16 -12.40 -9.73
C TYR D 293 0.29 -12.44 -11.17
N GLY D 294 -0.50 -11.83 -12.03
CA GLY D 294 -0.20 -11.71 -13.44
C GLY D 294 -0.31 -12.98 -14.25
N SER D 295 -0.92 -14.03 -13.68
CA SER D 295 -0.93 -15.37 -14.25
C SER D 295 -2.34 -15.93 -14.32
N ASN D 296 -2.50 -17.06 -15.04
CA ASN D 296 -3.80 -17.69 -15.24
C ASN D 296 -4.07 -18.78 -14.21
N HIS D 297 -3.25 -18.83 -13.15
CA HIS D 297 -3.29 -19.92 -12.15
C HIS D 297 -4.16 -19.66 -10.93
N VAL D 298 -4.72 -20.77 -10.41
CA VAL D 298 -5.70 -20.75 -9.33
C VAL D 298 -5.19 -21.59 -8.16
N PHE D 299 -5.34 -21.09 -6.92
CA PHE D 299 -4.92 -21.85 -5.74
C PHE D 299 -6.14 -22.08 -4.87
N ILE D 300 -6.35 -23.34 -4.47
CA ILE D 300 -7.44 -23.73 -3.56
C ILE D 300 -6.90 -24.35 -2.27
N GLY D 301 -7.34 -23.83 -1.14
CA GLY D 301 -7.15 -24.48 0.15
C GLY D 301 -8.48 -24.69 0.84
N MSE D 302 -8.41 -25.33 2.01
CA MSE D 302 -9.60 -25.73 2.73
C MSE D 302 -9.30 -26.08 4.19
O MSE D 302 -8.18 -26.50 4.55
CB MSE D 302 -10.26 -26.92 2.07
CG MSE D 302 -9.35 -28.14 2.09
SE MSE D 302 -10.08 -29.72 1.16
CE MSE D 302 -10.20 -29.14 -0.72
N GLN D 303 -10.31 -25.90 5.03
CA GLN D 303 -10.26 -26.37 6.40
C GLN D 303 -11.66 -26.80 6.87
N MSE D 304 -11.70 -27.53 7.96
CA MSE D 304 -12.96 -27.94 8.57
C MSE D 304 -13.09 -27.29 9.96
O MSE D 304 -12.11 -27.25 10.71
CB MSE D 304 -12.94 -29.46 8.69
CG MSE D 304 -14.20 -30.06 9.24
SE MSE D 304 -15.56 -30.17 7.84
CE MSE D 304 -14.69 -31.64 6.91
N GLU D 305 -14.28 -26.76 10.26
CA GLU D 305 -14.67 -26.50 11.65
C GLU D 305 -15.48 -27.72 12.12
N GLU D 306 -14.86 -28.50 12.97
CA GLU D 306 -15.32 -29.84 13.29
C GLU D 306 -16.59 -29.85 14.14
N ARG D 307 -16.68 -28.97 15.11
CA ARG D 307 -17.90 -28.96 15.93
C ARG D 307 -19.18 -28.75 15.11
N THR D 308 -19.16 -27.88 14.10
CA THR D 308 -20.35 -27.51 13.33
C THR D 308 -20.45 -28.23 11.97
N ASN D 309 -19.46 -29.06 11.67
CA ASN D 309 -19.31 -29.63 10.37
C ASN D 309 -19.41 -28.63 9.21
N THR D 310 -18.61 -27.57 9.30
CA THR D 310 -18.57 -26.53 8.29
C THR D 310 -17.27 -26.63 7.53
N LEU D 311 -17.37 -26.85 6.23
CA LEU D 311 -16.24 -26.80 5.31
C LEU D 311 -15.97 -25.34 4.95
N ILE D 312 -14.70 -24.95 5.04
CA ILE D 312 -14.27 -23.68 4.57
C ILE D 312 -13.38 -23.93 3.36
N LEU D 313 -13.81 -23.46 2.19
CA LEU D 313 -13.00 -23.52 0.97
C LEU D 313 -12.49 -22.15 0.65
N MSE D 314 -11.26 -22.06 0.17
CA MSE D 314 -10.65 -20.76 -0.13
C MSE D 314 -9.99 -20.84 -1.51
O MSE D 314 -9.11 -21.64 -1.70
CB MSE D 314 -9.61 -20.39 0.93
CG MSE D 314 -10.17 -20.11 2.28
SE MSE D 314 -9.14 -20.59 3.84
CE MSE D 314 -9.36 -22.56 3.77
N SER D 315 -10.43 -20.00 -2.45
CA SER D 315 -9.80 -19.90 -3.77
C SER D 315 -9.31 -18.48 -4.01
N ALA D 316 -8.14 -18.39 -4.63
CA ALA D 316 -7.47 -17.15 -5.02
C ALA D 316 -7.24 -17.11 -6.54
N ILE D 317 -7.64 -16.03 -7.20
CA ILE D 317 -7.28 -15.80 -8.62
C ILE D 317 -6.73 -14.39 -8.79
N ASP D 318 -6.00 -14.17 -9.89
CA ASP D 318 -5.80 -12.85 -10.44
C ASP D 318 -7.08 -12.45 -11.22
N ASN D 319 -7.79 -11.42 -10.74
CA ASN D 319 -9.07 -11.02 -11.34
C ASN D 319 -8.99 -10.51 -12.77
N LEU D 320 -7.80 -10.08 -13.18
CA LEU D 320 -7.59 -9.45 -14.46
C LEU D 320 -7.12 -10.52 -15.46
N VAL D 321 -6.59 -11.64 -14.96
CA VAL D 321 -6.07 -12.68 -15.85
C VAL D 321 -7.07 -13.83 -15.85
N LYS D 322 -7.01 -14.77 -14.89
CA LYS D 322 -7.98 -15.89 -14.88
C LYS D 322 -9.38 -15.39 -14.63
N GLY D 323 -9.51 -14.29 -13.92
CA GLY D 323 -10.82 -13.66 -13.72
C GLY D 323 -11.35 -12.91 -14.92
N ALA D 324 -10.47 -12.59 -15.87
CA ALA D 324 -10.91 -11.89 -17.08
C ALA D 324 -10.10 -12.28 -18.33
N SER D 325 -9.07 -11.51 -18.64
CA SER D 325 -8.43 -11.61 -19.96
C SER D 325 -7.69 -12.92 -20.28
N GLY D 326 -7.13 -13.59 -19.26
CA GLY D 326 -6.45 -14.88 -19.45
C GLY D 326 -7.43 -16.01 -19.70
N GLN D 327 -8.54 -16.01 -18.94
CA GLN D 327 -9.58 -17.00 -19.20
C GLN D 327 -10.07 -16.81 -20.65
N ALA D 328 -10.18 -15.55 -21.07
CA ALA D 328 -10.62 -15.24 -22.44
C ALA D 328 -9.68 -15.87 -23.46
N VAL D 329 -8.37 -15.74 -23.27
CA VAL D 329 -7.40 -16.37 -24.19
C VAL D 329 -7.42 -17.89 -24.13
N GLN D 330 -7.62 -18.44 -22.94
CA GLN D 330 -7.81 -19.87 -22.75
C GLN D 330 -9.00 -20.35 -23.62
N ASN D 331 -10.08 -19.56 -23.61
CA ASN D 331 -11.25 -19.83 -24.45
C ASN D 331 -10.96 -19.69 -25.93
N MSE D 332 -10.21 -18.68 -26.32
CA MSE D 332 -9.77 -18.60 -27.72
C MSE D 332 -9.04 -19.88 -28.14
O MSE D 332 -9.31 -20.43 -29.23
CB MSE D 332 -8.85 -17.40 -27.92
CG MSE D 332 -8.50 -17.10 -29.35
SE MSE D 332 -6.98 -15.91 -29.48
CE MSE D 332 -5.44 -17.17 -28.99
N ASN D 333 -8.10 -20.33 -27.33
CA ASN D 333 -7.32 -21.54 -27.63
C ASN D 333 -8.22 -22.73 -27.91
N ILE D 334 -9.26 -22.88 -27.08
CA ILE D 334 -10.17 -24.03 -27.18
C ILE D 334 -10.97 -23.98 -28.49
N MSE D 335 -11.52 -22.78 -28.77
CA MSE D 335 -12.28 -22.49 -29.99
C MSE D 335 -11.48 -22.75 -31.25
O MSE D 335 -12.09 -23.02 -32.29
CB MSE D 335 -12.75 -21.03 -30.00
CG MSE D 335 -13.84 -20.75 -28.99
SE MSE D 335 -14.26 -18.84 -28.75
CE MSE D 335 -15.93 -18.78 -29.85
N PHE D 336 -10.16 -22.66 -31.17
CA PHE D 336 -9.29 -22.81 -32.34
C PHE D 336 -8.40 -24.05 -32.31
N GLY D 337 -8.69 -25.01 -31.43
CA GLY D 337 -7.97 -26.28 -31.42
C GLY D 337 -6.53 -26.16 -31.02
N LEU D 338 -6.20 -25.12 -30.24
CA LEU D 338 -4.85 -24.95 -29.75
C LEU D 338 -4.78 -25.55 -28.36
N ASP D 339 -3.57 -25.93 -27.95
CA ASP D 339 -3.31 -26.37 -26.57
C ASP D 339 -3.84 -25.27 -25.67
N GLU D 340 -4.52 -25.67 -24.61
CA GLU D 340 -5.25 -24.72 -23.82
C GLU D 340 -4.30 -23.73 -23.14
N THR D 341 -3.06 -24.15 -22.93
CA THR D 341 -2.02 -23.33 -22.29
C THR D 341 -1.27 -22.39 -23.24
N LYS D 342 -1.55 -22.41 -24.54
CA LYS D 342 -0.80 -21.55 -25.45
C LYS D 342 -0.92 -20.07 -25.09
N GLY D 343 0.21 -19.41 -24.97
CA GLY D 343 0.26 -18.04 -24.53
C GLY D 343 -0.03 -17.87 -23.05
N LEU D 344 -0.19 -18.96 -22.30
CA LEU D 344 -0.56 -18.86 -20.88
C LEU D 344 0.35 -19.66 -19.96
N GLU D 345 1.55 -20.01 -20.43
CA GLU D 345 2.43 -20.96 -19.72
C GLU D 345 3.25 -20.33 -18.58
N PHE D 346 3.23 -19.02 -18.50
CA PHE D 346 4.11 -18.30 -17.64
C PHE D 346 3.60 -18.40 -16.19
N THR D 347 4.52 -18.25 -15.25
CA THR D 347 4.21 -18.37 -13.85
C THR D 347 4.00 -17.01 -13.19
N PRO D 348 3.42 -17.02 -11.99
CA PRO D 348 3.19 -15.80 -11.27
C PRO D 348 4.45 -14.99 -11.02
N ILE D 349 4.25 -13.68 -10.98
CA ILE D 349 5.32 -12.75 -10.75
C ILE D 349 5.32 -12.58 -9.23
N TYR D 350 6.43 -12.85 -8.55
CA TYR D 350 6.46 -12.78 -7.08
C TYR D 350 7.82 -12.28 -6.62
N PRO D 351 7.94 -11.35 -5.66
CA PRO D 351 6.86 -10.77 -4.86
C PRO D 351 6.13 -9.60 -5.50
#